data_5QGL
# 
_entry.id   5QGL 
# 
_audit_conform.dict_name       mmcif_pdbx.dic 
_audit_conform.dict_version    5.381 
_audit_conform.dict_location   http://mmcif.pdb.org/dictionaries/ascii/mmcif_pdbx.dic 
# 
loop_
_database_2.database_id 
_database_2.database_code 
_database_2.pdbx_database_accession 
_database_2.pdbx_DOI 
PDB   5QGL         pdb_00005qgl 10.2210/pdb5qgl/pdb 
WWPDB D_1001401922 ?            ?                   
# 
_pdbx_database_status.entry_id                        5QGL 
_pdbx_database_status.status_code                     REL 
_pdbx_database_status.status_code_sf                  REL 
_pdbx_database_status.status_code_mr                  ? 
_pdbx_database_status.status_code_cs                  ? 
_pdbx_database_status.recvd_initial_deposition_date   2018-05-15 
_pdbx_database_status.deposit_site                    RCSB 
_pdbx_database_status.process_site                    RCSB 
_pdbx_database_status.SG_entry                        ? 
_pdbx_database_status.pdb_format_compatible           Y 
_pdbx_database_status.methods_development_category    ? 
_pdbx_database_status.status_code_nmr_data            ? 
# 
loop_
_audit_author.name 
_audit_author.pdbx_ordinal 
_audit_author.identifier_ORCID 
'Krojer, T.'         1  ? 
'Talon, R.'          2  ? 
'Fairhead, M.'       3  ? 
'Diaz Saez, L.'      4  ? 
'Bradley, A.R.'      5  ? 
'Aimon, A.'          6  ? 
'Collins, P.'        7  ? 
'Brandao-Neto, J.'   8  ? 
'Douangamath, A.'    9  ? 
'Ruda, G.F.'         10 ? 
'Szommer, T.'        11 ? 
'Srikannathasan, V.' 12 ? 
'Elkins, J.'         13 ? 
'Spencer, J.'        14 ? 
'London, N.'         15 ? 
'Nelson, A.'         16 ? 
'Brennan, P.E.'      17 ? 
'Huber, K.'          18 ? 
'Bountra, C.'        19 ? 
'Arrowsmith, C.H.'   20 ? 
'Edwards, A.'        21 ? 
'von Delft, F.'      22 ? 
# 
_citation.id                        primary 
_citation.title                     'PanDDA analysis group deposition of models with modelled events (e.g. bound ligands)' 
_citation.journal_abbrev            'To Be Published' 
_citation.journal_volume            ? 
_citation.page_first                ? 
_citation.page_last                 ? 
_citation.year                      ? 
_citation.journal_id_ASTM           ? 
_citation.country                   ? 
_citation.journal_id_ISSN           ? 
_citation.journal_id_CSD            0353 
_citation.book_publisher            ? 
_citation.pdbx_database_id_PubMed   ? 
_citation.pdbx_database_id_DOI      ? 
# 
loop_
_citation_author.citation_id 
_citation_author.name 
_citation_author.identifier_ORCID 
_citation_author.ordinal 
primary 'Krojer, T.'         ? 1  
primary 'Talon, R.'          ? 2  
primary 'Fairhead, M.'       ? 3  
primary 'Diaz Saez, L.'      ? 4  
primary 'Bradley, A.R.'      ? 5  
primary 'Aimon, A.'          ? 6  
primary 'Collins, P.'        ? 7  
primary 'Brandao-Neto, J.'   ? 8  
primary 'Douangamath, A.'    ? 9  
primary 'Ruda, G.F.'         ? 10 
primary 'Szommer, T.'        ? 11 
primary 'Srikannathasan, V.' ? 12 
primary 'Elkins, J.'         ? 13 
primary 'Spencer, J.'        ? 14 
primary 'London, N.'         ? 15 
primary 'Nelson, A.'         ? 16 
primary 'Brennan, P.E.'      ? 17 
primary 'Huber, K.'          ? 18 
primary 'Bountra, C.'        ? 19 
primary 'Arrowsmith, C.H.'   ? 20 
primary 'Edwards, A.'        ? 21 
primary 'von Delft, F.'      ? 22 
# 
_cell.entry_id           5QGL 
_cell.length_a           125.903 
_cell.length_b           125.903 
_cell.length_c           41.664 
_cell.angle_alpha        90.000 
_cell.angle_beta         90.000 
_cell.angle_gamma        120.000 
_cell.Z_PDB              6 
_cell.pdbx_unique_axis   ? 
# 
_symmetry.entry_id                         5QGL 
_symmetry.space_group_name_H-M             'P 3 2 1' 
_symmetry.pdbx_full_space_group_name_H-M   ? 
_symmetry.cell_setting                     ? 
_symmetry.Int_Tables_number                150 
# 
loop_
_entity.id 
_entity.type 
_entity.src_method 
_entity.pdbx_description 
_entity.formula_weight 
_entity.pdbx_number_of_molecules 
_entity.pdbx_ec 
_entity.pdbx_mutation 
_entity.pdbx_fragment 
_entity.details 
1 polymer     man 'Peroxisomal coenzyme A diphosphatase NUDT7' 22197.600 1   3.6.1.- ? ? ? 
2 non-polymer syn 'ACETATE ION'                                59.044    2   ?       ? ? ? 
3 non-polymer syn 'DIMETHYL SULFOXIDE'                         78.133    2   ?       ? ? ? 
4 non-polymer syn '3,4,5-trimethoxybenzoic acid'               212.199   1   ?       ? ? ? 
5 water       nat water                                        18.015    168 ?       ? ? ? 
# 
_entity_name_com.entity_id   1 
_entity_name_com.name        'Nucleoside diphosphate-linked moiety X motif 7,Nudix motif 7' 
# 
_entity_poly.entity_id                      1 
_entity_poly.type                           'polypeptide(L)' 
_entity_poly.nstd_linkage                   no 
_entity_poly.nstd_monomer                   yes 
_entity_poly.pdbx_seq_one_letter_code       
;SMLDDAKARLRKYDIGGKYSHLPYNKYSVLLPLVAKEGKLHLLFTVRSEKLRRAPGEVCFPGGKRDPTDMDDAATALREA
QEEVGLR(HYP)HQVEVV(CSO)CLVPCLIDTDTLITPFVGLIDHNFQAQPNPAEVKDVFLVPLAYFLHPQVHDQHYVTR
LGHRFINHIFEYTNPEDGVTYQIKGMTANLAVLVAFIILEKKPT
;
_entity_poly.pdbx_seq_one_letter_code_can   
;SMLDDAKARLRKYDIGGKYSHLPYNKYSVLLPLVAKEGKLHLLFTVRSEKLRRAPGEVCFPGGKRDPTDMDDAATALREA
QEEVGLRPHQVEVVCCLVPCLIDTDTLITPFVGLIDHNFQAQPNPAEVKDVFLVPLAYFLHPQVHDQHYVTRLGHRFINH
IFEYTNPEDGVTYQIKGMTANLAVLVAFIILEKKPT
;
_entity_poly.pdbx_strand_id                 A 
_entity_poly.pdbx_target_identifier         ? 
# 
loop_
_entity_poly_seq.entity_id 
_entity_poly_seq.num 
_entity_poly_seq.mon_id 
_entity_poly_seq.hetero 
1 1   SER n 
1 2   MET n 
1 3   LEU n 
1 4   ASP n 
1 5   ASP n 
1 6   ALA n 
1 7   LYS n 
1 8   ALA n 
1 9   ARG n 
1 10  LEU n 
1 11  ARG n 
1 12  LYS n 
1 13  TYR n 
1 14  ASP n 
1 15  ILE n 
1 16  GLY n 
1 17  GLY n 
1 18  LYS n 
1 19  TYR n 
1 20  SER n 
1 21  HIS n 
1 22  LEU n 
1 23  PRO n 
1 24  TYR n 
1 25  ASN n 
1 26  LYS n 
1 27  TYR n 
1 28  SER n 
1 29  VAL n 
1 30  LEU n 
1 31  LEU n 
1 32  PRO n 
1 33  LEU n 
1 34  VAL n 
1 35  ALA n 
1 36  LYS n 
1 37  GLU n 
1 38  GLY n 
1 39  LYS n 
1 40  LEU n 
1 41  HIS n 
1 42  LEU n 
1 43  LEU n 
1 44  PHE n 
1 45  THR n 
1 46  VAL n 
1 47  ARG n 
1 48  SER n 
1 49  GLU n 
1 50  LYS n 
1 51  LEU n 
1 52  ARG n 
1 53  ARG n 
1 54  ALA n 
1 55  PRO n 
1 56  GLY n 
1 57  GLU n 
1 58  VAL n 
1 59  CYS n 
1 60  PHE n 
1 61  PRO n 
1 62  GLY n 
1 63  GLY n 
1 64  LYS n 
1 65  ARG n 
1 66  ASP n 
1 67  PRO n 
1 68  THR n 
1 69  ASP n 
1 70  MET n 
1 71  ASP n 
1 72  ASP n 
1 73  ALA n 
1 74  ALA n 
1 75  THR n 
1 76  ALA n 
1 77  LEU n 
1 78  ARG n 
1 79  GLU n 
1 80  ALA n 
1 81  GLN n 
1 82  GLU n 
1 83  GLU n 
1 84  VAL n 
1 85  GLY n 
1 86  LEU n 
1 87  ARG n 
1 88  HYP n 
1 89  HIS n 
1 90  GLN n 
1 91  VAL n 
1 92  GLU n 
1 93  VAL n 
1 94  VAL n 
1 95  CSO n 
1 96  CYS n 
1 97  LEU n 
1 98  VAL n 
1 99  PRO n 
1 100 CYS n 
1 101 LEU n 
1 102 ILE n 
1 103 ASP n 
1 104 THR n 
1 105 ASP n 
1 106 THR n 
1 107 LEU n 
1 108 ILE n 
1 109 THR n 
1 110 PRO n 
1 111 PHE n 
1 112 VAL n 
1 113 GLY n 
1 114 LEU n 
1 115 ILE n 
1 116 ASP n 
1 117 HIS n 
1 118 ASN n 
1 119 PHE n 
1 120 GLN n 
1 121 ALA n 
1 122 GLN n 
1 123 PRO n 
1 124 ASN n 
1 125 PRO n 
1 126 ALA n 
1 127 GLU n 
1 128 VAL n 
1 129 LYS n 
1 130 ASP n 
1 131 VAL n 
1 132 PHE n 
1 133 LEU n 
1 134 VAL n 
1 135 PRO n 
1 136 LEU n 
1 137 ALA n 
1 138 TYR n 
1 139 PHE n 
1 140 LEU n 
1 141 HIS n 
1 142 PRO n 
1 143 GLN n 
1 144 VAL n 
1 145 HIS n 
1 146 ASP n 
1 147 GLN n 
1 148 HIS n 
1 149 TYR n 
1 150 VAL n 
1 151 THR n 
1 152 ARG n 
1 153 LEU n 
1 154 GLY n 
1 155 HIS n 
1 156 ARG n 
1 157 PHE n 
1 158 ILE n 
1 159 ASN n 
1 160 HIS n 
1 161 ILE n 
1 162 PHE n 
1 163 GLU n 
1 164 TYR n 
1 165 THR n 
1 166 ASN n 
1 167 PRO n 
1 168 GLU n 
1 169 ASP n 
1 170 GLY n 
1 171 VAL n 
1 172 THR n 
1 173 TYR n 
1 174 GLN n 
1 175 ILE n 
1 176 LYS n 
1 177 GLY n 
1 178 MET n 
1 179 THR n 
1 180 ALA n 
1 181 ASN n 
1 182 LEU n 
1 183 ALA n 
1 184 VAL n 
1 185 LEU n 
1 186 VAL n 
1 187 ALA n 
1 188 PHE n 
1 189 ILE n 
1 190 ILE n 
1 191 LEU n 
1 192 GLU n 
1 193 LYS n 
1 194 LYS n 
1 195 PRO n 
1 196 THR n 
# 
_entity_src_gen.entity_id                          1 
_entity_src_gen.pdbx_src_id                        1 
_entity_src_gen.pdbx_alt_source_flag               sample 
_entity_src_gen.pdbx_seq_type                      'Biological sequence' 
_entity_src_gen.pdbx_beg_seq_num                   1 
_entity_src_gen.pdbx_end_seq_num                   196 
_entity_src_gen.gene_src_common_name               Human 
_entity_src_gen.gene_src_genus                     ? 
_entity_src_gen.pdbx_gene_src_gene                 NUDT7 
_entity_src_gen.gene_src_species                   ? 
_entity_src_gen.gene_src_strain                    ? 
_entity_src_gen.gene_src_tissue                    ? 
_entity_src_gen.gene_src_tissue_fraction           ? 
_entity_src_gen.gene_src_details                   ? 
_entity_src_gen.pdbx_gene_src_fragment             ? 
_entity_src_gen.pdbx_gene_src_scientific_name      'Homo sapiens' 
_entity_src_gen.pdbx_gene_src_ncbi_taxonomy_id     9606 
_entity_src_gen.pdbx_gene_src_variant              ? 
_entity_src_gen.pdbx_gene_src_cell_line            ? 
_entity_src_gen.pdbx_gene_src_atcc                 ? 
_entity_src_gen.pdbx_gene_src_organ                ? 
_entity_src_gen.pdbx_gene_src_organelle            ? 
_entity_src_gen.pdbx_gene_src_cell                 ? 
_entity_src_gen.pdbx_gene_src_cellular_location    ? 
_entity_src_gen.host_org_common_name               ? 
_entity_src_gen.pdbx_host_org_scientific_name      'Escherichia coli' 
_entity_src_gen.pdbx_host_org_ncbi_taxonomy_id     562 
_entity_src_gen.host_org_genus                     ? 
_entity_src_gen.pdbx_host_org_gene                 ? 
_entity_src_gen.pdbx_host_org_organ                ? 
_entity_src_gen.host_org_species                   ? 
_entity_src_gen.pdbx_host_org_tissue               ? 
_entity_src_gen.pdbx_host_org_tissue_fraction      ? 
_entity_src_gen.pdbx_host_org_strain               ? 
_entity_src_gen.pdbx_host_org_variant              ? 
_entity_src_gen.pdbx_host_org_cell_line            ? 
_entity_src_gen.pdbx_host_org_atcc                 ? 
_entity_src_gen.pdbx_host_org_culture_collection   ? 
_entity_src_gen.pdbx_host_org_cell                 ? 
_entity_src_gen.pdbx_host_org_organelle            ? 
_entity_src_gen.pdbx_host_org_cellular_location    ? 
_entity_src_gen.pdbx_host_org_vector_type          ? 
_entity_src_gen.pdbx_host_org_vector               ? 
_entity_src_gen.host_org_details                   ? 
_entity_src_gen.expression_system_id               ? 
_entity_src_gen.plasmid_name                       ? 
_entity_src_gen.plasmid_details                    ? 
_entity_src_gen.pdbx_description                   ? 
# 
_struct_ref.id                         1 
_struct_ref.db_name                    UNP 
_struct_ref.db_code                    NUDT7_HUMAN 
_struct_ref.pdbx_db_accession          P0C024 
_struct_ref.pdbx_db_isoform            ? 
_struct_ref.entity_id                  1 
_struct_ref.pdbx_seq_one_letter_code   
;SLLDDAKARLRKYDIGGKYSHLPYNKYSVLLPLVAKEGKLHLLFTVRSEKLRRAPGEVCFPGGKRDPTDMDDAATALREA
QEEVGLRPHQVEVVCCLVPCLIDTDTLITPFVGLIDHNFQAQPNPAEVKDVFLVPLAYFLHPQVHDQHYVTRLGHRFINH
IFEYTNPEDGVTYQIKGMTANLAVLVAFIILEKKPT
;
_struct_ref.pdbx_align_begin           14 
# 
_struct_ref_seq.align_id                      1 
_struct_ref_seq.ref_id                        1 
_struct_ref_seq.pdbx_PDB_id_code              5QGL 
_struct_ref_seq.pdbx_strand_id                A 
_struct_ref_seq.seq_align_beg                 1 
_struct_ref_seq.pdbx_seq_align_beg_ins_code   ? 
_struct_ref_seq.seq_align_end                 196 
_struct_ref_seq.pdbx_seq_align_end_ins_code   ? 
_struct_ref_seq.pdbx_db_accession             P0C024 
_struct_ref_seq.db_align_beg                  14 
_struct_ref_seq.pdbx_db_align_beg_ins_code    ? 
_struct_ref_seq.db_align_end                  209 
_struct_ref_seq.pdbx_db_align_end_ins_code    ? 
_struct_ref_seq.pdbx_auth_seq_align_beg       15 
_struct_ref_seq.pdbx_auth_seq_align_end       210 
# 
_struct_ref_seq_dif.align_id                     1 
_struct_ref_seq_dif.pdbx_pdb_id_code             5QGL 
_struct_ref_seq_dif.mon_id                       MET 
_struct_ref_seq_dif.pdbx_pdb_strand_id           A 
_struct_ref_seq_dif.seq_num                      2 
_struct_ref_seq_dif.pdbx_pdb_ins_code            ? 
_struct_ref_seq_dif.pdbx_seq_db_name             UNP 
_struct_ref_seq_dif.pdbx_seq_db_accession_code   P0C024 
_struct_ref_seq_dif.db_mon_id                    LEU 
_struct_ref_seq_dif.pdbx_seq_db_seq_num          15 
_struct_ref_seq_dif.details                      conflict 
_struct_ref_seq_dif.pdbx_auth_seq_num            16 
_struct_ref_seq_dif.pdbx_ordinal                 1 
# 
loop_
_chem_comp.id 
_chem_comp.type 
_chem_comp.mon_nstd_flag 
_chem_comp.name 
_chem_comp.pdbx_synonyms 
_chem_comp.formula 
_chem_comp.formula_weight 
ACT non-polymer         . 'ACETATE ION'                  ?              'C2 H3 O2 -1'    59.044  
ALA 'L-peptide linking' y ALANINE                        ?              'C3 H7 N O2'     89.093  
ARG 'L-peptide linking' y ARGININE                       ?              'C6 H15 N4 O2 1' 175.209 
ASN 'L-peptide linking' y ASPARAGINE                     ?              'C4 H8 N2 O3'    132.118 
ASP 'L-peptide linking' y 'ASPARTIC ACID'                ?              'C4 H7 N O4'     133.103 
CSO 'L-peptide linking' n S-HYDROXYCYSTEINE              ?              'C3 H7 N O3 S'   137.158 
CYS 'L-peptide linking' y CYSTEINE                       ?              'C3 H7 N O2 S'   121.158 
DMS non-polymer         . 'DIMETHYL SULFOXIDE'           ?              'C2 H6 O S'      78.133  
GLN 'L-peptide linking' y GLUTAMINE                      ?              'C5 H10 N2 O3'   146.144 
GLU 'L-peptide linking' y 'GLUTAMIC ACID'                ?              'C5 H9 N O4'     147.129 
GLY 'peptide linking'   y GLYCINE                        ?              'C2 H5 N O2'     75.067  
H5A non-polymer         . '3,4,5-trimethoxybenzoic acid' ?              'C10 H12 O5'     212.199 
HIS 'L-peptide linking' y HISTIDINE                      ?              'C6 H10 N3 O2 1' 156.162 
HOH non-polymer         . WATER                          ?              'H2 O'           18.015  
HYP 'L-peptide linking' n 4-HYDROXYPROLINE               HYDROXYPROLINE 'C5 H9 N O3'     131.130 
ILE 'L-peptide linking' y ISOLEUCINE                     ?              'C6 H13 N O2'    131.173 
LEU 'L-peptide linking' y LEUCINE                        ?              'C6 H13 N O2'    131.173 
LYS 'L-peptide linking' y LYSINE                         ?              'C6 H15 N2 O2 1' 147.195 
MET 'L-peptide linking' y METHIONINE                     ?              'C5 H11 N O2 S'  149.211 
PHE 'L-peptide linking' y PHENYLALANINE                  ?              'C9 H11 N O2'    165.189 
PRO 'L-peptide linking' y PROLINE                        ?              'C5 H9 N O2'     115.130 
SER 'L-peptide linking' y SERINE                         ?              'C3 H7 N O3'     105.093 
THR 'L-peptide linking' y THREONINE                      ?              'C4 H9 N O3'     119.119 
TYR 'L-peptide linking' y TYROSINE                       ?              'C9 H11 N O3'    181.189 
VAL 'L-peptide linking' y VALINE                         ?              'C5 H11 N O2'    117.146 
# 
_exptl.crystals_number   1 
_exptl.entry_id          5QGL 
_exptl.method            'X-RAY DIFFRACTION' 
# 
_exptl_crystal.id                    1 
_exptl_crystal.pdbx_mosaicity        0.310 
_exptl_crystal.pdbx_mosaicity_esd    ? 
_exptl_crystal.density_Matthews      4.56 
_exptl_crystal.density_diffrn        ? 
_exptl_crystal.density_meas          ? 
_exptl_crystal.density_meas_temp     ? 
_exptl_crystal.density_percent_sol   73.00 
_exptl_crystal.size_max              ? 
_exptl_crystal.size_mid              ? 
_exptl_crystal.size_min              ? 
_exptl_crystal.size_rad              ? 
_exptl_crystal.description           ? 
# 
_exptl_crystal_grow.crystal_id      1 
_exptl_crystal_grow.method          'VAPOR DIFFUSION, SITTING DROP' 
_exptl_crystal_grow.pH              5.5 
_exptl_crystal_grow.temp            293 
_exptl_crystal_grow.pdbx_details    '0.1M bis-tris pH 5.5 -- 0.1M ammonium acetate -- 5%(w/v) PEG10K' 
_exptl_crystal_grow.temp_details    ? 
_exptl_crystal_grow.pdbx_pH_range   ? 
# 
_diffrn.id                     1 
_diffrn.ambient_temp           100 
_diffrn.crystal_id             1 
_diffrn.ambient_temp_details   ? 
# 
_diffrn_detector.detector               PIXEL 
_diffrn_detector.type                   'DECTRIS PILATUS 6M' 
_diffrn_detector.pdbx_collection_date   2017-05-11 
_diffrn_detector.diffrn_id              1 
_diffrn_detector.details                ? 
# 
_diffrn_radiation.diffrn_id                        1 
_diffrn_radiation.wavelength_id                    1 
_diffrn_radiation.pdbx_diffrn_protocol             'SINGLE WAVELENGTH' 
_diffrn_radiation.pdbx_monochromatic_or_laue_m_l   ? 
_diffrn_radiation.monochromator                    ? 
_diffrn_radiation.pdbx_scattering_type             x-ray 
# 
_diffrn_radiation_wavelength.id           1 
_diffrn_radiation_wavelength.wavelength   0.92819 
_diffrn_radiation_wavelength.wt           1.0 
# 
_diffrn_source.diffrn_id                   1 
_diffrn_source.source                      SYNCHROTRON 
_diffrn_source.type                        'DIAMOND BEAMLINE I04-1' 
_diffrn_source.pdbx_wavelength_list        0.92819 
_diffrn_source.pdbx_synchrotron_site       Diamond 
_diffrn_source.pdbx_synchrotron_beamline   I04-1 
_diffrn_source.pdbx_wavelength             ? 
# 
_reflns.entry_id                     5QGL 
_reflns.pdbx_diffrn_id               1 
_reflns.pdbx_ordinal                 1 
_reflns.observed_criterion_sigma_I   ? 
_reflns.observed_criterion_sigma_F   ? 
_reflns.d_resolution_low             29.300 
_reflns.d_resolution_high            2.270 
_reflns.number_obs                   17761 
_reflns.number_all                   ? 
_reflns.percent_possible_obs         99.600 
_reflns.pdbx_Rmerge_I_obs            0.067 
_reflns.pdbx_Rsym_value              ? 
_reflns.pdbx_netI_over_sigmaI        24.200 
_reflns.B_iso_Wilson_estimate        ? 
_reflns.pdbx_redundancy              9.900 
_reflns.pdbx_Rrim_I_all              0.071 
_reflns.pdbx_Rpim_I_all              0.023 
_reflns.pdbx_CC_half                 0.999 
_reflns.pdbx_netI_over_av_sigmaI     ? 
_reflns.pdbx_number_measured_all     175870 
_reflns.pdbx_scaling_rejects         2 
_reflns.pdbx_chi_squared             ? 
_reflns.Rmerge_F_all                 ? 
_reflns.Rmerge_F_obs                 ? 
_reflns.observed_criterion_F_max     ? 
_reflns.observed_criterion_F_min     ? 
_reflns.observed_criterion_I_max     ? 
_reflns.observed_criterion_I_min     ? 
_reflns.pdbx_d_res_high_opt          ? 
_reflns.pdbx_d_res_low_opt           ? 
_reflns.details                      ? 
# 
loop_
_reflns_shell.pdbx_diffrn_id 
_reflns_shell.pdbx_ordinal 
_reflns_shell.d_res_high 
_reflns_shell.d_res_low 
_reflns_shell.number_measured_obs 
_reflns_shell.number_measured_all 
_reflns_shell.number_unique_obs 
_reflns_shell.pdbx_rejects 
_reflns_shell.Rmerge_I_obs 
_reflns_shell.meanI_over_sigI_obs 
_reflns_shell.pdbx_Rsym_value 
_reflns_shell.pdbx_chi_squared 
_reflns_shell.pdbx_redundancy 
_reflns_shell.percent_possible_obs 
_reflns_shell.pdbx_netI_over_sigmaI_obs 
_reflns_shell.number_possible 
_reflns_shell.number_unique_all 
_reflns_shell.Rmerge_F_all 
_reflns_shell.Rmerge_F_obs 
_reflns_shell.Rmerge_I_all 
_reflns_shell.meanI_over_sigI_all 
_reflns_shell.percent_possible_all 
_reflns_shell.pdbx_Rrim_I_all 
_reflns_shell.pdbx_Rpim_I_all 
_reflns_shell.pdbx_CC_half 
1 1 2.270  2.330  ? 10601 ? ? 0.688 ? ? ? 8.400 ? 3.600  ? 1267 ? ? ? ? 95.400 0.735 0.256 0.983 
1 2 10.140 29.300 ? 1964  ? ? 0.019 ? ? ? 9.200 ? 81.100 ? 214  ? ? ? ? 95.800 0.021 0.008 0.999 
# 
_refine.entry_id                                 5QGL 
_refine.pdbx_refine_id                           'X-RAY DIFFRACTION' 
_refine.ls_d_res_high                            2.2700 
_refine.ls_d_res_low                             109.0900 
_refine.pdbx_ls_sigma_F                          0.000 
_refine.pdbx_data_cutoff_high_absF               ? 
_refine.pdbx_data_cutoff_low_absF                ? 
_refine.ls_percent_reflns_obs                    95.8500 
_refine.ls_number_reflns_obs                     16231 
_refine.ls_number_reflns_all                     ? 
_refine.pdbx_ls_cross_valid_method               THROUGHOUT 
_refine.ls_matrix_type                           ? 
_refine.pdbx_R_Free_selection_details            RANDOM 
_refine.details                                  
'HYDROGENS HAVE BEEN ADDED IN THE RIDING POSITIONS U VALUES      : REFINED INDIVIDUALLY' 
_refine.ls_R_factor_all                          ? 
_refine.ls_R_factor_obs                          0.2015 
_refine.ls_R_factor_R_work                       0.1989 
_refine.ls_wR_factor_R_work                      ? 
_refine.ls_R_factor_R_free                       0.2494 
_refine.ls_wR_factor_R_free                      ? 
_refine.ls_percent_reflns_R_free                 5.0000 
_refine.ls_number_reflns_R_free                  861 
_refine.ls_number_reflns_R_work                  ? 
_refine.ls_R_factor_R_free_error                 ? 
_refine.B_iso_mean                               47.7810 
_refine.solvent_model_param_bsol                 ? 
_refine.solvent_model_param_ksol                 ? 
_refine.pdbx_isotropic_thermal_model             ? 
_refine.aniso_B[1][1]                            0.1700 
_refine.aniso_B[2][2]                            0.1700 
_refine.aniso_B[3][3]                            -0.5400 
_refine.aniso_B[1][2]                            0.0800 
_refine.aniso_B[1][3]                            0.0000 
_refine.aniso_B[2][3]                            -0.0000 
_refine.correlation_coeff_Fo_to_Fc               0.9450 
_refine.correlation_coeff_Fo_to_Fc_free          0.9170 
_refine.overall_SU_R_Cruickshank_DPI             ? 
_refine.pdbx_overall_SU_R_free_Cruickshank_DPI   ? 
_refine.pdbx_overall_SU_R_Blow_DPI               ? 
_refine.pdbx_overall_SU_R_free_Blow_DPI          ? 
_refine.overall_SU_R_free                        ? 
_refine.pdbx_overall_ESU_R                       0.1940 
_refine.pdbx_overall_ESU_R_Free                  0.1870 
_refine.overall_SU_ML                            0.1390 
_refine.overall_SU_B                             5.9130 
_refine.solvent_model_details                    MASK 
_refine.pdbx_solvent_vdw_probe_radii             1.2000 
_refine.pdbx_solvent_ion_probe_radii             0.8000 
_refine.pdbx_solvent_shrinkage_radii             0.8000 
_refine.ls_number_parameters                     ? 
_refine.ls_number_restraints                     ? 
_refine.pdbx_starting_model                      5T3P 
_refine.pdbx_method_to_determine_struct          'FOURIER SYNTHESIS' 
_refine.pdbx_stereochemistry_target_values       'MAXIMUM LIKELIHOOD' 
_refine.pdbx_stereochem_target_val_spec_case     ? 
_refine.overall_FOM_work_R_set                   ? 
_refine.B_iso_max                                123.380 
_refine.B_iso_min                                26.220 
_refine.pdbx_overall_phase_error                 ? 
_refine.occupancy_max                            ? 
_refine.occupancy_min                            ? 
_refine.pdbx_diffrn_id                           1 
_refine.pdbx_TLS_residual_ADP_flag               ? 
_refine.pdbx_ls_sigma_I                          ? 
_refine.pdbx_data_cutoff_high_rms_absF           ? 
_refine.ls_R_factor_R_free_error_details         ? 
# 
_refine_hist.cycle_id                         final 
_refine_hist.pdbx_refine_id                   'X-RAY DIFFRACTION' 
_refine_hist.d_res_high                       2.2700 
_refine_hist.d_res_low                        109.0900 
_refine_hist.pdbx_number_atoms_ligand         31 
_refine_hist.number_atoms_solvent             168 
_refine_hist.number_atoms_total               1666 
_refine_hist.pdbx_number_residues_total       186 
_refine_hist.pdbx_B_iso_mean_ligand           72.85 
_refine_hist.pdbx_B_iso_mean_solvent          57.14 
_refine_hist.pdbx_number_atoms_protein        1467 
_refine_hist.pdbx_number_atoms_nucleic_acid   0 
# 
loop_
_refine_ls_restr.pdbx_refine_id 
_refine_ls_restr.type 
_refine_ls_restr.number 
_refine_ls_restr.dev_ideal 
_refine_ls_restr.dev_ideal_target 
_refine_ls_restr.weight 
_refine_ls_restr.pdbx_restraint_function 
'X-RAY DIFFRACTION' r_bond_refined_d       1528 0.012  0.019  ? ? 
'X-RAY DIFFRACTION' r_bond_other_d         1452 0.001  0.020  ? ? 
'X-RAY DIFFRACTION' r_angle_refined_deg    2073 1.620  1.992  ? ? 
'X-RAY DIFFRACTION' r_angle_other_deg      3364 0.958  2.990  ? ? 
'X-RAY DIFFRACTION' r_dihedral_angle_1_deg 184  6.290  5.000  ? ? 
'X-RAY DIFFRACTION' r_dihedral_angle_2_deg 66   32.739 24.242 ? ? 
'X-RAY DIFFRACTION' r_dihedral_angle_3_deg 252  15.644 15.000 ? ? 
'X-RAY DIFFRACTION' r_dihedral_angle_4_deg 8    17.687 15.000 ? ? 
'X-RAY DIFFRACTION' r_chiral_restr         237  0.094  0.200  ? ? 
'X-RAY DIFFRACTION' r_gen_planes_refined   1662 0.007  0.021  ? ? 
'X-RAY DIFFRACTION' r_gen_planes_other     286  0.001  0.020  ? ? 
'X-RAY DIFFRACTION' r_mcbond_it            744  3.003  4.424  ? ? 
'X-RAY DIFFRACTION' r_mcbond_other         741  2.953  4.411  ? ? 
'X-RAY DIFFRACTION' r_mcangle_it           924  4.329  6.589  ? ? 
# 
_refine_ls_shell.d_res_high                       2.2680 
_refine_ls_shell.d_res_low                        2.3270 
_refine_ls_shell.pdbx_total_number_of_bins_used   20 
_refine_ls_shell.percent_reflns_obs               48.5700 
_refine_ls_shell.number_reflns_R_work             612 
_refine_ls_shell.R_factor_all                     ? 
_refine_ls_shell.R_factor_R_work                  0.6820 
_refine_ls_shell.R_factor_R_free                  0.6850 
_refine_ls_shell.percent_reflns_R_free            ? 
_refine_ls_shell.number_reflns_R_free             32 
_refine_ls_shell.R_factor_R_free_error            ? 
_refine_ls_shell.number_reflns_all                644 
_refine_ls_shell.number_reflns_obs                ? 
_refine_ls_shell.pdbx_refine_id                   'X-RAY DIFFRACTION' 
# 
_struct.entry_id                  5QGL 
_struct.title                     
;PanDDA analysis group deposition of models with modelled events (e.g. bound ligands) -- Crystal Structure of NUDT7 in complex with FMOPL000275a
;
_struct.pdbx_model_details        ? 
_struct.pdbx_CASP_flag            ? 
_struct.pdbx_model_type_details   ? 
# 
_struct_keywords.entry_id        5QGL 
_struct_keywords.text            'PanDDA, SGC - Diamond I04-1 fragment screening, NUDIX domain, XChemExplorer, HYDROLASE' 
_struct_keywords.pdbx_keywords   HYDROLASE 
# 
loop_
_struct_asym.id 
_struct_asym.pdbx_blank_PDB_chainid_flag 
_struct_asym.pdbx_modified 
_struct_asym.entity_id 
_struct_asym.details 
A N N 1 ? 
B N N 2 ? 
C N N 2 ? 
D N N 3 ? 
E N N 3 ? 
F N N 4 ? 
G N N 5 ? 
# 
loop_
_struct_conf.conf_type_id 
_struct_conf.id 
_struct_conf.pdbx_PDB_helix_id 
_struct_conf.beg_label_comp_id 
_struct_conf.beg_label_asym_id 
_struct_conf.beg_label_seq_id 
_struct_conf.pdbx_beg_PDB_ins_code 
_struct_conf.end_label_comp_id 
_struct_conf.end_label_asym_id 
_struct_conf.end_label_seq_id 
_struct_conf.pdbx_end_PDB_ins_code 
_struct_conf.beg_auth_comp_id 
_struct_conf.beg_auth_asym_id 
_struct_conf.beg_auth_seq_id 
_struct_conf.end_auth_comp_id 
_struct_conf.end_auth_asym_id 
_struct_conf.end_auth_seq_id 
_struct_conf.pdbx_PDB_helix_class 
_struct_conf.details 
_struct_conf.pdbx_PDB_helix_length 
HELX_P HELX_P1 AA1 SER A 1   ? LYS A 12  ? SER A 15  LYS A 26  1 ? 12 
HELX_P HELX_P2 AA2 ASP A 71  ? GLY A 85  ? ASP A 85  GLY A 99  1 ? 15 
HELX_P HELX_P3 AA3 ARG A 87  ? HIS A 89  ? ARG A 101 HIS A 103 5 ? 3  
HELX_P HELX_P4 AA4 ALA A 137 ? HIS A 141 ? ALA A 151 HIS A 155 5 ? 5  
HELX_P HELX_P5 AA5 LYS A 176 ? GLU A 192 ? LYS A 190 GLU A 206 1 ? 17 
# 
_struct_conf_type.id          HELX_P 
_struct_conf_type.criteria    ? 
_struct_conf_type.reference   ? 
# 
loop_
_struct_conn.id 
_struct_conn.conn_type_id 
_struct_conn.pdbx_leaving_atom_flag 
_struct_conn.pdbx_PDB_id 
_struct_conn.ptnr1_label_asym_id 
_struct_conn.ptnr1_label_comp_id 
_struct_conn.ptnr1_label_seq_id 
_struct_conn.ptnr1_label_atom_id 
_struct_conn.pdbx_ptnr1_label_alt_id 
_struct_conn.pdbx_ptnr1_PDB_ins_code 
_struct_conn.pdbx_ptnr1_standard_comp_id 
_struct_conn.ptnr1_symmetry 
_struct_conn.ptnr2_label_asym_id 
_struct_conn.ptnr2_label_comp_id 
_struct_conn.ptnr2_label_seq_id 
_struct_conn.ptnr2_label_atom_id 
_struct_conn.pdbx_ptnr2_label_alt_id 
_struct_conn.pdbx_ptnr2_PDB_ins_code 
_struct_conn.ptnr1_auth_asym_id 
_struct_conn.ptnr1_auth_comp_id 
_struct_conn.ptnr1_auth_seq_id 
_struct_conn.ptnr2_auth_asym_id 
_struct_conn.ptnr2_auth_comp_id 
_struct_conn.ptnr2_auth_seq_id 
_struct_conn.ptnr2_symmetry 
_struct_conn.pdbx_ptnr3_label_atom_id 
_struct_conn.pdbx_ptnr3_label_seq_id 
_struct_conn.pdbx_ptnr3_label_comp_id 
_struct_conn.pdbx_ptnr3_label_asym_id 
_struct_conn.pdbx_ptnr3_label_alt_id 
_struct_conn.pdbx_ptnr3_PDB_ins_code 
_struct_conn.details 
_struct_conn.pdbx_dist_value 
_struct_conn.pdbx_value_order 
_struct_conn.pdbx_role 
covale1 covale both ? A ARG 87 C ? ? ? 1_555 A HYP 88 N ? ? A ARG 101 A HYP 102 1_555 ? ? ? ? ? ? ? 1.347 ? ? 
covale2 covale both ? A HYP 88 C ? ? ? 1_555 A HIS 89 N ? ? A HYP 102 A HIS 103 1_555 ? ? ? ? ? ? ? 1.330 ? ? 
covale3 covale both ? A VAL 94 C ? ? ? 1_555 A CSO 95 N ? ? A VAL 108 A CSO 109 1_555 ? ? ? ? ? ? ? 1.335 ? ? 
covale4 covale both ? A CSO 95 C ? ? ? 1_555 A CYS 96 N ? ? A CSO 109 A CYS 110 1_555 ? ? ? ? ? ? ? 1.322 ? ? 
# 
_struct_conn_type.id          covale 
_struct_conn_type.criteria    ? 
_struct_conn_type.reference   ? 
# 
loop_
_struct_sheet.id 
_struct_sheet.type 
_struct_sheet.number_strands 
_struct_sheet.details 
AA1 ? 4 ? 
AA2 ? 4 ? 
AA3 ? 3 ? 
AA4 ? 3 ? 
# 
loop_
_struct_sheet_order.sheet_id 
_struct_sheet_order.range_id_1 
_struct_sheet_order.range_id_2 
_struct_sheet_order.offset 
_struct_sheet_order.sense 
AA1 1 2 ? anti-parallel 
AA1 2 3 ? parallel      
AA1 3 4 ? anti-parallel 
AA2 1 2 ? anti-parallel 
AA2 2 3 ? parallel      
AA2 3 4 ? anti-parallel 
AA3 1 2 ? anti-parallel 
AA3 2 3 ? anti-parallel 
AA4 1 2 ? anti-parallel 
AA4 2 3 ? anti-parallel 
# 
loop_
_struct_sheet_range.sheet_id 
_struct_sheet_range.id 
_struct_sheet_range.beg_label_comp_id 
_struct_sheet_range.beg_label_asym_id 
_struct_sheet_range.beg_label_seq_id 
_struct_sheet_range.pdbx_beg_PDB_ins_code 
_struct_sheet_range.end_label_comp_id 
_struct_sheet_range.end_label_asym_id 
_struct_sheet_range.end_label_seq_id 
_struct_sheet_range.pdbx_end_PDB_ins_code 
_struct_sheet_range.beg_auth_comp_id 
_struct_sheet_range.beg_auth_asym_id 
_struct_sheet_range.beg_auth_seq_id 
_struct_sheet_range.end_auth_comp_id 
_struct_sheet_range.end_auth_asym_id 
_struct_sheet_range.end_auth_seq_id 
AA1 1 VAL A 91  ? CYS A 96  ? VAL A 105 CYS A 110 
AA1 2 THR A 106 ? ILE A 115 ? THR A 120 ILE A 129 
AA1 3 ASN A 25  ? LYS A 36  ? ASN A 39  LYS A 50  
AA1 4 LYS A 39  ? ARG A 47  ? LYS A 53  ARG A 61  
AA2 1 CYS A 100 ? ILE A 102 ? CYS A 114 ILE A 116 
AA2 2 THR A 106 ? ILE A 115 ? THR A 120 ILE A 129 
AA2 3 ASN A 25  ? LYS A 36  ? ASN A 39  LYS A 50  
AA2 4 GLY A 62  ? LYS A 64  ? GLY A 76  LYS A 78  
AA3 1 VAL A 128 ? PRO A 135 ? VAL A 142 PRO A 149 
AA3 2 LYS A 39  ? ARG A 47  ? LYS A 53  ARG A 61  
AA3 3 VAL A 58  ? CYS A 59  ? VAL A 72  CYS A 73  
AA4 1 GLN A 143 ? ASP A 146 ? GLN A 157 ASP A 160 
AA4 2 HIS A 160 ? THR A 165 ? HIS A 174 THR A 179 
AA4 3 THR A 172 ? ILE A 175 ? THR A 186 ILE A 189 
# 
loop_
_pdbx_struct_sheet_hbond.sheet_id 
_pdbx_struct_sheet_hbond.range_id_1 
_pdbx_struct_sheet_hbond.range_id_2 
_pdbx_struct_sheet_hbond.range_1_label_atom_id 
_pdbx_struct_sheet_hbond.range_1_label_comp_id 
_pdbx_struct_sheet_hbond.range_1_label_asym_id 
_pdbx_struct_sheet_hbond.range_1_label_seq_id 
_pdbx_struct_sheet_hbond.range_1_PDB_ins_code 
_pdbx_struct_sheet_hbond.range_1_auth_atom_id 
_pdbx_struct_sheet_hbond.range_1_auth_comp_id 
_pdbx_struct_sheet_hbond.range_1_auth_asym_id 
_pdbx_struct_sheet_hbond.range_1_auth_seq_id 
_pdbx_struct_sheet_hbond.range_2_label_atom_id 
_pdbx_struct_sheet_hbond.range_2_label_comp_id 
_pdbx_struct_sheet_hbond.range_2_label_asym_id 
_pdbx_struct_sheet_hbond.range_2_label_seq_id 
_pdbx_struct_sheet_hbond.range_2_PDB_ins_code 
_pdbx_struct_sheet_hbond.range_2_auth_atom_id 
_pdbx_struct_sheet_hbond.range_2_auth_comp_id 
_pdbx_struct_sheet_hbond.range_2_auth_asym_id 
_pdbx_struct_sheet_hbond.range_2_auth_seq_id 
AA1 1 2 N VAL A 94  ? N VAL A 108 O VAL A 112 ? O VAL A 126 
AA1 2 3 O PHE A 111 ? O PHE A 125 N LEU A 31  ? N LEU A 45  
AA1 3 4 N VAL A 34  ? N VAL A 48  O HIS A 41  ? O HIS A 55  
AA2 1 2 N CYS A 100 ? N CYS A 114 O ILE A 108 ? O ILE A 122 
AA2 2 3 O PHE A 111 ? O PHE A 125 N LEU A 31  ? N LEU A 45  
AA2 3 4 N SER A 28  ? N SER A 42  O GLY A 63  ? O GLY A 77  
AA3 1 2 O PHE A 132 ? O PHE A 146 N PHE A 44  ? N PHE A 58  
AA3 2 3 N THR A 45  ? N THR A 59  O CYS A 59  ? O CYS A 73  
AA4 1 2 N HIS A 145 ? N HIS A 159 O ILE A 161 ? O ILE A 175 
AA4 2 3 N TYR A 164 ? N TYR A 178 O TYR A 173 ? O TYR A 187 
# 
loop_
_struct_site.id 
_struct_site.pdbx_evidence_code 
_struct_site.pdbx_auth_asym_id 
_struct_site.pdbx_auth_comp_id 
_struct_site.pdbx_auth_seq_id 
_struct_site.pdbx_auth_ins_code 
_struct_site.pdbx_num_residues 
_struct_site.details 
AC1 Software A ACT 301 ? 4 'binding site for residue ACT A 301' 
AC2 Software A ACT 302 ? 1 'binding site for residue ACT A 302' 
AC3 Software A DMS 303 ? 6 'binding site for residue DMS A 303' 
AC4 Software A DMS 304 ? 3 'binding site for residue DMS A 304' 
AC5 Software A H5A 305 ? 7 'binding site for residue H5A A 305' 
# 
loop_
_struct_site_gen.id 
_struct_site_gen.site_id 
_struct_site_gen.pdbx_num_res 
_struct_site_gen.label_comp_id 
_struct_site_gen.label_asym_id 
_struct_site_gen.label_seq_id 
_struct_site_gen.pdbx_auth_ins_code 
_struct_site_gen.auth_comp_id 
_struct_site_gen.auth_asym_id 
_struct_site_gen.auth_seq_id 
_struct_site_gen.label_atom_id 
_struct_site_gen.label_alt_id 
_struct_site_gen.symmetry 
_struct_site_gen.details 
1  AC1 4 GLY A 56  ? GLY A 70  . ? 1_555 ? 
2  AC1 4 VAL A 58  ? VAL A 72  . ? 1_555 ? 
3  AC1 4 GLN A 174 ? GLN A 188 . ? 1_555 ? 
4  AC1 4 HOH G .   ? HOH A 426 . ? 1_555 ? 
5  AC2 1 VAL A 91  ? VAL A 105 . ? 1_555 ? 
6  AC3 6 GLY A 85  ? GLY A 99  . ? 1_555 ? 
7  AC3 6 ARG A 87  ? ARG A 101 . ? 1_555 ? 
8  AC3 6 GLN A 90  ? GLN A 104 . ? 1_555 ? 
9  AC3 6 PHE A 119 ? PHE A 133 . ? 1_555 ? 
10 AC3 6 GLN A 120 ? GLN A 134 . ? 1_555 ? 
11 AC3 6 GLN A 122 ? GLN A 136 . ? 1_555 ? 
12 AC4 3 ASP A 116 ? ASP A 130 . ? 1_555 ? 
13 AC4 3 HIS A 117 ? HIS A 131 . ? 1_555 ? 
14 AC4 3 ASP A 130 ? ASP A 144 . ? 2_545 ? 
15 AC5 7 TYR A 27  ? TYR A 41  . ? 1_555 ? 
16 AC5 7 ARG A 53  ? ARG A 67  . ? 1_555 ? 
17 AC5 7 MET A 178 ? MET A 192 . ? 1_555 ? 
18 AC5 7 HOH G .   ? HOH A 421 . ? 1_555 ? 
19 AC5 7 HOH G .   ? HOH A 422 . ? 1_555 ? 
20 AC5 7 HOH G .   ? HOH A 463 . ? 1_555 ? 
21 AC5 7 HOH G .   ? HOH A 471 . ? 1_555 ? 
# 
_atom_sites.entry_id                    5QGL 
_atom_sites.fract_transf_matrix[1][1]   0.00629312 
_atom_sites.fract_transf_matrix[1][2]   0.00536385 
_atom_sites.fract_transf_matrix[1][3]   -0.00396842 
_atom_sites.fract_transf_matrix[2][1]   0.00441135 
_atom_sites.fract_transf_matrix[2][2]   0.00633172 
_atom_sites.fract_transf_matrix[2][3]   0.00495546 
_atom_sites.fract_transf_matrix[3][1]   0.01703718 
_atom_sites.fract_transf_matrix[3][2]   -0.01604347 
_atom_sites.fract_transf_matrix[3][3]   0.00533267 
_atom_sites.fract_transf_vector[1]      0.137187 
_atom_sites.fract_transf_vector[2]      -0.434553 
_atom_sites.fract_transf_vector[3]      1.980682 
# 
loop_
_atom_type.symbol 
C 
N 
O 
S 
# 
loop_
_atom_site.group_PDB 
_atom_site.id 
_atom_site.type_symbol 
_atom_site.label_atom_id 
_atom_site.label_alt_id 
_atom_site.label_comp_id 
_atom_site.label_asym_id 
_atom_site.label_entity_id 
_atom_site.label_seq_id 
_atom_site.pdbx_PDB_ins_code 
_atom_site.Cartn_x 
_atom_site.Cartn_y 
_atom_site.Cartn_z 
_atom_site.occupancy 
_atom_site.B_iso_or_equiv 
_atom_site.pdbx_formal_charge 
_atom_site.auth_seq_id 
_atom_site.auth_comp_id 
_atom_site.auth_asym_id 
_atom_site.auth_atom_id 
_atom_site.pdbx_PDB_model_num 
ATOM   1    N N   . SER A 1 1   ? 10.931  -12.206 -16.346 1.00 68.00  ?  15  SER A N   1 
ATOM   2    C CA  . SER A 1 1   ? 11.697  -11.145 -15.626 1.00 64.08  ?  15  SER A CA  1 
ATOM   3    C C   . SER A 1 1   ? 11.087  -10.894 -14.232 1.00 63.62  ?  15  SER A C   1 
ATOM   4    O O   . SER A 1 1   ? 10.060  -11.474 -13.899 1.00 62.74  ?  15  SER A O   1 
ATOM   5    C CB  . SER A 1 1   ? 11.736  -9.861  -16.468 1.00 61.16  ?  15  SER A CB  1 
ATOM   6    O OG  . SER A 1 1   ? 10.442  -9.290  -16.636 1.00 58.56  ?  15  SER A OG  1 
ATOM   7    N N   . MET A 1 2   ? 11.743  -10.053 -13.434 1.00 57.64  ?  16  MET A N   1 
ATOM   8    C CA  . MET A 1 2   ? 11.300  -9.692  -12.083 1.00 59.54  ?  16  MET A CA  1 
ATOM   9    C C   . MET A 1 2   ? 9.862   -9.137  -12.050 1.00 61.63  ?  16  MET A C   1 
ATOM   10   O O   . MET A 1 2   ? 9.046   -9.559  -11.214 1.00 55.93  ?  16  MET A O   1 
ATOM   11   C CB  . MET A 1 2   ? 12.273  -8.671  -11.477 1.00 58.48  ?  16  MET A CB  1 
ATOM   12   C CG  . MET A 1 2   ? 11.898  -8.088  -10.123 1.00 62.13  ?  16  MET A CG  1 
ATOM   13   S SD  . MET A 1 2   ? 13.218  -7.007  -9.509  1.00 66.06  ?  16  MET A SD  1 
ATOM   14   C CE  . MET A 1 2   ? 13.066  -5.616  -10.622 1.00 64.29  ?  16  MET A CE  1 
ATOM   15   N N   . LEU A 1 3   ? 9.554   -8.210  -12.951 1.00 54.92  ?  17  LEU A N   1 
ATOM   16   C CA  . LEU A 1 3   ? 8.238   -7.575  -12.929 1.00 56.29  ?  17  LEU A CA  1 
ATOM   17   C C   . LEU A 1 3   ? 7.147   -8.507  -13.435 1.00 56.84  ?  17  LEU A C   1 
ATOM   18   O O   . LEU A 1 3   ? 6.058   -8.546  -12.865 1.00 55.34  ?  17  LEU A O   1 
ATOM   19   C CB  . LEU A 1 3   ? 8.236   -6.294  -13.739 1.00 54.36  ?  17  LEU A CB  1 
ATOM   20   C CG  . LEU A 1 3   ? 9.045   -5.181  -13.075 1.00 59.72  ?  17  LEU A CG  1 
ATOM   21   C CD1 . LEU A 1 3   ? 9.230   -4.016  -14.045 1.00 55.63  ?  17  LEU A CD1 1 
ATOM   22   C CD2 . LEU A 1 3   ? 8.395   -4.741  -11.768 1.00 63.02  ?  17  LEU A CD2 1 
ATOM   23   N N   . ASP A 1 4   ? 7.443   -9.246  -14.494 1.00 53.12  ?  18  ASP A N   1 
ATOM   24   C CA  . ASP A 1 4   ? 6.490   -10.191 -15.057 1.00 57.14  ?  18  ASP A CA  1 
ATOM   25   C C   . ASP A 1 4   ? 6.200   -11.348 -14.097 1.00 54.51  ?  18  ASP A C   1 
ATOM   26   O O   . ASP A 1 4   ? 5.068   -11.822 -14.020 1.00 54.04  ?  18  ASP A O   1 
ATOM   27   C CB  . ASP A 1 4   ? 6.990   -10.736 -16.413 1.00 59.73  ?  18  ASP A CB  1 
ATOM   28   C CG  . ASP A 1 4   ? 6.895   -9.703  -17.553 1.00 66.13  ?  18  ASP A CG  1 
ATOM   29   O OD1 . ASP A 1 4   ? 6.410   -8.557  -17.361 1.00 68.35  ?  18  ASP A OD1 1 
ATOM   30   O OD2 . ASP A 1 4   ? 7.308   -10.052 -18.671 1.00 75.70  ?  18  ASP A OD2 1 
ATOM   31   N N   . ASP A 1 5   ? 7.226   -11.801 -13.381 1.00 53.21  ?  19  ASP A N   1 
ATOM   32   C CA  . ASP A 1 5   ? 7.063   -12.832 -12.375 1.00 53.60  ?  19  ASP A CA  1 
ATOM   33   C C   . ASP A 1 5   ? 6.227   -12.340 -11.173 1.00 48.38  ?  19  ASP A C   1 
ATOM   34   O O   . ASP A 1 5   ? 5.435   -13.109 -10.648 1.00 44.04  ?  19  ASP A O   1 
ATOM   35   C CB  . ASP A 1 5   ? 8.425   -13.368 -11.920 1.00 61.15  ?  19  ASP A CB  1 
ATOM   36   C CG  . ASP A 1 5   ? 9.144   -14.176 -13.006 1.00 70.90  ?  19  ASP A CG  1 
ATOM   37   O OD1 . ASP A 1 5   ? 8.490   -14.715 -13.939 1.00 80.14  ?  19  ASP A OD1 1 
ATOM   38   O OD2 . ASP A 1 5   ? 10.389  -14.263 -12.926 1.00 80.01  ?  19  ASP A OD2 1 
ATOM   39   N N   . ALA A 1 6   ? 6.377   -11.072 -10.781 1.00 40.61  ?  20  ALA A N   1 
ATOM   40   C CA  . ALA A 1 6   ? 5.559   -10.474 -9.720  1.00 42.33  ?  20  ALA A CA  1 
ATOM   41   C C   . ALA A 1 6   ? 4.085   -10.400 -10.057 1.00 41.66  ?  20  ALA A C   1 
ATOM   42   O O   . ALA A 1 6   ? 3.249   -10.708 -9.198  1.00 37.19  ?  20  ALA A O   1 
ATOM   43   C CB  . ALA A 1 6   ? 6.057   -9.098  -9.338  1.00 41.23  ?  20  ALA A CB  1 
ATOM   44   N N   . LYS A 1 7   ? 3.776   -10.038 -11.302 1.00 43.59  ?  21  LYS A N   1 
ATOM   45   C CA  . LYS A 1 7   ? 2.392   -9.904  -11.750 1.00 46.82  ?  21  LYS A CA  1 
ATOM   46   C C   . LYS A 1 7   ? 1.680   -11.274 -11.867 1.00 46.54  ?  21  LYS A C   1 
ATOM   47   O O   . LYS A 1 7   ? 0.522   -11.408 -11.458 1.00 42.86  ?  21  LYS A O   1 
ATOM   48   C CB  . LYS A 1 7   ? 2.293   -9.207  -13.102 1.00 49.69  ?  21  LYS A CB  1 
ATOM   49   C CG  . LYS A 1 7   ? 2.883   -7.819  -13.201 1.00 57.07  ?  21  LYS A CG  1 
ATOM   50   C CD  . LYS A 1 7   ? 2.631   -7.232  -14.599 1.00 62.78  ?  21  LYS A CD  1 
ATOM   51   C CE  . LYS A 1 7   ? 3.896   -6.720  -15.285 1.00 65.17  ?  21  LYS A CE  1 
ATOM   52   N NZ  . LYS A 1 7   ? 3.567   -5.801  -16.414 1.00 70.01  ?  21  LYS A NZ  1 
ATOM   53   N N   . ALA A 1 8   ? 2.370   -12.260 -12.435 1.00 41.16  ?  22  ALA A N   1 
ATOM   54   C CA  . ALA A 1 8   ? 1.836   -13.624 -12.559 1.00 43.61  ?  22  ALA A CA  1 
ATOM   55   C C   . ALA A 1 8   ? 1.500   -14.213 -11.174 1.00 42.81  ?  22  ALA A C   1 
ATOM   56   O O   . ALA A 1 8   ? 0.446   -14.826 -11.004 1.00 42.83  ?  22  ALA A O   1 
ATOM   57   C CB  . ALA A 1 8   ? 2.826   -14.526 -13.319 1.00 40.89  ?  22  ALA A CB  1 
ATOM   58   N N   . ARG A 1 9   ? 2.378   -13.989 -10.189 1.00 39.70  ?  23  ARG A N   1 
ATOM   59   C CA  . ARG A 1 9   ? 2.131   -14.434 -8.806  1.00 40.69  ?  23  ARG A CA  1 
ATOM   60   C C   . ARG A 1 9   ? 0.916   -13.716 -8.213  1.00 40.08  ?  23  ARG A C   1 
ATOM   61   O O   . ARG A 1 9   ? 0.068   -14.370 -7.611  1.00 41.88  ?  23  ARG A O   1 
ATOM   62   C CB  . ARG A 1 9   ? 3.337   -14.185 -7.889  1.00 42.55  ?  23  ARG A CB  1 
ATOM   63   C CG  . ARG A 1 9   ? 4.591   -14.970 -8.182  1.00 45.38  ?  23  ARG A CG  1 
ATOM   64   C CD  . ARG A 1 9   ? 4.566   -16.355 -7.591  1.00 53.26  ?  23  ARG A CD  1 
ATOM   65   N NE  . ARG A 1 9   ? 5.914   -16.961 -7.483  1.00 55.71  ?  23  ARG A NE  1 
ATOM   66   C CZ  . ARG A 1 9   ? 6.670   -17.027 -6.376  1.00 56.82  ?  23  ARG A CZ  1 
ATOM   67   N NH1 . ARG A 1 9   ? 6.275   -16.501 -5.201  1.00 51.33  ?  23  ARG A NH1 1 
ATOM   68   N NH2 . ARG A 1 9   ? 7.849   -17.647 -6.440  1.00 56.33  ?  23  ARG A NH2 1 
ATOM   69   N N   . LEU A 1 10  ? 0.850   -12.383 -8.372  1.00 38.16  ?  24  LEU A N   1 
ATOM   70   C CA  . LEU A 1 10  ? -0.250  -11.573 -7.830  1.00 36.05  ?  24  LEU A CA  1 
ATOM   71   C C   . LEU A 1 10  ? -1.615  -11.920 -8.407  1.00 35.46  ?  24  LEU A C   1 
ATOM   72   O O   . LEU A 1 10  ? -2.604  -11.920 -7.670  1.00 35.32  ?  24  LEU A O   1 
ATOM   73   C CB  . LEU A 1 10  ? -0.009  -10.069 -8.004  1.00 35.62  ?  24  LEU A CB  1 
ATOM   74   C CG  . LEU A 1 10  ? 1.050   -9.411  -7.117  1.00 36.42  ?  24  LEU A CG  1 
ATOM   75   C CD1 . LEU A 1 10  ? 1.533   -8.094  -7.706  1.00 33.27  ?  24  LEU A CD1 1 
ATOM   76   C CD2 . LEU A 1 10  ? 0.542   -9.200  -5.688  1.00 36.79  ?  24  LEU A CD2 1 
ATOM   77   N N   . ARG A 1 11  ? -1.671  -12.223 -9.695  1.00 37.39  ?  25  ARG A N   1 
ATOM   78   C CA  . ARG A 1 11  ? -2.935  -12.577 -10.356 1.00 42.57  ?  25  ARG A CA  1 
ATOM   79   C C   . ARG A 1 11  ? -3.627  -13.815 -9.762  1.00 43.64  ?  25  ARG A C   1 
ATOM   80   O O   . ARG A 1 11  ? -4.859  -13.893 -9.786  1.00 43.11  ?  25  ARG A O   1 
ATOM   81   C CB  . ARG A 1 11  ? -2.758  -12.731 -11.873 1.00 47.24  ?  25  ARG A CB  1 
ATOM   82   C CG  . ARG A 1 11  ? -2.633  -11.374 -12.570 1.00 55.69  ?  25  ARG A CG  1 
ATOM   83   C CD  . ARG A 1 11  ? -2.326  -11.462 -14.064 1.00 62.21  ?  25  ARG A CD  1 
ATOM   84   N NE  . ARG A 1 11  ? -1.902  -10.146 -14.598 1.00 73.22  ?  25  ARG A NE  1 
ATOM   85   C CZ  . ARG A 1 11  ? -0.791  -9.880  -15.322 1.00 76.17  ?  25  ARG A CZ  1 
ATOM   86   N NH1 . ARG A 1 11  ? 0.080   -10.842 -15.676 1.00 75.60  ?  25  ARG A NH1 1 
ATOM   87   N NH2 . ARG A 1 11  ? -0.549  -8.617  -15.712 1.00 71.04  ?  25  ARG A NH2 1 
ATOM   88   N N   . LYS A 1 12  ? -2.851  -14.747 -9.216  1.00 42.17  ?  26  LYS A N   1 
ATOM   89   C CA  . LYS A 1 12  ? -3.396  -15.935 -8.579  1.00 43.51  ?  26  LYS A CA  1 
ATOM   90   C C   . LYS A 1 12  ? -4.124  -15.666 -7.251  1.00 41.06  ?  26  LYS A C   1 
ATOM   91   O O   . LYS A 1 12  ? -4.826  -16.536 -6.799  1.00 39.52  ?  26  LYS A O   1 
ATOM   92   C CB  . LYS A 1 12  ? -2.295  -16.959 -8.297  1.00 50.49  ?  26  LYS A CB  1 
ATOM   93   C CG  . LYS A 1 12  ? -1.541  -17.503 -9.506  1.00 54.21  ?  26  LYS A CG  1 
ATOM   94   C CD  . LYS A 1 12  ? -0.650  -18.650 -9.050  1.00 62.27  ?  26  LYS A CD  1 
ATOM   95   C CE  . LYS A 1 12  ? 0.587   -18.843 -9.906  1.00 69.47  ?  26  LYS A CE  1 
ATOM   96   N NZ  . LYS A 1 12  ? 0.218   -19.413 -11.224 1.00 71.25  ?  26  LYS A NZ  1 
ATOM   97   N N   . TYR A 1 13  ? -3.948  -14.498 -6.616  1.00 38.52  ?  27  TYR A N   1 
ATOM   98   C CA  . TYR A 1 13  ? -4.660  -14.169 -5.372  1.00 34.82  ?  27  TYR A CA  1 
ATOM   99   C C   . TYR A 1 13  ? -5.772  -13.113 -5.552  1.00 34.78  ?  27  TYR A C   1 
ATOM   100  O O   . TYR A 1 13  ? -6.343  -12.615 -4.560  1.00 34.43  ?  27  TYR A O   1 
ATOM   101  C CB  . TYR A 1 13  ? -3.658  -13.739 -4.300  1.00 34.46  ?  27  TYR A CB  1 
ATOM   102  C CG  . TYR A 1 13  ? -2.625  -14.806 -3.988  1.00 35.21  ?  27  TYR A CG  1 
ATOM   103  C CD1 . TYR A 1 13  ? -1.528  -14.981 -4.821  1.00 35.73  ?  27  TYR A CD1 1 
ATOM   104  C CD2 . TYR A 1 13  ? -2.742  -15.642 -2.865  1.00 34.82  ?  27  TYR A CD2 1 
ATOM   105  C CE1 . TYR A 1 13  ? -0.579  -15.957 -4.571  1.00 35.51  ?  27  TYR A CE1 1 
ATOM   106  C CE2 . TYR A 1 13  ? -1.783  -16.625 -2.604  1.00 38.28  ?  27  TYR A CE2 1 
ATOM   107  C CZ  . TYR A 1 13  ? -0.709  -16.776 -3.480  1.00 38.42  ?  27  TYR A CZ  1 
ATOM   108  O OH  . TYR A 1 13  ? 0.280   -17.706 -3.265  1.00 42.89  ?  27  TYR A OH  1 
ATOM   109  N N   . ASP A 1 14  ? -6.088  -12.818 -6.806  1.00 35.99  ?  28  ASP A N   1 
ATOM   110  C CA  . ASP A 1 14  ? -7.068  -11.805 -7.195  1.00 42.81  ?  28  ASP A CA  1 
ATOM   111  C C   . ASP A 1 14  ? -8.480  -12.334 -6.944  1.00 46.52  ?  28  ASP A C   1 
ATOM   112  O O   . ASP A 1 14  ? -8.894  -13.323 -7.549  1.00 45.11  ?  28  ASP A O   1 
ATOM   113  C CB  . ASP A 1 14  ? -6.923  -11.497 -8.702  1.00 42.77  ?  28  ASP A CB  1 
ATOM   114  C CG  . ASP A 1 14  ? -7.738  -10.275 -9.168  1.00 44.94  ?  28  ASP A CG  1 
ATOM   115  O OD1 . ASP A 1 14  ? -8.171  -9.415  -8.373  1.00 46.91  ?  28  ASP A OD1 1 
ATOM   116  O OD2 . ASP A 1 14  ? -7.890  -10.144 -10.382 1.00 48.52  ?  28  ASP A OD2 1 
ATOM   117  N N   . ILE A 1 15  ? -9.204  -11.675 -6.054  1.00 50.90  ?  29  ILE A N   1 
ATOM   118  C CA  . ILE A 1 15  ? -10.597 -12.012 -5.809  1.00 59.41  ?  29  ILE A CA  1 
ATOM   119  C C   . ILE A 1 15  ? -11.580 -11.313 -6.775  1.00 56.37  ?  29  ILE A C   1 
ATOM   120  O O   . ILE A 1 15  ? -12.730 -11.697 -6.833  1.00 63.35  ?  29  ILE A O   1 
ATOM   121  C CB  . ILE A 1 15  ? -10.979 -11.789 -4.320  1.00 63.96  ?  29  ILE A CB  1 
ATOM   122  C CG1 . ILE A 1 15  ? -11.166 -10.316 -3.978  1.00 62.88  ?  29  ILE A CG1 1 
ATOM   123  C CG2 . ILE A 1 15  ? -9.931  -12.410 -3.388  1.00 65.89  ?  29  ILE A CG2 1 
ATOM   124  C CD1 . ILE A 1 15  ? -12.107 -10.125 -2.808  1.00 68.33  ?  29  ILE A CD1 1 
ATOM   125  N N   . GLY A 1 16  ? -11.124 -10.302 -7.525  1.00 60.36  ?  30  GLY A N   1 
ATOM   126  C CA  . GLY A 1 16  ? -11.986 -9.510  -8.435  1.00 60.50  ?  30  GLY A CA  1 
ATOM   127  C C   . GLY A 1 16  ? -13.033 -8.580  -7.788  1.00 60.64  ?  30  GLY A C   1 
ATOM   128  O O   . GLY A 1 16  ? -12.767 -7.918  -6.756  1.00 56.46  ?  30  GLY A O   1 
ATOM   129  N N   . GLY A 1 17  ? -14.219 -8.523  -8.413  1.00 57.30  ?  31  GLY A N   1 
ATOM   130  C CA  . GLY A 1 17  ? -15.358 -7.719  -7.942  1.00 55.20  ?  31  GLY A CA  1 
ATOM   131  C C   . GLY A 1 17  ? -16.359 -8.442  -7.039  1.00 52.70  ?  31  GLY A C   1 
ATOM   132  O O   . GLY A 1 17  ? -17.344 -7.855  -6.592  1.00 47.97  ?  31  GLY A O   1 
ATOM   133  N N   . LYS A 1 18  ? -16.085 -9.715  -6.785  1.00 54.47  ?  32  LYS A N   1 
ATOM   134  C CA  . LYS A 1 18  ? -16.804 -10.587 -5.829  1.00 54.40  ?  32  LYS A CA  1 
ATOM   135  C C   . LYS A 1 18  ? -17.458 -9.934  -4.571  1.00 48.20  ?  32  LYS A C   1 
ATOM   136  O O   . LYS A 1 18  ? -18.652 -10.111 -4.339  1.00 46.35  ?  32  LYS A O   1 
ATOM   137  C CB  . LYS A 1 18  ? -15.820 -11.698 -5.420  1.00 55.38  ?  32  LYS A CB  1 
ATOM   138  C CG  . LYS A 1 18  ? -16.455 -12.881 -4.720  1.00 64.53  ?  32  LYS A CG  1 
ATOM   139  C CD  . LYS A 1 18  ? -15.630 -14.150 -4.873  1.00 62.45  ?  32  LYS A CD  1 
ATOM   140  C CE  . LYS A 1 18  ? -15.842 -14.768 -6.243  1.00 65.74  ?  32  LYS A CE  1 
ATOM   141  N NZ  . LYS A 1 18  ? -15.291 -16.142 -6.311  1.00 68.24  ?  32  LYS A NZ  1 
ATOM   142  N N   . TYR A 1 19  ? -16.692 -9.160  -3.799  1.00 43.87  ?  33  TYR A N   1 
ATOM   143  C CA  . TYR A 1 19  ? -17.184 -8.503  -2.582  1.00 39.15  ?  33  TYR A CA  1 
ATOM   144  C C   . TYR A 1 19  ? -17.514 -6.996  -2.759  1.00 42.61  ?  33  TYR A C   1 
ATOM   145  O O   . TYR A 1 19  ? -17.843 -6.288  -1.770  1.00 39.31  ?  33  TYR A O   1 
ATOM   146  C CB  . TYR A 1 19  ? -16.170 -8.704  -1.438  1.00 37.77  ?  33  TYR A CB  1 
ATOM   147  C CG  . TYR A 1 19  ? -16.156 -10.112 -0.827  1.00 36.28  ?  33  TYR A CG  1 
ATOM   148  C CD1 . TYR A 1 19  ? -15.635 -11.196 -1.523  1.00 36.05  ?  33  TYR A CD1 1 
ATOM   149  C CD2 . TYR A 1 19  ? -16.673 -10.358 0.444   1.00 37.97  ?  33  TYR A CD2 1 
ATOM   150  C CE1 . TYR A 1 19  ? -15.608 -12.476 -0.965  1.00 38.57  ?  33  TYR A CE1 1 
ATOM   151  C CE2 . TYR A 1 19  ? -16.648 -11.644 1.013   1.00 36.47  ?  33  TYR A CE2 1 
ATOM   152  C CZ  . TYR A 1 19  ? -16.120 -12.691 0.316   1.00 36.43  ?  33  TYR A CZ  1 
ATOM   153  O OH  . TYR A 1 19  ? -16.095 -13.951 0.858   1.00 35.73  ?  33  TYR A OH  1 
ATOM   154  N N   . SER A 1 20  ? -17.518 -6.519  -4.007  1.00 41.43  ?  34  SER A N   1 
ATOM   155  C CA  . SER A 1 20  ? -17.593 -5.073  -4.268  1.00 45.33  ?  34  SER A CA  1 
ATOM   156  C C   . SER A 1 20  ? -18.988 -4.448  -4.165  1.00 45.32  ?  34  SER A C   1 
ATOM   157  O O   . SER A 1 20  ? -19.087 -3.252  -3.885  1.00 48.28  ?  34  SER A O   1 
ATOM   158  C CB  . SER A 1 20  ? -17.009 -4.740  -5.643  1.00 46.61  ?  34  SER A CB  1 
ATOM   159  O OG  . SER A 1 20  ? -17.816 -5.271  -6.697  1.00 48.03  ?  34  SER A OG  1 
ATOM   160  N N   . HIS A 1 21  ? -20.049 -5.222  -4.389  1.00 44.03  ?  35  HIS A N   1 
ATOM   161  C CA  . HIS A 1 21  ? -21.408 -4.653  -4.345  1.00 50.16  ?  35  HIS A CA  1 
ATOM   162  C C   . HIS A 1 21  ? -22.050 -4.604  -2.918  1.00 48.31  ?  35  HIS A C   1 
ATOM   163  O O   . HIS A 1 21  ? -23.044 -3.913  -2.720  1.00 47.12  ?  35  HIS A O   1 
ATOM   164  C CB  . HIS A 1 21  ? -22.325 -5.383  -5.323  1.00 57.54  ?  35  HIS A CB  1 
ATOM   165  C CG  . HIS A 1 21  ? -23.117 -6.485  -4.688  1.00 76.61  ?  35  HIS A CG  1 
ATOM   166  N ND1 . HIS A 1 21  ? -22.563 -7.704  -4.354  1.00 78.16  ?  35  HIS A ND1 1 
ATOM   167  C CD2 . HIS A 1 21  ? -24.414 -6.539  -4.294  1.00 83.68  ?  35  HIS A CD2 1 
ATOM   168  C CE1 . HIS A 1 21  ? -23.489 -8.464  -3.801  1.00 78.21  ?  35  HIS A CE1 1 
ATOM   169  N NE2 . HIS A 1 21  ? -24.621 -7.782  -3.750  1.00 82.23  ?  35  HIS A NE2 1 
ATOM   170  N N   . LEU A 1 22  ? -21.489 -5.320  -1.938  1.00 42.63  ?  36  LEU A N   1 
ATOM   171  C CA  . LEU A 1 22  ? -22.081 -5.402  -0.602  1.00 39.83  ?  36  LEU A CA  1 
ATOM   172  C C   . LEU A 1 22  ? -22.272 -4.008  0.030   1.00 42.06  ?  36  LEU A C   1 
ATOM   173  O O   . LEU A 1 22  ? -21.490 -3.096  -0.230  1.00 38.43  ?  36  LEU A O   1 
ATOM   174  C CB  . LEU A 1 22  ? -21.240 -6.306  0.318   1.00 37.92  ?  36  LEU A CB  1 
ATOM   175  C CG  . LEU A 1 22  ? -21.273 -7.799  -0.051  1.00 36.08  ?  36  LEU A CG  1 
ATOM   176  C CD1 . LEU A 1 22  ? -20.133 -8.550  0.593   1.00 35.82  ?  36  LEU A CD1 1 
ATOM   177  C CD2 . LEU A 1 22  ? -22.587 -8.422  0.359   1.00 38.68  ?  36  LEU A CD2 1 
ATOM   178  N N   . PRO A 1 23  ? -23.318 -3.842  0.872   1.00 44.29  ?  37  PRO A N   1 
ATOM   179  C CA  . PRO A 1 23  ? -23.734 -2.489  1.309   1.00 41.85  ?  37  PRO A CA  1 
ATOM   180  C C   . PRO A 1 23  ? -22.928 -1.902  2.488   1.00 39.86  ?  37  PRO A C   1 
ATOM   181  O O   . PRO A 1 23  ? -23.481 -1.508  3.504   1.00 38.23  ?  37  PRO A O   1 
ATOM   182  C CB  . PRO A 1 23  ? -25.221 -2.703  1.664   1.00 42.60  ?  37  PRO A CB  1 
ATOM   183  C CG  . PRO A 1 23  ? -25.253 -4.102  2.200   1.00 43.79  ?  37  PRO A CG  1 
ATOM   184  C CD  . PRO A 1 23  ? -24.229 -4.886  1.392   1.00 41.80  ?  37  PRO A CD  1 
ATOM   185  N N   . TYR A 1 24  ? -21.621 -1.769  2.326   1.00 39.71  ?  38  TYR A N   1 
ATOM   186  C CA  . TYR A 1 24  ? -20.763 -1.230  3.409   1.00 35.29  ?  38  TYR A CA  1 
ATOM   187  C C   . TYR A 1 24  ? -20.475 0.269   3.223   1.00 32.10  ?  38  TYR A C   1 
ATOM   188  O O   . TYR A 1 24  ? -20.746 0.802   2.159   1.00 29.75  ?  38  TYR A O   1 
ATOM   189  C CB  . TYR A 1 24  ? -19.462 -2.024  3.405   1.00 34.62  ?  38  TYR A CB  1 
ATOM   190  C CG  . TYR A 1 24  ? -19.574 -3.394  4.003   1.00 33.79  ?  38  TYR A CG  1 
ATOM   191  C CD1 . TYR A 1 24  ? -19.607 -3.546  5.370   1.00 36.44  ?  38  TYR A CD1 1 
ATOM   192  C CD2 . TYR A 1 24  ? -19.578 -4.538  3.225   1.00 35.20  ?  38  TYR A CD2 1 
ATOM   193  C CE1 . TYR A 1 24  ? -19.682 -4.800  5.960   1.00 37.17  ?  38  TYR A CE1 1 
ATOM   194  C CE2 . TYR A 1 24  ? -19.649 -5.802  3.810   1.00 37.36  ?  38  TYR A CE2 1 
ATOM   195  C CZ  . TYR A 1 24  ? -19.708 -5.922  5.182   1.00 36.47  ?  38  TYR A CZ  1 
ATOM   196  O OH  . TYR A 1 24  ? -19.777 -7.149  5.804   1.00 40.84  ?  38  TYR A OH  1 
ATOM   197  N N   . ASN A 1 25  ? -19.950 0.941   4.247   1.00 32.23  ?  39  ASN A N   1 
ATOM   198  C CA  . ASN A 1 25  ? -19.157 2.181   4.066   1.00 35.61  ?  39  ASN A CA  1 
ATOM   199  C C   . ASN A 1 25  ? -17.817 1.764   3.427   1.00 36.35  ?  39  ASN A C   1 
ATOM   200  O O   . ASN A 1 25  ? -17.090 0.959   4.030   1.00 32.54  ?  39  ASN A O   1 
ATOM   201  C CB  . ASN A 1 25  ? -18.825 2.848   5.414   1.00 39.78  ?  39  ASN A CB  1 
ATOM   202  C CG  . ASN A 1 25  ? -20.045 3.473   6.091   1.00 43.43  ?  39  ASN A CG  1 
ATOM   203  O OD1 . ASN A 1 25  ? -20.833 4.151   5.453   1.00 47.30  ?  39  ASN A OD1 1 
ATOM   204  N ND2 . ASN A 1 25  ? -20.183 3.262   7.396   1.00 47.05  ?  39  ASN A ND2 1 
ATOM   205  N N   . LYS A 1 26  ? -17.518 2.267   2.226   1.00 35.02  ?  40  LYS A N   1 
ATOM   206  C CA  . LYS A 1 26  ? -16.442 1.745   1.376   1.00 36.08  ?  40  LYS A CA  1 
ATOM   207  C C   . LYS A 1 26  ? -15.212 2.647   1.244   1.00 38.15  ?  40  LYS A C   1 
ATOM   208  O O   . LYS A 1 26  ? -15.342 3.835   0.930   1.00 37.83  ?  40  LYS A O   1 
ATOM   209  C CB  . LYS A 1 26  ? -16.993 1.433   -0.010  1.00 38.89  ?  40  LYS A CB  1 
ATOM   210  C CG  . LYS A 1 26  ? -17.965 0.252   0.020   1.00 40.97  ?  40  LYS A CG  1 
ATOM   211  C CD  . LYS A 1 26  ? -18.687 0.006   -1.294  1.00 40.94  ?  40  LYS A CD  1 
ATOM   212  C CE  . LYS A 1 26  ? -17.743 -0.523  -2.375  1.00 45.50  ?  40  LYS A CE  1 
ATOM   213  N NZ  . LYS A 1 26  ? -16.855 -1.679  -1.995  1.00 43.26  ?  40  LYS A NZ  1 
ATOM   214  N N   . TYR A 1 27  ? -14.031 2.058   1.501   1.00 38.55  ?  41  TYR A N   1 
ATOM   215  C CA  . TYR A 1 27  ? -12.709 2.691   1.345   1.00 37.32  ?  41  TYR A CA  1 
ATOM   216  C C   . TYR A 1 27  ? -11.812 1.751   0.535   1.00 36.98  ?  41  TYR A C   1 
ATOM   217  O O   . TYR A 1 27  ? -11.967 0.547   0.655   1.00 32.74  ?  41  TYR A O   1 
ATOM   218  C CB  . TYR A 1 27  ? -12.024 2.911   2.691   1.00 37.88  ?  41  TYR A CB  1 
ATOM   219  C CG  . TYR A 1 27  ? -12.709 3.877   3.596   1.00 38.52  ?  41  TYR A CG  1 
ATOM   220  C CD1 . TYR A 1 27  ? -13.938 3.550   4.201   1.00 41.05  ?  41  TYR A CD1 1 
ATOM   221  C CD2 . TYR A 1 27  ? -12.136 5.124   3.876   1.00 39.92  ?  41  TYR A CD2 1 
ATOM   222  C CE1 . TYR A 1 27  ? -14.585 4.448   5.027   1.00 41.37  ?  41  TYR A CE1 1 
ATOM   223  C CE2 . TYR A 1 27  ? -12.771 6.032   4.713   1.00 39.90  ?  41  TYR A CE2 1 
ATOM   224  C CZ  . TYR A 1 27  ? -13.987 5.685   5.284   1.00 43.40  ?  41  TYR A CZ  1 
ATOM   225  O OH  . TYR A 1 27  ? -14.622 6.574   6.109   1.00 48.92  ?  41  TYR A OH  1 
ATOM   226  N N   . SER A 1 28  ? -10.894 2.320   -0.272  1.00 33.92  ?  42  SER A N   1 
ATOM   227  C CA  . SER A 1 28  ? -9.898  1.587   -1.055  1.00 31.85  ?  42  SER A CA  1 
ATOM   228  C C   . SER A 1 28  ? -8.485  2.083   -0.696  1.00 32.31  ?  42  SER A C   1 
ATOM   229  O O   . SER A 1 28  ? -8.322  3.243   -0.283  1.00 32.27  ?  42  SER A O   1 
ATOM   230  C CB  . SER A 1 28  ? -10.101 1.761   -2.547  1.00 34.54  ?  42  SER A CB  1 
ATOM   231  O OG  . SER A 1 28  ? -11.290 1.168   -3.023  1.00 37.72  ?  42  SER A OG  1 
ATOM   232  N N   . VAL A 1 29  ? -7.489  1.188   -0.797  1.00 30.24  ?  43  VAL A N   1 
ATOM   233  C CA  . VAL A 1 29  ? -6.085  1.559   -0.653  1.00 30.15  ?  43  VAL A CA  1 
ATOM   234  C C   . VAL A 1 29  ? -5.293  1.029   -1.840  1.00 31.55  ?  43  VAL A C   1 
ATOM   235  O O   . VAL A 1 29  ? -5.673  0.009   -2.419  1.00 31.24  ?  43  VAL A O   1 
ATOM   236  C CB  . VAL A 1 29  ? -5.431  1.084   0.660   1.00 31.74  ?  43  VAL A CB  1 
ATOM   237  C CG1 . VAL A 1 29  ? -5.990  1.840   1.860   1.00 31.84  ?  43  VAL A CG1 1 
ATOM   238  C CG2 . VAL A 1 29  ? -5.532  -0.424  0.860   1.00 31.69  ?  43  VAL A CG2 1 
ATOM   239  N N   . LEU A 1 30  ? -4.231  1.761   -2.219  1.00 30.55  ?  44  LEU A N   1 
ATOM   240  C CA  . LEU A 1 30  ? -3.239  1.302   -3.206  1.00 32.01  ?  44  LEU A CA  1 
ATOM   241  C C   . LEU A 1 30  ? -1.947  0.832   -2.522  1.00 30.07  ?  44  LEU A C   1 
ATOM   242  O O   . LEU A 1 30  ? -1.392  1.550   -1.740  1.00 32.53  ?  44  LEU A O   1 
ATOM   243  C CB  . LEU A 1 30  ? -2.892  2.432   -4.178  1.00 32.45  ?  44  LEU A CB  1 
ATOM   244  C CG  . LEU A 1 30  ? -2.044  2.060   -5.404  1.00 31.82  ?  44  LEU A CG  1 
ATOM   245  C CD1 . LEU A 1 30  ? -2.806  1.164   -6.348  1.00 31.87  ?  44  LEU A CD1 1 
ATOM   246  C CD2 . LEU A 1 30  ? -1.569  3.311   -6.134  1.00 33.31  ?  44  LEU A CD2 1 
ATOM   247  N N   . LEU A 1 31  ? -1.489  -0.367  -2.837  1.00 29.83  ?  45  LEU A N   1 
ATOM   248  C CA  . LEU A 1 31  ? -0.179  -0.876  -2.398  1.00 30.99  ?  45  LEU A CA  1 
ATOM   249  C C   . LEU A 1 31  ? 0.786   -0.687  -3.604  1.00 30.00  ?  45  LEU A C   1 
ATOM   250  O O   . LEU A 1 31  ? 0.729   -1.466  -4.559  1.00 27.77  ?  45  LEU A O   1 
ATOM   251  C CB  . LEU A 1 31  ? -0.300  -2.359  -2.026  1.00 31.02  ?  45  LEU A CB  1 
ATOM   252  C CG  . LEU A 1 31  ? -1.029  -2.801  -0.729  1.00 34.57  ?  45  LEU A CG  1 
ATOM   253  C CD1 . LEU A 1 31  ? -2.149  -1.907  -0.252  1.00 34.56  ?  45  LEU A CD1 1 
ATOM   254  C CD2 . LEU A 1 31  ? -1.601  -4.207  -0.897  1.00 40.24  ?  45  LEU A CD2 1 
ATOM   255  N N   . PRO A 1 32  ? 1.597   0.390   -3.608  1.00 28.51  ?  46  PRO A N   1 
ATOM   256  C CA  . PRO A 1 32  ? 2.365   0.715   -4.812  1.00 28.56  ?  46  PRO A CA  1 
ATOM   257  C C   . PRO A 1 32  ? 3.742   0.020   -4.835  1.00 29.83  ?  46  PRO A C   1 
ATOM   258  O O   . PRO A 1 32  ? 4.518   0.227   -3.916  1.00 28.33  ?  46  PRO A O   1 
ATOM   259  C CB  . PRO A 1 32  ? 2.517   2.244   -4.709  1.00 29.31  ?  46  PRO A CB  1 
ATOM   260  C CG  . PRO A 1 32  ? 1.775   2.679   -3.464  1.00 30.24  ?  46  PRO A CG  1 
ATOM   261  C CD  . PRO A 1 32  ? 1.797   1.446   -2.597  1.00 29.45  ?  46  PRO A CD  1 
ATOM   262  N N   . LEU A 1 33  ? 3.987   -0.843  -5.823  1.00 30.85  ?  47  LEU A N   1 
ATOM   263  C CA  . LEU A 1 33  ? 5.282   -1.519  -6.010  1.00 35.80  ?  47  LEU A CA  1 
ATOM   264  C C   . LEU A 1 33  ? 6.168   -0.717  -6.934  1.00 35.13  ?  47  LEU A C   1 
ATOM   265  O O   . LEU A 1 33  ? 5.747   -0.411  -8.045  1.00 34.19  ?  47  LEU A O   1 
ATOM   266  C CB  . LEU A 1 33  ? 5.153   -2.899  -6.679  1.00 35.49  ?  47  LEU A CB  1 
ATOM   267  C CG  . LEU A 1 33  ? 4.610   -4.011  -5.801  1.00 39.85  ?  47  LEU A CG  1 
ATOM   268  C CD1 . LEU A 1 33  ? 4.263   -5.213  -6.671  1.00 40.98  ?  47  LEU A CD1 1 
ATOM   269  C CD2 . LEU A 1 33  ? 5.583   -4.382  -4.685  1.00 41.02  ?  47  LEU A CD2 1 
ATOM   270  N N   . VAL A 1 34  ? 7.404   -0.504  -6.488  1.00 34.97  ?  48  VAL A N   1 
ATOM   271  C CA  . VAL A 1 34  ? 8.435   0.274   -7.156  1.00 38.47  ?  48  VAL A CA  1 
ATOM   272  C C   . VAL A 1 34  ? 9.700   -0.583  -7.273  1.00 38.34  ?  48  VAL A C   1 
ATOM   273  O O   . VAL A 1 34  ? 10.179  -1.103  -6.261  1.00 35.57  ?  48  VAL A O   1 
ATOM   274  C CB  . VAL A 1 34  ? 8.792   1.511   -6.289  1.00 40.54  ?  48  VAL A CB  1 
ATOM   275  C CG1 . VAL A 1 34  ? 9.847   2.370   -6.955  1.00 41.74  ?  48  VAL A CG1 1 
ATOM   276  C CG2 . VAL A 1 34  ? 7.553   2.353   -6.015  1.00 45.43  ?  48  VAL A CG2 1 
ATOM   277  N N   . ALA A 1 35  ? 10.250  -0.692  -8.480  1.00 36.99  ?  49  ALA A N   1 
ATOM   278  C CA  . ALA A 1 35  ? 11.572  -1.298  -8.706  1.00 41.39  ?  49  ALA A CA  1 
ATOM   279  C C   . ALA A 1 35  ? 12.723  -0.283  -8.611  1.00 44.98  ?  49  ALA A C   1 
ATOM   280  O O   . ALA A 1 35  ? 12.739  0.661   -9.377  1.00 52.09  ?  49  ALA A O   1 
ATOM   281  C CB  . ALA A 1 35  ? 11.604  -1.954  -10.072 1.00 41.57  ?  49  ALA A CB  1 
ATOM   282  N N   . LYS A 1 36  ? 13.673  -0.498  -7.687  1.00 50.85  ?  50  LYS A N   1 
ATOM   283  C CA  . LYS A 1 36  ? 14.915  0.299   -7.540  1.00 51.83  ?  50  LYS A CA  1 
ATOM   284  C C   . LYS A 1 36  ? 16.087  -0.623  -7.241  1.00 52.04  ?  50  LYS A C   1 
ATOM   285  O O   . LYS A 1 36  ? 16.007  -1.472  -6.346  1.00 45.70  ?  50  LYS A O   1 
ATOM   286  C CB  . LYS A 1 36  ? 14.851  1.296   -6.376  1.00 57.64  ?  50  LYS A CB  1 
ATOM   287  C CG  . LYS A 1 36  ? 13.994  2.528   -6.609  1.00 66.88  ?  50  LYS A CG  1 
ATOM   288  C CD  . LYS A 1 36  ? 14.620  3.513   -7.593  1.00 74.18  ?  50  LYS A CD  1 
ATOM   289  C CE  . LYS A 1 36  ? 13.966  4.898   -7.540  1.00 80.18  ?  50  LYS A CE  1 
ATOM   290  N NZ  . LYS A 1 36  ? 12.580  4.937   -8.094  1.00 80.19  ?  50  LYS A NZ  1 
ATOM   291  N N   . GLU A 1 37  ? 17.176  -0.430  -7.981  1.00 49.07  ?  51  GLU A N   1 
ATOM   292  C CA  . GLU A 1 37  ? 18.453  -1.088  -7.739  1.00 46.59  ?  51  GLU A CA  1 
ATOM   293  C C   . GLU A 1 37  ? 18.354  -2.573  -7.762  1.00 42.22  ?  51  GLU A C   1 
ATOM   294  O O   . GLU A 1 37  ? 18.937  -3.241  -6.913  1.00 43.75  ?  51  GLU A O   1 
ATOM   295  C CB  . GLU A 1 37  ? 19.059  -0.608  -6.413  1.00 53.93  ?  51  GLU A CB  1 
ATOM   296  C CG  . GLU A 1 37  ? 18.896  0.894   -6.244  1.00 62.36  ?  51  GLU A CG  1 
ATOM   297  C CD  . GLU A 1 37  ? 19.911  1.541   -5.339  1.00 72.70  ?  51  GLU A CD  1 
ATOM   298  O OE1 . GLU A 1 37  ? 19.950  2.795   -5.343  1.00 80.57  ?  51  GLU A OE1 1 
ATOM   299  O OE2 . GLU A 1 37  ? 20.655  0.821   -4.634  1.00 81.80  ?  51  GLU A OE2 1 
ATOM   300  N N   . GLY A 1 38  ? 17.618  -3.080  -8.748  1.00 40.89  ?  52  GLY A N   1 
ATOM   301  C CA  . GLY A 1 38  ? 17.355  -4.502  -8.906  1.00 41.98  ?  52  GLY A CA  1 
ATOM   302  C C   . GLY A 1 38  ? 16.288  -5.164  -8.007  1.00 46.65  ?  52  GLY A C   1 
ATOM   303  O O   . GLY A 1 38  ? 16.086  -6.368  -8.124  1.00 47.54  ?  52  GLY A O   1 
ATOM   304  N N   . LYS A 1 39  ? 15.590  -4.422  -7.137  1.00 44.43  ?  53  LYS A N   1 
ATOM   305  C CA  . LYS A 1 39  ? 14.680  -5.047  -6.141  1.00 48.01  ?  53  LYS A CA  1 
ATOM   306  C C   . LYS A 1 39  ? 13.313  -4.354  -6.024  1.00 44.26  ?  53  LYS A C   1 
ATOM   307  O O   . LYS A 1 39  ? 13.174  -3.157  -6.337  1.00 42.93  ?  53  LYS A O   1 
ATOM   308  C CB  . LYS A 1 39  ? 15.384  -5.102  -4.773  1.00 53.02  ?  53  LYS A CB  1 
ATOM   309  C CG  . LYS A 1 39  ? 16.473  -6.191  -4.721  1.00 61.18  ?  53  LYS A CG  1 
ATOM   310  C CD  . LYS A 1 39  ? 17.618  -5.999  -3.717  1.00 68.05  ?  53  LYS A CD  1 
ATOM   311  C CE  . LYS A 1 39  ? 18.193  -4.583  -3.647  1.00 74.76  ?  53  LYS A CE  1 
ATOM   312  N NZ  . LYS A 1 39  ? 17.485  -3.732  -2.632  1.00 80.32  ?  53  LYS A NZ  1 
ATOM   313  N N   . LEU A 1 40  ? 12.305  -5.099  -5.575  1.00 39.65  ?  54  LEU A N   1 
ATOM   314  C CA  . LEU A 1 40  ? 10.963  -4.520  -5.420  1.00 35.83  ?  54  LEU A CA  1 
ATOM   315  C C   . LEU A 1 40  ? 10.878  -3.830  -4.073  1.00 32.62  ?  54  LEU A C   1 
ATOM   316  O O   . LEU A 1 40  ? 11.477  -4.297  -3.094  1.00 31.88  ?  54  LEU A O   1 
ATOM   317  C CB  . LEU A 1 40  ? 9.863   -5.564  -5.576  1.00 36.55  ?  54  LEU A CB  1 
ATOM   318  C CG  . LEU A 1 40  ? 9.713   -6.163  -6.980  1.00 38.74  ?  54  LEU A CG  1 
ATOM   319  C CD1 . LEU A 1 40  ? 8.794   -7.360  -6.913  1.00 40.30  ?  54  LEU A CD1 1 
ATOM   320  C CD2 . LEU A 1 40  ? 9.210   -5.146  -8.004  1.00 40.28  ?  54  LEU A CD2 1 
ATOM   321  N N   . HIS A 1 41  ? 10.154  -2.712  -4.048  1.00 30.46  ?  55  HIS A N   1 
ATOM   322  C CA  . HIS A 1 41  ? 9.906   -1.909  -2.848  1.00 31.65  ?  55  HIS A CA  1 
ATOM   323  C C   . HIS A 1 41  ? 8.408   -1.563  -2.761  1.00 31.52  ?  55  HIS A C   1 
ATOM   324  O O   . HIS A 1 41  ? 7.722   -1.480  -3.781  1.00 30.90  ?  55  HIS A O   1 
ATOM   325  C CB  . HIS A 1 41  ? 10.671  -0.566  -2.910  1.00 32.69  ?  55  HIS A CB  1 
ATOM   326  C CG  . HIS A 1 41  ? 12.160  -0.705  -2.905  1.00 36.04  ?  55  HIS A CG  1 
ATOM   327  N ND1 . HIS A 1 41  ? 12.871  -1.243  -3.965  1.00 39.68  ?  55  HIS A ND1 1 
ATOM   328  C CD2 . HIS A 1 41  ? 13.079  -0.346  -1.980  1.00 35.61  ?  55  HIS A CD2 1 
ATOM   329  C CE1 . HIS A 1 41  ? 14.155  -1.241  -3.669  1.00 36.33  ?  55  HIS A CE1 1 
ATOM   330  N NE2 . HIS A 1 41  ? 14.312  -0.691  -2.477  1.00 35.98  ?  55  HIS A NE2 1 
ATOM   331  N N   . LEU A 1 42  ? 7.921   -1.320  -1.544  1.00 31.95  ?  56  LEU A N   1 
ATOM   332  C CA  . LEU A 1 42  ? 6.585   -0.757  -1.318  1.00 30.98  ?  56  LEU A CA  1 
ATOM   333  C C   . LEU A 1 42  ? 6.712   0.718   -0.930  1.00 32.46  ?  56  LEU A C   1 
ATOM   334  O O   . LEU A 1 42  ? 7.579   1.088   -0.128  1.00 32.97  ?  56  LEU A O   1 
ATOM   335  C CB  . LEU A 1 42  ? 5.843   -1.534  -0.195  1.00 31.74  ?  56  LEU A CB  1 
ATOM   336  C CG  . LEU A 1 42  ? 5.129   -2.841  -0.571  1.00 31.10  ?  56  LEU A CG  1 
ATOM   337  C CD1 . LEU A 1 42  ? 4.673   -3.623  0.661   1.00 32.16  ?  56  LEU A CD1 1 
ATOM   338  C CD2 . LEU A 1 42  ? 3.931   -2.579  -1.466  1.00 31.10  ?  56  LEU A CD2 1 
ATOM   339  N N   . LEU A 1 43  ? 5.832   1.549   -1.479  1.00 33.57  ?  57  LEU A N   1 
ATOM   340  C CA  . LEU A 1 43  ? 5.728   2.969   -1.103  1.00 34.85  ?  57  LEU A CA  1 
ATOM   341  C C   . LEU A 1 43  ? 4.679   3.205   0.003   1.00 34.02  ?  57  LEU A C   1 
ATOM   342  O O   . LEU A 1 43  ? 3.520   2.773   -0.138  1.00 29.64  ?  57  LEU A O   1 
ATOM   343  C CB  . LEU A 1 43  ? 5.360   3.798   -2.339  1.00 36.69  ?  57  LEU A CB  1 
ATOM   344  C CG  . LEU A 1 43  ? 5.340   5.331   -2.170  1.00 40.56  ?  57  LEU A CG  1 
ATOM   345  C CD1 . LEU A 1 43  ? 5.873   6.022   -3.417  1.00 42.16  ?  57  LEU A CD1 1 
ATOM   346  C CD2 . LEU A 1 43  ? 3.944   5.849   -1.898  1.00 43.11  ?  57  LEU A CD2 1 
ATOM   347  N N   . PHE A 1 44  ? 5.098   3.928   1.050   1.00 33.35  ?  58  PHE A N   1 
ATOM   348  C CA  . PHE A 1 44  ? 4.289   4.295   2.204   1.00 32.95  ?  58  PHE A CA  1 
ATOM   349  C C   . PHE A 1 44  ? 4.181   5.822   2.353   1.00 39.47  ?  58  PHE A C   1 
ATOM   350  O O   . PHE A 1 44  ? 5.038   6.575   1.851   1.00 38.75  ?  58  PHE A O   1 
ATOM   351  C CB  . PHE A 1 44  ? 4.943   3.745   3.459   1.00 34.71  ?  58  PHE A CB  1 
ATOM   352  C CG  . PHE A 1 44  ? 4.998   2.228   3.511   1.00 35.46  ?  58  PHE A CG  1 
ATOM   353  C CD1 . PHE A 1 44  ? 3.949   1.499   4.077   1.00 33.09  ?  58  PHE A CD1 1 
ATOM   354  C CD2 . PHE A 1 44  ? 6.079   1.533   2.971   1.00 33.87  ?  58  PHE A CD2 1 
ATOM   355  C CE1 . PHE A 1 44  ? 3.992   0.123   4.119   1.00 34.47  ?  58  PHE A CE1 1 
ATOM   356  C CE2 . PHE A 1 44  ? 6.125   0.161   3.017   1.00 35.54  ?  58  PHE A CE2 1 
ATOM   357  C CZ  . PHE A 1 44  ? 5.078   -0.552  3.598   1.00 35.74  ?  58  PHE A CZ  1 
ATOM   358  N N   . THR A 1 45  ? 3.120   6.271   3.037   1.00 38.69  ?  59  THR A N   1 
ATOM   359  C CA  . THR A 1 45  ? 2.955   7.679   3.447   1.00 38.38  ?  59  THR A CA  1 
ATOM   360  C C   . THR A 1 45  ? 2.938   7.769   4.968   1.00 38.61  ?  59  THR A C   1 
ATOM   361  O O   . THR A 1 45  ? 2.567   6.811   5.643   1.00 39.98  ?  59  THR A O   1 
ATOM   362  C CB  . THR A 1 45  ? 1.639   8.307   2.929   1.00 38.39  ?  59  THR A CB  1 
ATOM   363  O OG1 . THR A 1 45  ? 0.507   7.670   3.534   1.00 41.98  ?  59  THR A OG1 1 
ATOM   364  C CG2 . THR A 1 45  ? 1.512   8.142   1.467   1.00 38.31  ?  59  THR A CG2 1 
ATOM   365  N N   . VAL A 1 46  ? 3.384   8.911   5.486   1.00 40.11  ?  60  VAL A N   1 
ATOM   366  C CA  . VAL A 1 46  ? 3.164   9.324   6.855   1.00 40.16  ?  60  VAL A CA  1 
ATOM   367  C C   . VAL A 1 46  ? 2.050   10.386  6.792   1.00 43.36  ?  60  VAL A C   1 
ATOM   368  O O   . VAL A 1 46  ? 2.177   11.407  6.114   1.00 41.82  ?  60  VAL A O   1 
ATOM   369  C CB  . VAL A 1 46  ? 4.444   9.912   7.487   1.00 43.16  ?  60  VAL A CB  1 
ATOM   370  C CG1 . VAL A 1 46  ? 4.226   10.302  8.966   1.00 44.61  ?  60  VAL A CG1 1 
ATOM   371  C CG2 . VAL A 1 46  ? 5.589   8.918   7.367   1.00 43.10  ?  60  VAL A CG2 1 
ATOM   372  N N   . ARG A 1 47  ? 0.954   10.130  7.492   1.00 43.34  ?  61  ARG A N   1 
ATOM   373  C CA  . ARG A 1 47  ? -0.162  11.065  7.534   1.00 46.51  ?  61  ARG A CA  1 
ATOM   374  C C   . ARG A 1 47  ? 0.206   12.391  8.226   1.00 46.64  ?  61  ARG A C   1 
ATOM   375  O O   . ARG A 1 47  ? 1.002   12.414  9.168   1.00 45.82  ?  61  ARG A O   1 
ATOM   376  C CB  . ARG A 1 47  ? -1.338  10.407  8.234   1.00 48.87  ?  61  ARG A CB  1 
ATOM   377  C CG  . ARG A 1 47  ? -1.918  9.262   7.414   1.00 49.71  ?  61  ARG A CG  1 
ATOM   378  C CD  . ARG A 1 47  ? -2.799  8.346   8.251   1.00 51.45  ?  61  ARG A CD  1 
ATOM   379  N NE  . ARG A 1 47  ? -4.093  8.949   8.530   1.00 51.82  ?  61  ARG A NE  1 
ATOM   380  C CZ  . ARG A 1 47  ? -5.089  9.084   7.643   1.00 54.34  ?  61  ARG A CZ  1 
ATOM   381  N NH1 . ARG A 1 47  ? -4.968  8.665   6.381   1.00 52.40  ?  61  ARG A NH1 1 
ATOM   382  N NH2 . ARG A 1 47  ? -6.236  9.649   8.018   1.00 53.39  ?  61  ARG A NH2 1 
ATOM   383  N N   . SER A 1 48  ? -0.356  13.488  7.731   1.00 48.41  ?  62  SER A N   1 
ATOM   384  C CA  . SER A 1 48  ? -0.127  14.805  8.321   1.00 56.45  ?  62  SER A CA  1 
ATOM   385  C C   . SER A 1 48  ? -0.615  14.863  9.773   1.00 56.96  ?  62  SER A C   1 
ATOM   386  O O   . SER A 1 48  ? -1.621  14.238  10.116  1.00 52.61  ?  62  SER A O   1 
ATOM   387  C CB  . SER A 1 48  ? -0.840  15.892  7.512   1.00 59.74  ?  62  SER A CB  1 
ATOM   388  O OG  . SER A 1 48  ? -1.025  17.049  8.310   1.00 64.99  ?  62  SER A OG  1 
ATOM   389  N N   . GLU A 1 49  ? 0.081   15.638  10.608  1.00 63.63  ?  63  GLU A N   1 
ATOM   390  C CA  . GLU A 1 49  ? -0.338  15.847  12.017  1.00 71.49  ?  63  GLU A CA  1 
ATOM   391  C C   . GLU A 1 49  ? -1.730  16.512  12.159  1.00 73.65  ?  63  GLU A C   1 
ATOM   392  O O   . GLU A 1 49  ? -2.385  16.357  13.182  1.00 81.26  ?  63  GLU A O   1 
ATOM   393  C CB  . GLU A 1 49  ? 0.704   16.668  12.794  1.00 73.28  ?  63  GLU A CB  1 
ATOM   394  C CG  . GLU A 1 49  ? 2.073   16.001  12.972  1.00 75.11  ?  63  GLU A CG  1 
ATOM   395  C CD  . GLU A 1 49  ? 2.026   14.651  13.698  1.00 79.64  ?  63  GLU A CD  1 
ATOM   396  O OE1 . GLU A 1 49  ? 1.151   14.429  14.569  1.00 78.70  ?  63  GLU A OE1 1 
ATOM   397  O OE2 . GLU A 1 49  ? 2.887   13.794  13.401  1.00 76.04  ?  63  GLU A OE2 1 
ATOM   398  N N   . LYS A 1 50  ? -2.173  17.223  11.122  1.00 77.17  ?  64  LYS A N   1 
ATOM   399  C CA  . LYS A 1 50  ? -3.464  17.917  11.113  1.00 81.20  ?  64  LYS A CA  1 
ATOM   400  C C   . LYS A 1 50  ? -4.695  17.043  10.880  1.00 77.01  ?  64  LYS A C   1 
ATOM   401  O O   . LYS A 1 50  ? -5.812  17.527  11.046  1.00 77.82  ?  64  LYS A O   1 
ATOM   402  C CB  . LYS A 1 50  ? -3.450  19.046  10.054  1.00 88.03  ?  64  LYS A CB  1 
ATOM   403  C CG  . LYS A 1 50  ? -2.469  20.176  10.368  1.00 92.47  ?  64  LYS A CG  1 
ATOM   404  C CD  . LYS A 1 50  ? -2.933  21.028  11.555  1.00 99.69  ?  64  LYS A CD  1 
ATOM   405  C CE  . LYS A 1 50  ? -1.904  21.076  12.679  1.00 100.99 ?  64  LYS A CE  1 
ATOM   406  N NZ  . LYS A 1 50  ? -0.683  21.825  12.285  1.00 100.55 ?  64  LYS A NZ  1 
ATOM   407  N N   . LEU A 1 51  ? -4.527  15.782  10.495  1.00 78.06  ?  65  LEU A N   1 
ATOM   408  C CA  . LEU A 1 51  ? -5.686  14.982  10.068  1.00 78.87  ?  65  LEU A CA  1 
ATOM   409  C C   . LEU A 1 51  ? -6.526  14.499  11.245  1.00 83.11  ?  65  LEU A C   1 
ATOM   410  O O   . LEU A 1 51  ? -6.019  14.349  12.358  1.00 74.09  ?  65  LEU A O   1 
ATOM   411  C CB  . LEU A 1 51  ? -5.257  13.790  9.211   1.00 74.18  ?  65  LEU A CB  1 
ATOM   412  C CG  . LEU A 1 51  ? -4.778  14.117  7.797   1.00 74.22  ?  65  LEU A CG  1 
ATOM   413  C CD1 . LEU A 1 51  ? -4.277  12.842  7.139   1.00 69.73  ?  65  LEU A CD1 1 
ATOM   414  C CD2 . LEU A 1 51  ? -5.882  14.770  6.968   1.00 72.41  ?  65  LEU A CD2 1 
ATOM   415  N N   . ARG A 1 52  ? -7.803  14.232  10.960  1.00 90.44  ?  66  ARG A N   1 
ATOM   416  C CA  . ARG A 1 52  ? -8.783  13.838  11.975  1.00 92.11  ?  66  ARG A CA  1 
ATOM   417  C C   . ARG A 1 52  ? -8.438  12.431  12.470  1.00 86.93  ?  66  ARG A C   1 
ATOM   418  O O   . ARG A 1 52  ? -8.089  12.265  13.634  1.00 80.46  ?  66  ARG A O   1 
ATOM   419  C CB  . ARG A 1 52  ? -10.223 13.904  11.429  1.00 98.24  ?  66  ARG A CB  1 
ATOM   420  C CG  . ARG A 1 52  ? -10.609 15.247  10.804  1.00 105.64 ?  66  ARG A CG  1 
ATOM   421  C CD  . ARG A 1 52  ? -11.931 15.196  10.037  1.00 109.19 ?  66  ARG A CD  1 
ATOM   422  N NE  . ARG A 1 52  ? -12.989 15.978  10.683  1.00 113.63 ?  66  ARG A NE  1 
ATOM   423  C CZ  . ARG A 1 52  ? -13.067 17.313  10.694  1.00 120.51 ?  66  ARG A CZ  1 
ATOM   424  N NH1 . ARG A 1 52  ? -12.141 18.072  10.103  1.00 123.38 ?  66  ARG A NH1 1 
ATOM   425  N NH2 . ARG A 1 52  ? -14.082 17.908  11.316  1.00 121.87 ?  66  ARG A NH2 1 
ATOM   426  N N   . ARG A 1 53  ? -8.487  11.439  11.576  1.00 87.62  ?  67  ARG A N   1 
ATOM   427  C CA  . ARG A 1 53  ? -8.097  10.058  11.914  1.00 84.96  ?  67  ARG A CA  1 
ATOM   428  C C   . ARG A 1 53  ? -6.573  9.841   11.775  1.00 78.01  ?  67  ARG A C   1 
ATOM   429  O O   . ARG A 1 53  ? -5.989  10.124  10.728  1.00 71.67  ?  67  ARG A O   1 
ATOM   430  C CB  . ARG A 1 53  ? -8.857  9.034   11.044  1.00 88.61  ?  67  ARG A CB  1 
ATOM   431  C CG  . ARG A 1 53  ? -8.833  7.598   11.595  1.00 92.05  ?  67  ARG A CG  1 
ATOM   432  C CD  . ARG A 1 53  ? -9.448  6.574   10.640  1.00 94.21  ?  67  ARG A CD  1 
ATOM   433  N NE  . ARG A 1 53  ? -8.686  6.446   9.391   1.00 100.69 ?  67  ARG A NE  1 
ATOM   434  C CZ  . ARG A 1 53  ? -7.584  5.702   9.210   1.00 103.79 ?  67  ARG A CZ  1 
ATOM   435  N NH1 . ARG A 1 53  ? -7.063  4.964   10.194  1.00 105.57 ?  67  ARG A NH1 1 
ATOM   436  N NH2 . ARG A 1 53  ? -6.992  5.693   8.015   1.00 95.81  ?  67  ARG A NH2 1 
ATOM   437  N N   . ALA A 1 54  ? -5.952  9.351   12.849  1.00 72.51  ?  68  ALA A N   1 
ATOM   438  C CA  . ALA A 1 54  ? -4.603  8.773   12.830  1.00 71.92  ?  68  ALA A CA  1 
ATOM   439  C C   . ALA A 1 54  ? -3.551  9.719   12.274  1.00 72.91  ?  68  ALA A C   1 
ATOM   440  O O   . ALA A 1 54  ? -2.881  9.393   11.295  1.00 75.74  ?  68  ALA A O   1 
ATOM   441  C CB  . ALA A 1 54  ? -4.605  7.449   12.060  1.00 69.46  ?  68  ALA A CB  1 
ATOM   442  N N   . PRO A 1 55  ? -3.405  10.902  12.900  1.00 72.63  ?  69  PRO A N   1 
ATOM   443  C CA  . PRO A 1 55  ? -2.369  11.820  12.469  1.00 67.22  ?  69  PRO A CA  1 
ATOM   444  C C   . PRO A 1 55  ? -1.002  11.245  12.795  1.00 63.52  ?  69  PRO A C   1 
ATOM   445  O O   . PRO A 1 55  ? -0.836  10.639  13.851  1.00 61.83  ?  69  PRO A O   1 
ATOM   446  C CB  . PRO A 1 55  ? -2.637  13.072  13.316  1.00 71.65  ?  69  PRO A CB  1 
ATOM   447  C CG  . PRO A 1 55  ? -3.241  12.544  14.568  1.00 70.41  ?  69  PRO A CG  1 
ATOM   448  C CD  . PRO A 1 55  ? -4.082  11.381  14.123  1.00 73.21  ?  69  PRO A CD  1 
ATOM   449  N N   . GLY A 1 56  ? -0.039  11.415  11.889  1.00 58.46  ?  70  GLY A N   1 
ATOM   450  C CA  . GLY A 1 56  ? 1.340   10.990  12.139  1.00 53.65  ?  70  GLY A CA  1 
ATOM   451  C C   . GLY A 1 56  ? 1.647   9.514   11.945  1.00 49.67  ?  70  GLY A C   1 
ATOM   452  O O   . GLY A 1 56  ? 2.785   9.114   12.163  1.00 49.77  ?  70  GLY A O   1 
ATOM   453  N N   . GLU A 1 57  ? 0.655   8.726   11.516  1.00 49.45  ?  71  GLU A N   1 
ATOM   454  C CA  . GLU A 1 57  ? 0.775   7.258   11.348  1.00 51.57  ?  71  GLU A CA  1 
ATOM   455  C C   . GLU A 1 57  ? 1.164   6.856   9.911   1.00 44.91  ?  71  GLU A C   1 
ATOM   456  O O   . GLU A 1 57  ? 0.771   7.506   8.934   1.00 40.14  ?  71  GLU A O   1 
ATOM   457  C CB  . GLU A 1 57  ? -0.559  6.551   11.679  1.00 58.10  ?  71  GLU A CB  1 
ATOM   458  C CG  . GLU A 1 57  ? -0.742  6.103   13.131  1.00 66.63  ?  71  GLU A CG  1 
ATOM   459  C CD  . GLU A 1 57  ? -2.009  5.260   13.333  1.00 72.32  ?  71  GLU A CD  1 
ATOM   460  O OE1 . GLU A 1 57  ? -2.443  4.519   12.410  1.00 69.54  ?  71  GLU A OE1 1 
ATOM   461  O OE2 . GLU A 1 57  ? -2.591  5.332   14.431  1.00 77.78  ?  71  GLU A OE2 1 
ATOM   462  N N   . VAL A 1 58  ? 1.874   5.740   9.802   1.00 40.94  ?  72  VAL A N   1 
ATOM   463  C CA  . VAL A 1 58  ? 2.260   5.176   8.518   1.00 39.26  ?  72  VAL A CA  1 
ATOM   464  C C   . VAL A 1 58  ? 1.056   4.433   7.937   1.00 40.54  ?  72  VAL A C   1 
ATOM   465  O O   . VAL A 1 58  ? 0.453   3.607   8.628   1.00 43.40  ?  72  VAL A O   1 
ATOM   466  C CB  . VAL A 1 58  ? 3.488   4.230   8.664   1.00 38.15  ?  72  VAL A CB  1 
ATOM   467  C CG1 . VAL A 1 58  ? 3.847   3.558   7.336   1.00 38.17  ?  72  VAL A CG1 1 
ATOM   468  C CG2 . VAL A 1 58  ? 4.692   5.009   9.163   1.00 36.14  ?  72  VAL A CG2 1 
ATOM   469  N N   . CYS A 1 59  ? 0.709   4.739   6.682   1.00 40.11  ?  73  CYS A N   1 
ATOM   470  C CA  . CYS A 1 59  ? -0.321  4.025   5.935   1.00 39.85  ?  73  CYS A CA  1 
ATOM   471  C C   . CYS A 1 59  ? -0.078  4.060   4.405   1.00 39.22  ?  73  CYS A C   1 
ATOM   472  O O   . CYS A 1 59  ? 0.755   4.825   3.898   1.00 36.13  ?  73  CYS A O   1 
ATOM   473  C CB  . CYS A 1 59  ? -1.683  4.611   6.272   1.00 45.99  ?  73  CYS A CB  1 
ATOM   474  S SG  . CYS A 1 59  ? -2.032  6.147   5.402   1.00 56.62  ?  73  CYS A SG  1 
ATOM   475  N N   . PHE A 1 60  ? -0.803  3.220   3.675   1.00 34.22  ?  74  PHE A N   1 
ATOM   476  C CA  . PHE A 1 60  ? -0.769  3.262   2.231   1.00 34.23  ?  74  PHE A CA  1 
ATOM   477  C C   . PHE A 1 60  ? -1.689  4.411   1.768   1.00 35.42  ?  74  PHE A C   1 
ATOM   478  O O   . PHE A 1 60  ? -2.543  4.852   2.515   1.00 34.73  ?  74  PHE A O   1 
ATOM   479  C CB  . PHE A 1 60  ? -1.225  1.920   1.619   1.00 33.58  ?  74  PHE A CB  1 
ATOM   480  C CG  . PHE A 1 60  ? -0.262  0.779   1.852   1.00 32.49  ?  74  PHE A CG  1 
ATOM   481  C CD1 . PHE A 1 60  ? 1.005   0.780   1.247   1.00 30.76  ?  74  PHE A CD1 1 
ATOM   482  C CD2 . PHE A 1 60  ? -0.616  -0.315  2.661   1.00 32.49  ?  74  PHE A CD2 1 
ATOM   483  C CE1 . PHE A 1 60  ? 1.899   -0.274  1.453   1.00 31.81  ?  74  PHE A CE1 1 
ATOM   484  C CE2 . PHE A 1 60  ? 0.294   -1.371  2.884   1.00 31.62  ?  74  PHE A CE2 1 
ATOM   485  C CZ  . PHE A 1 60  ? 1.542   -1.355  2.270   1.00 31.26  ?  74  PHE A CZ  1 
ATOM   486  N N   . PRO A 1 61  ? -1.469  4.935   0.553   1.00 34.13  ?  75  PRO A N   1 
ATOM   487  C CA  . PRO A 1 61  ? -2.395  5.891   -0.022  1.00 33.93  ?  75  PRO A CA  1 
ATOM   488  C C   . PRO A 1 61  ? -3.765  5.244   -0.246  1.00 35.87  ?  75  PRO A C   1 
ATOM   489  O O   . PRO A 1 61  ? -3.857  4.047   -0.577  1.00 36.74  ?  75  PRO A O   1 
ATOM   490  C CB  . PRO A 1 61  ? -1.768  6.247   -1.383  1.00 33.12  ?  75  PRO A CB  1 
ATOM   491  C CG  . PRO A 1 61  ? -0.471  5.563   -1.454  1.00 32.69  ?  75  PRO A CG  1 
ATOM   492  C CD  . PRO A 1 61  ? -0.336  4.614   -0.336  1.00 32.38  ?  75  PRO A CD  1 
ATOM   493  N N   . GLY A 1 62  ? -4.812  6.030   -0.073  1.00 35.70  ?  76  GLY A N   1 
ATOM   494  C CA  . GLY A 1 62  ? -6.180  5.508   -0.057  1.00 34.97  ?  76  GLY A CA  1 
ATOM   495  C C   . GLY A 1 62  ? -7.152  6.447   0.617   1.00 33.51  ?  76  GLY A C   1 
ATOM   496  O O   . GLY A 1 62  ? -6.763  7.482   1.154   1.00 32.15  ?  76  GLY A O   1 
ATOM   497  N N   . GLY A 1 63  ? -8.425  6.081   0.588   1.00 35.51  ?  77  GLY A N   1 
ATOM   498  C CA  . GLY A 1 63  ? -9.470  6.832   1.303   1.00 30.65  ?  77  GLY A CA  1 
ATOM   499  C C   . GLY A 1 63  ? -10.839 6.428   0.844   1.00 34.08  ?  77  GLY A C   1 
ATOM   500  O O   . GLY A 1 63  ? -11.018 5.339   0.261   1.00 36.80  ?  77  GLY A O   1 
ATOM   501  N N   . LYS A 1 64  ? -11.807 7.326   1.043   1.00 36.91  ?  78  LYS A N   1 
ATOM   502  C CA  . LYS A 1 64  ? -13.228 6.995   0.912   1.00 35.29  ?  78  LYS A CA  1 
ATOM   503  C C   . LYS A 1 64  ? -13.772 7.084   -0.504  1.00 34.25  ?  78  LYS A C   1 
ATOM   504  O O   . LYS A 1 64  ? -13.464 8.009   -1.235  1.00 42.26  ?  78  LYS A O   1 
ATOM   505  C CB  . LYS A 1 64  ? -14.061 7.897   1.820   1.00 38.31  ?  78  LYS A CB  1 
ATOM   506  C CG  . LYS A 1 64  ? -15.493 7.427   1.873   1.00 42.69  ?  78  LYS A CG  1 
ATOM   507  C CD  . LYS A 1 64  ? -16.306 7.982   3.019   1.00 46.68  ?  78  LYS A CD  1 
ATOM   508  C CE  . LYS A 1 64  ? -17.573 7.133   3.109   1.00 49.30  ?  78  LYS A CE  1 
ATOM   509  N NZ  . LYS A 1 64  ? -18.679 7.884   3.711   1.00 49.00  ?  78  LYS A NZ  1 
ATOM   510  N N   . ARG A 1 65  ? -14.601 6.129   -0.890  1.00 33.08  ?  79  ARG A N   1 
ATOM   511  C CA  . ARG A 1 65  ? -15.230 6.161   -2.199  1.00 33.52  ?  79  ARG A CA  1 
ATOM   512  C C   . ARG A 1 65  ? -16.177 7.348   -2.273  1.00 33.59  ?  79  ARG A C   1 
ATOM   513  O O   . ARG A 1 65  ? -16.755 7.743   -1.269  1.00 32.73  ?  79  ARG A O   1 
ATOM   514  C CB  . ARG A 1 65  ? -15.996 4.873   -2.471  1.00 32.17  ?  79  ARG A CB  1 
ATOM   515  C CG  . ARG A 1 65  ? -16.654 4.842   -3.854  1.00 34.49  ?  79  ARG A CG  1 
ATOM   516  C CD  . ARG A 1 65  ? -16.879 3.421   -4.347  1.00 35.80  ?  79  ARG A CD  1 
ATOM   517  N NE  . ARG A 1 65  ? -17.710 3.313   -5.551  1.00 36.77  ?  79  ARG A NE  1 
ATOM   518  C CZ  . ARG A 1 65  ? -17.951 2.169   -6.201  1.00 39.76  ?  79  ARG A CZ  1 
ATOM   519  N NH1 . ARG A 1 65  ? -17.411 1.018   -5.790  1.00 42.98  ?  79  ARG A NH1 1 
ATOM   520  N NH2 . ARG A 1 65  ? -18.730 2.157   -7.281  1.00 42.96  ?  79  ARG A NH2 1 
ATOM   521  N N   . ASP A 1 66  ? -16.291 7.938   -3.459  1.00 33.77  ?  80  ASP A N   1 
ATOM   522  C CA  . ASP A 1 66  ? -17.232 9.014   -3.699  1.00 33.40  ?  80  ASP A CA  1 
ATOM   523  C C   . ASP A 1 66  ? -18.008 8.733   -4.967  1.00 33.79  ?  80  ASP A C   1 
ATOM   524  O O   . ASP A 1 66  ? -17.641 7.806   -5.714  1.00 33.98  ?  80  ASP A O   1 
ATOM   525  C CB  . ASP A 1 66  ? -16.548 10.400  -3.659  1.00 34.73  ?  80  ASP A CB  1 
ATOM   526  C CG  . ASP A 1 66  ? -15.878 10.820  -4.968  1.00 34.34  ?  80  ASP A CG  1 
ATOM   527  O OD1 . ASP A 1 66  ? -16.015 10.215  -6.057  1.00 35.95  ?  80  ASP A OD1 1 
ATOM   528  O OD2 . ASP A 1 66  ? -15.180 11.830  -4.874  1.00 36.48  ?  80  ASP A OD2 1 
ATOM   529  N N   . PRO A 1 67  ? -19.101 9.499   -5.216  1.00 34.18  ?  81  PRO A N   1 
ATOM   530  C CA  . PRO A 1 67  ? -19.993 9.154   -6.334  1.00 33.64  ?  81  PRO A CA  1 
ATOM   531  C C   . PRO A 1 67  ? -19.389 9.244   -7.720  1.00 33.97  ?  81  PRO A C   1 
ATOM   532  O O   . PRO A 1 67  ? -19.926 8.612   -8.638  1.00 36.05  ?  81  PRO A O   1 
ATOM   533  C CB  . PRO A 1 67  ? -21.154 10.162  -6.187  1.00 38.13  ?  81  PRO A CB  1 
ATOM   534  C CG  . PRO A 1 67  ? -21.158 10.535  -4.743  1.00 37.54  ?  81  PRO A CG  1 
ATOM   535  C CD  . PRO A 1 67  ? -19.695 10.545  -4.361  1.00 36.29  ?  81  PRO A CD  1 
ATOM   536  N N   . THR A 1 68  ? -18.310 10.015  -7.906  1.00 34.57  ?  82  THR A N   1 
ATOM   537  C CA  . THR A 1 68  ? -17.584 10.010  -9.227  1.00 38.95  ?  82  THR A CA  1 
ATOM   538  C C   . THR A 1 68  ? -16.875 8.669   -9.601  1.00 40.15  ?  82  THR A C   1 
ATOM   539  O O   . THR A 1 68  ? -16.686 8.367   -10.801 1.00 37.01  ?  82  THR A O   1 
ATOM   540  C CB  . THR A 1 68  ? -16.508 11.132  -9.334  1.00 40.62  ?  82  THR A CB  1 
ATOM   541  O OG1 . THR A 1 68  ? -15.354 10.801  -8.544  1.00 42.89  ?  82  THR A OG1 1 
ATOM   542  C CG2 . THR A 1 68  ? -17.064 12.483  -8.892  1.00 37.88  ?  82  THR A CG2 1 
ATOM   543  N N   . ASP A 1 69  ? -16.471 7.885   -8.590  1.00 38.22  ?  83  ASP A N   1 
ATOM   544  C CA  . ASP A 1 69  ? -15.670 6.676   -8.850  1.00 36.49  ?  83  ASP A CA  1 
ATOM   545  C C   . ASP A 1 69  ? -16.490 5.639   -9.642  1.00 38.77  ?  83  ASP A C   1 
ATOM   546  O O   . ASP A 1 69  ? -17.600 5.301   -9.233  1.00 39.52  ?  83  ASP A O   1 
ATOM   547  C CB  . ASP A 1 69  ? -15.185 6.059   -7.532  1.00 33.32  ?  83  ASP A CB  1 
ATOM   548  C CG  . ASP A 1 69  ? -14.220 6.939   -6.787  1.00 33.11  ?  83  ASP A CG  1 
ATOM   549  O OD1 . ASP A 1 69  ? -13.390 7.633   -7.421  1.00 31.26  ?  83  ASP A OD1 1 
ATOM   550  O OD2 . ASP A 1 69  ? -14.286 6.947   -5.541  1.00 30.61  ?  83  ASP A OD2 1 
ATOM   551  N N   . MET A 1 70  ? -15.953 5.160   -10.767 1.00 39.94  ?  84  MET A N   1 
ATOM   552  C CA  . MET A 1 70  ? -16.564 4.068   -11.540 1.00 40.51  ?  84  MET A CA  1 
ATOM   553  C C   . MET A 1 70  ? -16.546 2.725   -10.809 1.00 38.93  ?  84  MET A C   1 
ATOM   554  O O   . MET A 1 70  ? -17.389 1.868   -11.053 1.00 38.90  ?  84  MET A O   1 
ATOM   555  C CB  . MET A 1 70  ? -15.819 3.867   -12.883 1.00 43.28  ?  84  MET A CB  1 
ATOM   556  C CG  . MET A 1 70  ? -16.020 4.966   -13.928 1.00 52.90  ?  84  MET A CG  1 
ATOM   557  S SD  . MET A 1 70  ? -17.697 5.163   -14.635 1.00 56.22  ?  84  MET A SD  1 
ATOM   558  C CE  . MET A 1 70  ? -18.000 3.610   -15.500 1.00 57.40  ?  84  MET A CE  1 
ATOM   559  N N   . ASP A 1 71  ? -15.506 2.495   -10.011 1.00 39.61  ?  85  ASP A N   1 
ATOM   560  C CA  . ASP A 1 71  ? -15.354 1.257   -9.242  1.00 38.25  ?  85  ASP A CA  1 
ATOM   561  C C   . ASP A 1 71  ? -14.386 1.498   -8.072  1.00 38.13  ?  85  ASP A C   1 
ATOM   562  O O   . ASP A 1 71  ? -13.929 2.639   -7.866  1.00 37.73  ?  85  ASP A O   1 
ATOM   563  C CB  . ASP A 1 71  ? -14.927 0.093   -10.163 1.00 38.42  ?  85  ASP A CB  1 
ATOM   564  C CG  . ASP A 1 71  ? -13.609 0.362   -10.941 1.00 42.60  ?  85  ASP A CG  1 
ATOM   565  O OD1 . ASP A 1 71  ? -12.789 1.231   -10.553 1.00 40.75  ?  85  ASP A OD1 1 
ATOM   566  O OD2 . ASP A 1 71  ? -13.370 -0.355  -11.940 1.00 43.56  ?  85  ASP A OD2 1 
ATOM   567  N N   . ASP A 1 72  ? -14.083 0.443   -7.314  1.00 38.00  ?  86  ASP A N   1 
ATOM   568  C CA  . ASP A 1 72  ? -13.220 0.541   -6.122  1.00 36.66  ?  86  ASP A CA  1 
ATOM   569  C C   . ASP A 1 72  ? -11.759 0.868   -6.435  1.00 33.31  ?  86  ASP A C   1 
ATOM   570  O O   . ASP A 1 72  ? -11.112 1.582   -5.687  1.00 36.60  ?  86  ASP A O   1 
ATOM   571  C CB  . ASP A 1 72  ? -13.356 -0.723  -5.247  1.00 38.70  ?  86  ASP A CB  1 
ATOM   572  C CG  . ASP A 1 72  ? -14.712 -0.786  -4.509  1.00 40.55  ?  86  ASP A CG  1 
ATOM   573  O OD1 . ASP A 1 72  ? -15.119 0.257   -3.933  1.00 40.80  ?  86  ASP A OD1 1 
ATOM   574  O OD2 . ASP A 1 72  ? -15.365 -1.857  -4.494  1.00 38.72  ?  86  ASP A OD2 1 
ATOM   575  N N   . ALA A 1 73  ? -11.265 0.365   -7.549  1.00 33.37  ?  87  ALA A N   1 
ATOM   576  C CA  . ALA A 1 73  ? -9.928  0.724   -8.087  1.00 34.33  ?  87  ALA A CA  1 
ATOM   577  C C   . ALA A 1 73  ? -9.797  2.215   -8.386  1.00 34.24  ?  87  ALA A C   1 
ATOM   578  O O   . ALA A 1 73  ? -8.785  2.845   -8.030  1.00 31.67  ?  87  ALA A O   1 
ATOM   579  C CB  . ALA A 1 73  ? -9.648  -0.074  -9.369  1.00 32.82  ?  87  ALA A CB  1 
ATOM   580  N N   . ALA A 1 74  ? -10.828 2.785   -9.025  1.00 34.29  ?  88  ALA A N   1 
ATOM   581  C CA  . ALA A 1 74  ? -10.846 4.234   -9.275  1.00 34.33  ?  88  ALA A CA  1 
ATOM   582  C C   . ALA A 1 74  ? -10.709 5.066   -7.993  1.00 33.93  ?  88  ALA A C   1 
ATOM   583  O O   . ALA A 1 74  ? -9.947  6.027   -7.986  1.00 35.48  ?  88  ALA A O   1 
ATOM   584  C CB  . ALA A 1 74  ? -12.072 4.637   -10.075 1.00 37.84  ?  88  ALA A CB  1 
ATOM   585  N N   . THR A 1 75  ? -11.356 4.659   -6.892  1.00 32.21  ?  89  THR A N   1 
ATOM   586  C CA  . THR A 1 75  ? -11.134 5.323   -5.578  1.00 31.70  ?  89  THR A CA  1 
ATOM   587  C C   . THR A 1 75  ? -9.663  5.375   -5.167  1.00 32.79  ?  89  THR A C   1 
ATOM   588  O O   . THR A 1 75  ? -9.131  6.429   -4.738  1.00 33.16  ?  89  THR A O   1 
ATOM   589  C CB  . THR A 1 75  ? -11.903 4.594   -4.440  1.00 31.01  ?  89  THR A CB  1 
ATOM   590  O OG1 . THR A 1 75  ? -13.273 4.447   -4.805  1.00 30.98  ?  89  THR A OG1 1 
ATOM   591  C CG2 . THR A 1 75  ? -11.796 5.325   -3.101  1.00 30.27  ?  89  THR A CG2 1 
ATOM   592  N N   . ALA A 1 76  ? -9.018  4.211   -5.257  1.00 33.70  ?  90  ALA A N   1 
ATOM   593  C CA  . ALA A 1 76  ? -7.599  4.082   -4.925  1.00 32.45  ?  90  ALA A CA  1 
ATOM   594  C C   . ALA A 1 76  ? -6.693  5.010   -5.782  1.00 30.21  ?  90  ALA A C   1 
ATOM   595  O O   . ALA A 1 76  ? -5.819  5.660   -5.253  1.00 29.63  ?  90  ALA A O   1 
ATOM   596  C CB  . ALA A 1 76  ? -7.165  2.616   -5.062  1.00 33.79  ?  90  ALA A CB  1 
ATOM   597  N N   . LEU A 1 77  ? -6.920  5.057   -7.086  1.00 31.19  ?  91  LEU A N   1 
ATOM   598  C CA  . LEU A 1 77  ? -6.138  5.922   -8.015  1.00 34.53  ?  91  LEU A CA  1 
ATOM   599  C C   . LEU A 1 77  ? -6.341  7.423   -7.777  1.00 35.16  ?  91  LEU A C   1 
ATOM   600  O O   . LEU A 1 77  ? -5.353  8.166   -7.648  1.00 36.56  ?  91  LEU A O   1 
ATOM   601  C CB  . LEU A 1 77  ? -6.433  5.574   -9.489  1.00 34.14  ?  91  LEU A CB  1 
ATOM   602  C CG  . LEU A 1 77  ? -6.150  4.127   -9.933  1.00 35.86  ?  91  LEU A CG  1 
ATOM   603  C CD1 . LEU A 1 77  ? -6.292  3.945   -11.446 1.00 37.90  ?  91  LEU A CD1 1 
ATOM   604  C CD2 . LEU A 1 77  ? -4.755  3.686   -9.500  1.00 38.55  ?  91  LEU A CD2 1 
ATOM   605  N N   . ARG A 1 78  ? -7.606  7.842   -7.674  1.00 34.37  ?  92  ARG A N   1 
ATOM   606  C CA  . ARG A 1 78  ? -7.987  9.226   -7.322  1.00 33.90  ?  92  ARG A CA  1 
ATOM   607  C C   . ARG A 1 78  ? -7.319  9.725   -6.070  1.00 35.19  ?  92  ARG A C   1 
ATOM   608  O O   . ARG A 1 78  ? -6.801  10.849  -6.023  1.00 35.85  ?  92  ARG A O   1 
ATOM   609  C CB  . ARG A 1 78  ? -9.511  9.372   -7.127  1.00 36.90  ?  92  ARG A CB  1 
ATOM   610  C CG  . ARG A 1 78  ? -10.001 10.811  -6.830  1.00 36.27  ?  92  ARG A CG  1 
ATOM   611  C CD  . ARG A 1 78  ? -11.529 10.963  -6.844  1.00 36.40  ?  92  ARG A CD  1 
ATOM   612  N NE  . ARG A 1 78  ? -12.225 9.931   -6.066  1.00 36.96  ?  92  ARG A NE  1 
ATOM   613  C CZ  . ARG A 1 78  ? -12.338 9.885   -4.734  1.00 38.28  ?  92  ARG A CZ  1 
ATOM   614  N NH1 . ARG A 1 78  ? -11.825 10.835  -3.952  1.00 35.83  ?  92  ARG A NH1 1 
ATOM   615  N NH2 . ARG A 1 78  ? -13.002 8.866   -4.164  1.00 38.80  ?  92  ARG A NH2 1 
ATOM   616  N N   . GLU A 1 79  ? -7.337  8.892   -5.045  1.00 37.65  ?  93  GLU A N   1 
ATOM   617  C CA  . GLU A 1 79  ? -6.720  9.257   -3.778  1.00 36.54  ?  93  GLU A CA  1 
ATOM   618  C C   . GLU A 1 79  ? -5.194  9.295   -3.858  1.00 37.41  ?  93  GLU A C   1 
ATOM   619  O O   . GLU A 1 79  ? -4.565  10.193  -3.249  1.00 42.06  ?  93  GLU A O   1 
ATOM   620  C CB  . GLU A 1 79  ? -7.209  8.322   -2.674  1.00 37.21  ?  93  GLU A CB  1 
ATOM   621  C CG  . GLU A 1 79  ? -8.663  8.574   -2.316  1.00 42.23  ?  93  GLU A CG  1 
ATOM   622  C CD  . GLU A 1 79  ? -8.875  9.730   -1.335  1.00 42.75  ?  93  GLU A CD  1 
ATOM   623  O OE1 . GLU A 1 79  ? -7.919  10.364  -0.845  1.00 54.23  ?  93  GLU A OE1 1 
ATOM   624  O OE2 . GLU A 1 79  ? -10.030 9.996   -1.017  1.00 48.86  ?  93  GLU A OE2 1 
ATOM   625  N N   . ALA A 1 80  ? -4.592  8.338   -4.576  1.00 34.61  ?  94  ALA A N   1 
ATOM   626  C CA  . ALA A 1 80  ? -3.147  8.357   -4.752  1.00 37.34  ?  94  ALA A CA  1 
ATOM   627  C C   . ALA A 1 80  ? -2.691  9.638   -5.530  1.00 36.95  ?  94  ALA A C   1 
ATOM   628  O O   . ALA A 1 80  ? -1.659  10.220  -5.212  1.00 34.81  ?  94  ALA A O   1 
ATOM   629  C CB  . ALA A 1 80  ? -2.660  7.098   -5.461  1.00 35.49  ?  94  ALA A CB  1 
ATOM   630  N N   . GLN A 1 81  ? -3.465  10.067  -6.521  1.00 37.25  ?  95  GLN A N   1 
ATOM   631  C CA  . GLN A 1 81  ? -3.131  11.286  -7.289  1.00 42.78  ?  95  GLN A CA  1 
ATOM   632  C C   . GLN A 1 81  ? -3.118  12.534  -6.404  1.00 44.04  ?  95  GLN A C   1 
ATOM   633  O O   . GLN A 1 81  ? -2.189  13.345  -6.446  1.00 43.58  ?  95  GLN A O   1 
ATOM   634  C CB  . GLN A 1 81  ? -4.084  11.484  -8.479  1.00 42.50  ?  95  GLN A CB  1 
ATOM   635  C CG  . GLN A 1 81  ? -3.723  12.699  -9.337  1.00 45.72  ?  95  GLN A CG  1 
ATOM   636  C CD  . GLN A 1 81  ? -4.249  12.627  -10.769 1.00 50.84  ?  95  GLN A CD  1 
ATOM   637  O OE1 . GLN A 1 81  ? -5.128  11.831  -11.101 1.00 58.04  ?  95  GLN A OE1 1 
ATOM   638  N NE2 . GLN A 1 81  ? -3.697  13.463  -11.627 1.00 58.86  ?  95  GLN A NE2 1 
ATOM   639  N N   . GLU A 1 82  ? -4.130  12.628  -5.562  1.00 44.28  ?  96  GLU A N   1 
ATOM   640  C CA  . GLU A 1 82  ? -4.361  13.789  -4.735  1.00 43.01  ?  96  GLU A CA  1 
ATOM   641  C C   . GLU A 1 82  ? -3.401  13.812  -3.542  1.00 39.51  ?  96  GLU A C   1 
ATOM   642  O O   . GLU A 1 82  ? -2.996  14.879  -3.097  1.00 45.72  ?  96  GLU A O   1 
ATOM   643  C CB  . GLU A 1 82  ? -5.871  13.856  -4.399  1.00 49.65  ?  96  GLU A CB  1 
ATOM   644  C CG  . GLU A 1 82  ? -6.274  13.832  -2.945  1.00 56.05  ?  96  GLU A CG  1 
ATOM   645  C CD  . GLU A 1 82  ? -6.211  15.188  -2.293  1.00 65.22  ?  96  GLU A CD  1 
ATOM   646  O OE1 . GLU A 1 82  ? -5.617  16.134  -2.860  1.00 76.55  ?  96  GLU A OE1 1 
ATOM   647  O OE2 . GLU A 1 82  ? -6.786  15.308  -1.202  1.00 76.57  ?  96  GLU A OE2 1 
ATOM   648  N N   . GLU A 1 83  ? -2.970  12.657  -3.053  1.00 37.34  ?  97  GLU A N   1 
ATOM   649  C CA  . GLU A 1 83  ? -2.042  12.625  -1.923  1.00 37.75  ?  97  GLU A CA  1 
ATOM   650  C C   . GLU A 1 83  ? -0.562  12.712  -2.289  1.00 37.15  ?  97  GLU A C   1 
ATOM   651  O O   . GLU A 1 83  ? 0.210   13.327  -1.552  1.00 35.05  ?  97  GLU A O   1 
ATOM   652  C CB  . GLU A 1 83  ? -2.282  11.368  -1.072  1.00 39.49  ?  97  GLU A CB  1 
ATOM   653  C CG  . GLU A 1 83  ? -3.640  11.397  -0.411  1.00 41.57  ?  97  GLU A CG  1 
ATOM   654  C CD  . GLU A 1 83  ? -4.111  10.046  0.129   1.00 49.66  ?  97  GLU A CD  1 
ATOM   655  O OE1 . GLU A 1 83  ? -3.300  9.088   0.182   1.00 46.95  ?  97  GLU A OE1 1 
ATOM   656  O OE2 . GLU A 1 83  ? -5.316  9.968   0.508   1.00 45.79  ?  97  GLU A OE2 1 
ATOM   657  N N   . VAL A 1 84  ? -0.143  12.057  -3.371  1.00 36.40  ?  98  VAL A N   1 
ATOM   658  C CA  . VAL A 1 84  ? 1.293   12.027  -3.722  1.00 37.77  ?  98  VAL A CA  1 
ATOM   659  C C   . VAL A 1 84  ? 1.624   12.326  -5.181  1.00 37.85  ?  98  VAL A C   1 
ATOM   660  O O   . VAL A 1 84  ? 2.776   12.148  -5.572  1.00 42.09  ?  98  VAL A O   1 
ATOM   661  C CB  . VAL A 1 84  ? 1.941   10.697  -3.313  1.00 34.86  ?  98  VAL A CB  1 
ATOM   662  C CG1 . VAL A 1 84  ? 1.653   10.417  -1.849  1.00 35.80  ?  98  VAL A CG1 1 
ATOM   663  C CG2 . VAL A 1 84  ? 1.432   9.536   -4.167  1.00 35.16  ?  98  VAL A CG2 1 
ATOM   664  N N   . GLY A 1 85  ? 0.643   12.788  -5.965  1.00 39.04  ?  99  GLY A N   1 
ATOM   665  C CA  . GLY A 1 85  ? 0.866   13.222  -7.360  1.00 39.40  ?  99  GLY A CA  1 
ATOM   666  C C   . GLY A 1 85  ? 0.875   12.123  -8.409  1.00 43.54  ?  99  GLY A C   1 
ATOM   667  O O   . GLY A 1 85  ? 1.104   12.389  -9.609  1.00 41.38  ?  99  GLY A O   1 
ATOM   668  N N   . LEU A 1 86  ? 0.585   10.887  -7.987  1.00 43.44  ?  100 LEU A N   1 
ATOM   669  C CA  . LEU A 1 86  ? 0.619   9.734   -8.890  1.00 41.29  ?  100 LEU A CA  1 
ATOM   670  C C   . LEU A 1 86  ? -0.497  9.791   -9.915  1.00 42.83  ?  100 LEU A C   1 
ATOM   671  O O   . LEU A 1 86  ? -1.670  9.751   -9.554  1.00 46.78  ?  100 LEU A O   1 
ATOM   672  C CB  . LEU A 1 86  ? 0.516   8.437   -8.083  1.00 41.65  ?  100 LEU A CB  1 
ATOM   673  C CG  . LEU A 1 86  ? 0.655   7.123   -8.846  1.00 43.30  ?  100 LEU A CG  1 
ATOM   674  C CD1 . LEU A 1 86  ? 2.081   6.921   -9.398  1.00 40.57  ?  100 LEU A CD1 1 
ATOM   675  C CD2 . LEU A 1 86  ? 0.235   5.972   -7.933  1.00 43.26  ?  100 LEU A CD2 1 
ATOM   676  N N   . ARG A 1 87  ? -0.129  9.835   -11.186 1.00 43.05  ?  101 ARG A N   1 
ATOM   677  C CA  . ARG A 1 87  ? -1.062  9.950   -12.284 1.00 48.31  ?  101 ARG A CA  1 
ATOM   678  C C   . ARG A 1 87  ? -1.436  8.582   -12.822 1.00 52.57  ?  101 ARG A C   1 
ATOM   679  O O   . ARG A 1 87  ? -0.662  7.639   -12.676 1.00 53.68  ?  101 ARG A O   1 
ATOM   680  C CB  . ARG A 1 87  ? -0.460  10.780  -13.405 1.00 55.26  ?  101 ARG A CB  1 
ATOM   681  C CG  . ARG A 1 87  ? -0.410  12.256  -13.084 1.00 62.25  ?  101 ARG A CG  1 
ATOM   682  C CD  . ARG A 1 87  ? 0.653   12.944  -13.901 1.00 70.16  ?  101 ARG A CD  1 
ATOM   683  N NE  . ARG A 1 87  ? 0.484   14.393  -13.901 1.00 82.55  ?  101 ARG A NE  1 
ATOM   684  C CZ  . ARG A 1 87  ? 1.395   15.274  -14.315 1.00 90.67  ?  101 ARG A CZ  1 
ATOM   685  N NH1 . ARG A 1 87  ? 2.590   14.883  -14.771 1.00 94.46  ?  101 ARG A NH1 1 
ATOM   686  N NH2 . ARG A 1 87  ? 1.108   16.572  -14.277 1.00 91.73  ?  101 ARG A NH2 1 
HETATM 687  N N   . HYP A 1 88  ? -2.612  8.467   -13.469 1.00 58.87  ?  102 HYP A N   1 
HETATM 688  C CA  . HYP A 1 88  ? -3.089  7.147   -13.900 1.00 57.41  ?  102 HYP A CA  1 
HETATM 689  C C   . HYP A 1 88  ? -2.263  6.415   -14.890 1.00 52.27  ?  102 HYP A C   1 
HETATM 690  O O   . HYP A 1 88  ? -2.159  5.189   -14.797 1.00 47.22  ?  102 HYP A O   1 
HETATM 691  C CB  . HYP A 1 88  ? -4.508  7.362   -14.428 1.00 60.20  ?  102 HYP A CB  1 
HETATM 692  C CG  . HYP A 1 88  ? -4.956  8.545   -13.585 1.00 67.10  ?  102 HYP A CG  1 
HETATM 693  C CD  . HYP A 1 88  ? -3.718  9.425   -13.498 1.00 64.13  ?  102 HYP A CD  1 
HETATM 694  O OD1 . HYP A 1 88  ? -5.290  8.124   -12.249 1.00 65.20  ?  102 HYP A OD1 1 
ATOM   695  N N   . HIS A 1 89  ? -1.668  7.139   -15.833 1.00 48.15  ?  103 HIS A N   1 
ATOM   696  C CA  . HIS A 1 89  ? -0.759  6.522   -16.790 1.00 49.08  ?  103 HIS A CA  1 
ATOM   697  C C   . HIS A 1 89  ? 0.533   5.998   -16.105 1.00 44.18  ?  103 HIS A C   1 
ATOM   698  O O   . HIS A 1 89  ? 1.284   5.246   -16.718 1.00 41.15  ?  103 HIS A O   1 
ATOM   699  C CB  . HIS A 1 89  ? -0.445  7.474   -17.976 1.00 50.35  ?  103 HIS A CB  1 
ATOM   700  C CG  . HIS A 1 89  ? 0.504   8.597   -17.639 1.00 51.22  ?  103 HIS A CG  1 
ATOM   701  N ND1 . HIS A 1 89  ? 1.865   8.495   -17.824 1.00 50.91  ?  103 HIS A ND1 1 
ATOM   702  C CD2 . HIS A 1 89  ? 0.285   9.841   -17.140 1.00 49.18  ?  103 HIS A CD2 1 
ATOM   703  C CE1 . HIS A 1 89  ? 2.449   9.618   -17.435 1.00 50.96  ?  103 HIS A CE1 1 
ATOM   704  N NE2 . HIS A 1 89  ? 1.513   10.453  -17.019 1.00 47.72  ?  103 HIS A NE2 1 
ATOM   705  N N   . GLN A 1 90  ? 0.790   6.402   -14.854 1.00 40.54  ?  104 GLN A N   1 
ATOM   706  C CA  . GLN A 1 90  ? 1.962   5.956   -14.132 1.00 38.91  ?  104 GLN A CA  1 
ATOM   707  C C   . GLN A 1 90  ? 1.732   4.746   -13.257 1.00 37.99  ?  104 GLN A C   1 
ATOM   708  O O   . GLN A 1 90  ? 2.659   4.337   -12.543 1.00 37.68  ?  104 GLN A O   1 
ATOM   709  C CB  . GLN A 1 90  ? 2.510   7.097   -13.279 1.00 41.19  ?  104 GLN A CB  1 
ATOM   710  C CG  . GLN A 1 90  ? 2.858   8.352   -14.067 1.00 40.69  ?  104 GLN A CG  1 
ATOM   711  C CD  . GLN A 1 90  ? 3.423   9.420   -13.170 1.00 42.74  ?  104 GLN A CD  1 
ATOM   712  O OE1 . GLN A 1 90  ? 4.613   9.773   -13.248 1.00 45.46  ?  104 GLN A OE1 1 
ATOM   713  N NE2 . GLN A 1 90  ? 2.597   9.914   -12.282 1.00 34.53  ?  104 GLN A NE2 1 
ATOM   714  N N   . VAL A 1 91  ? 0.535   4.150   -13.322 1.00 36.39  ?  105 VAL A N   1 
ATOM   715  C CA  . VAL A 1 91  ? 0.210   2.982   -12.521 1.00 36.94  ?  105 VAL A CA  1 
ATOM   716  C C   . VAL A 1 91  ? -0.565  1.918   -13.308 1.00 37.02  ?  105 VAL A C   1 
ATOM   717  O O   . VAL A 1 91  ? -1.505  2.218   -14.034 1.00 38.28  ?  105 VAL A O   1 
ATOM   718  C CB  . VAL A 1 91  ? -0.492  3.395   -11.194 1.00 40.12  ?  105 VAL A CB  1 
ATOM   719  C CG1 . VAL A 1 91  ? -1.565  4.427   -11.436 1.00 42.79  ?  105 VAL A CG1 1 
ATOM   720  C CG2 . VAL A 1 91  ? -1.068  2.189   -10.439 1.00 40.92  ?  105 VAL A CG2 1 
ATOM   721  N N   . GLU A 1 92  ? -0.128  0.667   -13.181 1.00 35.51  ?  106 GLU A N   1 
ATOM   722  C CA  . GLU A 1 92  ? -0.880  -0.470  -13.689 1.00 37.42  ?  106 GLU A CA  1 
ATOM   723  C C   . GLU A 1 92  ? -1.436  -1.251  -12.479 1.00 37.81  ?  106 GLU A C   1 
ATOM   724  O O   . GLU A 1 92  ? -0.682  -1.791  -11.641 1.00 33.69  ?  106 GLU A O   1 
ATOM   725  C CB  . GLU A 1 92  ? 0.025   -1.375  -14.532 1.00 40.40  ?  106 GLU A CB  1 
ATOM   726  C CG  . GLU A 1 92  ? -0.686  -2.548  -15.225 1.00 42.13  ?  106 GLU A CG  1 
ATOM   727  C CD  . GLU A 1 92  ? 0.283   -3.574  -15.833 1.00 45.53  ?  106 GLU A CD  1 
ATOM   728  O OE1 . GLU A 1 92  ? 1.519   -3.403  -15.705 1.00 45.38  ?  106 GLU A OE1 1 
ATOM   729  O OE2 . GLU A 1 92  ? -0.189  -4.576  -16.431 1.00 48.18  ?  106 GLU A OE2 1 
ATOM   730  N N   . VAL A 1 93  ? -2.752  -1.329  -12.417 1.00 38.03  ?  107 VAL A N   1 
ATOM   731  C CA  . VAL A 1 93  ? -3.433  -2.082  -11.389 1.00 40.49  ?  107 VAL A CA  1 
ATOM   732  C C   . VAL A 1 93  ? -3.453  -3.544  -11.796 1.00 40.91  ?  107 VAL A C   1 
ATOM   733  O O   . VAL A 1 93  ? -4.011  -3.904  -12.833 1.00 41.94  ?  107 VAL A O   1 
ATOM   734  C CB  . VAL A 1 93  ? -4.855  -1.537  -11.164 1.00 43.59  ?  107 VAL A CB  1 
ATOM   735  C CG1 . VAL A 1 93  ? -5.630  -2.399  -10.153 1.00 44.48  ?  107 VAL A CG1 1 
ATOM   736  C CG2 . VAL A 1 93  ? -4.747  -0.090  -10.691 1.00 42.28  ?  107 VAL A CG2 1 
ATOM   737  N N   . VAL A 1 94  ? -2.841  -4.370  -10.956 1.00 41.26  ?  108 VAL A N   1 
ATOM   738  C CA  . VAL A 1 94  ? -2.579  -5.763  -11.264 1.00 42.92  ?  108 VAL A CA  1 
ATOM   739  C C   . VAL A 1 94  ? -3.656  -6.659  -10.667 1.00 43.74  ?  108 VAL A C   1 
ATOM   740  O O   . VAL A 1 94  ? -4.040  -7.646  -11.285 1.00 43.53  ?  108 VAL A O   1 
ATOM   741  C CB  . VAL A 1 94  ? -1.193  -6.161  -10.723 1.00 44.51  ?  108 VAL A CB  1 
ATOM   742  C CG1 . VAL A 1 94  ? -1.018  -7.660  -10.709 1.00 49.41  ?  108 VAL A CG1 1 
ATOM   743  C CG2 . VAL A 1 94  ? -0.128  -5.541  -11.590 1.00 47.58  ?  108 VAL A CG2 1 
HETATM 744  N N   . CSO A 1 95  ? -4.117  -6.340  -9.455  1.00 39.97  ?  109 CSO A N   1 
HETATM 745  C CA  . CSO A 1 95  ? -5.074  -7.188  -8.784  1.00 38.17  ?  109 CSO A CA  1 
HETATM 746  C CB  . CSO A 1 95  ? -4.413  -8.511  -8.402  1.00 43.39  ?  109 CSO A CB  1 
HETATM 747  S SG  . CSO A 1 95  ? -3.410  -8.283  -6.975  1.00 47.31  ?  109 CSO A SG  1 
HETATM 748  C C   . CSO A 1 95  ? -5.668  -6.581  -7.544  1.00 36.56  ?  109 CSO A C   1 
HETATM 749  O O   . CSO A 1 95  ? -5.190  -5.569  -6.994  1.00 32.48  ?  109 CSO A O   1 
HETATM 750  O OD  . CSO A 1 95  ? -4.213  -9.470  -6.000  1.00 54.22  ?  109 CSO A OD  1 
ATOM   751  N N   . CYS A 1 96  ? -6.713  -7.249  -7.088  1.00 35.00  ?  110 CYS A N   1 
ATOM   752  C CA  . CYS A 1 96  ? -7.505  -6.847  -5.956  1.00 40.24  ?  110 CYS A CA  1 
ATOM   753  C C   . CYS A 1 96  ? -7.309  -7.975  -4.917  1.00 38.48  ?  110 CYS A C   1 
ATOM   754  O O   . CYS A 1 96  ? -7.598  -9.136  -5.198  1.00 37.41  ?  110 CYS A O   1 
ATOM   755  C CB  . CYS A 1 96  ? -8.970  -6.716  -6.432  1.00 41.87  ?  110 CYS A CB  1 
ATOM   756  S SG  . CYS A 1 96  ? -10.181 -6.436  -5.144  1.00 53.62  ?  110 CYS A SG  1 
ATOM   757  N N   . LEU A 1 97  ? -6.762  -7.637  -3.759  1.00 37.08  ?  111 LEU A N   1 
ATOM   758  C CA  . LEU A 1 97  ? -6.553  -8.600  -2.678  1.00 40.44  ?  111 LEU A CA  1 
ATOM   759  C C   . LEU A 1 97  ? -7.770  -8.675  -1.749  1.00 45.55  ?  111 LEU A C   1 
ATOM   760  O O   . LEU A 1 97  ? -8.769  -7.946  -1.941  1.00 42.87  ?  111 LEU A O   1 
ATOM   761  C CB  . LEU A 1 97  ? -5.276  -8.262  -1.877  1.00 38.81  ?  111 LEU A CB  1 
ATOM   762  C CG  . LEU A 1 97  ? -3.937  -8.417  -2.594  1.00 38.50  ?  111 LEU A CG  1 
ATOM   763  C CD1 . LEU A 1 97  ? -2.805  -7.999  -1.690  1.00 39.07  ?  111 LEU A CD1 1 
ATOM   764  C CD2 . LEU A 1 97  ? -3.700  -9.827  -3.080  1.00 41.48  ?  111 LEU A CD2 1 
ATOM   765  N N   . VAL A 1 98  ? -7.700  -9.603  -0.780  1.00 44.66  ?  112 VAL A N   1 
ATOM   766  C CA  . VAL A 1 98  ? -8.793  -9.807  0.162   1.00 43.87  ?  112 VAL A CA  1 
ATOM   767  C C   . VAL A 1 98  ? -9.091  -8.536  0.943   1.00 40.07  ?  112 VAL A C   1 
ATOM   768  O O   . VAL A 1 98  ? -8.182  -7.946  1.513   1.00 39.36  ?  112 VAL A O   1 
ATOM   769  C CB  . VAL A 1 98  ? -8.574  -10.978 1.175   1.00 47.06  ?  112 VAL A CB  1 
ATOM   770  C CG1 . VAL A 1 98  ? -8.767  -12.324 0.479   1.00 50.76  ?  112 VAL A CG1 1 
ATOM   771  C CG2 . VAL A 1 98  ? -7.241  -10.894 1.916   1.00 46.91  ?  112 VAL A CG2 1 
ATOM   772  N N   . PRO A 1 99  ? -10.368 -8.134  0.996   1.00 37.79  ?  113 PRO A N   1 
ATOM   773  C CA  . PRO A 1 99  ? -10.702 -6.918  1.729   1.00 40.24  ?  113 PRO A CA  1 
ATOM   774  C C   . PRO A 1 99  ? -10.669 -7.136  3.223   1.00 39.34  ?  113 PRO A C   1 
ATOM   775  O O   . PRO A 1 99  ? -10.704 -8.267  3.662   1.00 40.96  ?  113 PRO A O   1 
ATOM   776  C CB  . PRO A 1 99  ? -12.131 -6.600  1.264   1.00 40.39  ?  113 PRO A CB  1 
ATOM   777  C CG  . PRO A 1 99  ? -12.692 -7.904  0.901   1.00 43.59  ?  113 PRO A CG  1 
ATOM   778  C CD  . PRO A 1 99  ? -11.543 -8.710  0.333   1.00 40.55  ?  113 PRO A CD  1 
ATOM   779  N N   . CYS A 1 100 ? -10.631 -6.039  3.961   1.00 37.51  ?  114 CYS A N   1 
ATOM   780  C CA  . CYS A 1 100 ? -10.526 -6.015  5.394   1.00 42.12  ?  114 CYS A CA  1 
ATOM   781  C C   . CYS A 1 100 ? -11.880 -5.475  5.943   1.00 41.68  ?  114 CYS A C   1 
ATOM   782  O O   . CYS A 1 100 ? -12.390 -4.462  5.471   1.00 37.93  ?  114 CYS A O   1 
ATOM   783  C CB  . CYS A 1 100 ? -9.352  -5.077  5.810   1.00 42.47  ?  114 CYS A CB  1 
ATOM   784  S SG  . CYS A 1 100 ? -7.780  -5.249  4.868   1.00 67.98  ?  114 CYS A SG  1 
ATOM   785  N N   . LEU A 1 101 ? -12.420 -6.129  6.962   1.00 40.95  ?  115 LEU A N   1 
ATOM   786  C CA  . LEU A 1 101 ? -13.652 -5.694  7.644   1.00 41.01  ?  115 LEU A CA  1 
ATOM   787  C C   . LEU A 1 101 ? -13.295 -4.982  8.937   1.00 40.12  ?  115 LEU A C   1 
ATOM   788  O O   . LEU A 1 101 ? -12.570 -5.548  9.736   1.00 40.62  ?  115 LEU A O   1 
ATOM   789  C CB  . LEU A 1 101 ? -14.515 -6.917  7.983   1.00 38.66  ?  115 LEU A CB  1 
ATOM   790  C CG  . LEU A 1 101 ? -14.974 -7.741  6.785   1.00 41.06  ?  115 LEU A CG  1 
ATOM   791  C CD1 . LEU A 1 101 ? -15.712 -8.993  7.227   1.00 43.65  ?  115 LEU A CD1 1 
ATOM   792  C CD2 . LEU A 1 101 ? -15.859 -6.895  5.877   1.00 44.11  ?  115 LEU A CD2 1 
ATOM   793  N N   . ILE A 1 102 ? -13.817 -3.769  9.150   1.00 38.41  ?  116 ILE A N   1 
ATOM   794  C CA  . ILE A 1 102 ? -13.539 -3.006  10.369  1.00 46.98  ?  116 ILE A CA  1 
ATOM   795  C C   . ILE A 1 102 ? -14.833 -2.433  10.921  1.00 43.61  ?  116 ILE A C   1 
ATOM   796  O O   . ILE A 1 102 ? -15.700 -2.010  10.157  1.00 42.69  ?  116 ILE A O   1 
ATOM   797  C CB  . ILE A 1 102 ? -12.558 -1.821  10.114  1.00 56.23  ?  116 ILE A CB  1 
ATOM   798  C CG1 . ILE A 1 102 ? -11.285 -2.315  9.444   1.00 61.77  ?  116 ILE A CG1 1 
ATOM   799  C CG2 . ILE A 1 102 ? -12.135 -1.159  11.420  1.00 63.49  ?  116 ILE A CG2 1 
ATOM   800  C CD1 . ILE A 1 102 ? -11.381 -2.321  7.942   1.00 70.86  ?  116 ILE A CD1 1 
ATOM   801  N N   . ASP A 1 103 ? -14.972 -2.438  12.245  1.00 43.89  ?  117 ASP A N   1 
ATOM   802  C CA  . ASP A 1 103 ? -15.996 -1.618  12.917  1.00 48.04  ?  117 ASP A CA  1 
ATOM   803  C C   . ASP A 1 103 ? -17.460 -1.990  12.615  1.00 43.46  ?  117 ASP A C   1 
ATOM   804  O O   . ASP A 1 103 ? -18.361 -1.158  12.734  1.00 43.70  ?  117 ASP A O   1 
ATOM   805  C CB  . ASP A 1 103 ? -15.742 -0.144  12.538  1.00 57.58  ?  117 ASP A CB  1 
ATOM   806  C CG  . ASP A 1 103 ? -16.000 0.795   13.662  1.00 68.99  ?  117 ASP A CG  1 
ATOM   807  O OD1 . ASP A 1 103 ? -15.434 0.558   14.750  1.00 80.11  ?  117 ASP A OD1 1 
ATOM   808  O OD2 . ASP A 1 103 ? -16.756 1.776   13.451  1.00 84.55  ?  117 ASP A OD2 1 
ATOM   809  N N   . THR A 1 104 ? -17.676 -3.222  12.160  1.00 40.76  ?  118 THR A N   1 
ATOM   810  C CA  . THR A 1 104 ? -19.003 -3.781  11.849  1.00 40.46  ?  118 THR A CA  1 
ATOM   811  C C   . THR A 1 104 ? -19.706 -3.235  10.596  1.00 39.46  ?  118 THR A C   1 
ATOM   812  O O   . THR A 1 104 ? -20.513 -3.957  10.026  1.00 40.43  ?  118 THR A O   1 
ATOM   813  C CB  . THR A 1 104 ? -19.955 -3.837  13.098  1.00 39.28  ?  118 THR A CB  1 
ATOM   814  O OG1 . THR A 1 104 ? -20.483 -2.541  13.432  1.00 40.11  ?  118 THR A OG1 1 
ATOM   815  C CG2 . THR A 1 104 ? -19.208 -4.400  14.321  1.00 37.21  ?  118 THR A CG2 1 
ATOM   816  N N   . ASP A 1 105 ? -19.351 -2.029  10.130  1.00 39.52  ?  119 ASP A N   1 
ATOM   817  C CA  . ASP A 1 105 ? -20.053 -1.365  8.996   1.00 39.52  ?  119 ASP A CA  1 
ATOM   818  C C   . ASP A 1 105 ? -19.145 -0.901  7.814   1.00 39.10  ?  119 ASP A C   1 
ATOM   819  O O   . ASP A 1 105 ? -19.639 -0.275  6.847   1.00 38.25  ?  119 ASP A O   1 
ATOM   820  C CB  . ASP A 1 105 ? -20.877 -0.161  9.537   1.00 41.93  ?  119 ASP A CB  1 
ATOM   821  C CG  . ASP A 1 105 ? -19.999 0.929   10.239  1.00 47.93  ?  119 ASP A CG  1 
ATOM   822  O OD1 . ASP A 1 105 ? -18.743 0.832   10.294  1.00 51.05  ?  119 ASP A OD1 1 
ATOM   823  O OD2 . ASP A 1 105 ? -20.578 1.900   10.759  1.00 55.68  ?  119 ASP A OD2 1 
ATOM   824  N N   . THR A 1 106 ? -17.851 -1.230  7.869   1.00 37.20  ?  120 THR A N   1 
ATOM   825  C CA  . THR A 1 106 ? -16.852 -0.718  6.933   1.00 37.85  ?  120 THR A CA  1 
ATOM   826  C C   . THR A 1 106 ? -16.033 -1.842  6.289   1.00 37.33  ?  120 THR A C   1 
ATOM   827  O O   . THR A 1 106 ? -15.569 -2.768  6.981   1.00 33.39  ?  120 THR A O   1 
ATOM   828  C CB  . THR A 1 106 ? -15.886 0.260   7.658   1.00 41.71  ?  120 THR A CB  1 
ATOM   829  O OG1 . THR A 1 106 ? -16.636 1.362   8.178   1.00 43.48  ?  120 THR A OG1 1 
ATOM   830  C CG2 . THR A 1 106 ? -14.754 0.772   6.734   1.00 39.13  ?  120 THR A CG2 1 
ATOM   831  N N   . LEU A 1 107 ? -15.838 -1.707  4.977   1.00 34.87  ?  121 LEU A N   1 
ATOM   832  C CA  . LEU A 1 107 ? -15.028 -2.605  4.152   1.00 36.65  ?  121 LEU A CA  1 
ATOM   833  C C   . LEU A 1 107 ? -13.937 -1.818  3.372   1.00 36.78  ?  121 LEU A C   1 
ATOM   834  O O   . LEU A 1 107 ? -14.249 -0.913  2.585   1.00 35.87  ?  121 LEU A O   1 
ATOM   835  C CB  . LEU A 1 107 ? -15.939 -3.356  3.164   1.00 37.46  ?  121 LEU A CB  1 
ATOM   836  C CG  . LEU A 1 107 ? -15.348 -4.537  2.367   1.00 42.15  ?  121 LEU A CG  1 
ATOM   837  C CD1 . LEU A 1 107 ? -16.345 -5.631  2.086   1.00 47.84  ?  121 LEU A CD1 1 
ATOM   838  C CD2 . LEU A 1 107 ? -14.799 -4.097  1.023   1.00 47.21  ?  121 LEU A CD2 1 
ATOM   839  N N   . ILE A 1 108 ? -12.681 -2.207  3.577   1.00 36.73  ?  122 ILE A N   1 
ATOM   840  C CA  . ILE A 1 108 ? -11.500 -1.632  2.919   1.00 35.33  ?  122 ILE A CA  1 
ATOM   841  C C   . ILE A 1 108 ? -10.928 -2.604  1.880   1.00 35.60  ?  122 ILE A C   1 
ATOM   842  O O   . ILE A 1 108 ? -10.525 -3.691  2.242   1.00 35.53  ?  122 ILE A O   1 
ATOM   843  C CB  . ILE A 1 108 ? -10.424 -1.296  3.950   1.00 37.97  ?  122 ILE A CB  1 
ATOM   844  C CG1 . ILE A 1 108 ? -11.040 -0.409  5.056   1.00 41.65  ?  122 ILE A CG1 1 
ATOM   845  C CG2 . ILE A 1 108 ? -9.262  -0.559  3.272   1.00 41.63  ?  122 ILE A CG2 1 
ATOM   846  C CD1 . ILE A 1 108 ? -10.103 -0.001  6.163   1.00 45.30  ?  122 ILE A CD1 1 
ATOM   847  N N   . THR A 1 109 ? -10.908 -2.209  0.601   1.00 32.79  ?  123 THR A N   1 
ATOM   848  C CA  . THR A 1 109 ? -10.443 -3.058  -0.500  1.00 35.02  ?  123 THR A CA  1 
ATOM   849  C C   . THR A 1 109 ? -9.034  -2.607  -0.956  1.00 36.76  ?  123 THR A C   1 
ATOM   850  O O   . THR A 1 109 ? -8.878  -1.462  -1.368  1.00 33.46  ?  123 THR A O   1 
ATOM   851  C CB  . THR A 1 109 ? -11.407 -2.964  -1.707  1.00 34.04  ?  123 THR A CB  1 
ATOM   852  O OG1 . THR A 1 109 ? -12.727 -3.284  -1.278  1.00 33.62  ?  123 THR A OG1 1 
ATOM   853  C CG2 . THR A 1 109 ? -11.015 -3.961  -2.827  1.00 35.09  ?  123 THR A CG2 1 
ATOM   854  N N   . PRO A 1 110 ? -8.005  -3.481  -0.834  1.00 36.80  ?  124 PRO A N   1 
ATOM   855  C CA  . PRO A 1 110 ? -6.635  -3.144  -1.259  1.00 33.93  ?  124 PRO A CA  1 
ATOM   856  C C   . PRO A 1 110 ? -6.323  -3.573  -2.701  1.00 33.93  ?  124 PRO A C   1 
ATOM   857  O O   . PRO A 1 110 ? -6.636  -4.693  -3.088  1.00 35.98  ?  124 PRO A O   1 
ATOM   858  C CB  . PRO A 1 110 ? -5.765  -3.912  -0.273  1.00 35.38  ?  124 PRO A CB  1 
ATOM   859  C CG  . PRO A 1 110 ? -6.588  -5.041  0.225   1.00 34.94  ?  124 PRO A CG  1 
ATOM   860  C CD  . PRO A 1 110 ? -8.036  -4.711  -0.025  1.00 36.27  ?  124 PRO A CD  1 
ATOM   861  N N   . PHE A 1 111 ? -5.746  -2.666  -3.481  1.00 31.48  ?  125 PHE A N   1 
ATOM   862  C CA  . PHE A 1 111 ? -5.244  -2.964  -4.826  1.00 32.60  ?  125 PHE A CA  1 
ATOM   863  C C   . PHE A 1 111 ? -3.741  -2.846  -4.880  1.00 31.88  ?  125 PHE A C   1 
ATOM   864  O O   . PHE A 1 111 ? -3.163  -1.941  -4.268  1.00 32.58  ?  125 PHE A O   1 
ATOM   865  C CB  . PHE A 1 111 ? -5.852  -1.997  -5.846  1.00 33.66  ?  125 PHE A CB  1 
ATOM   866  C CG  . PHE A 1 111 ? -7.336  -2.118  -5.953  1.00 31.96  ?  125 PHE A CG  1 
ATOM   867  C CD1 . PHE A 1 111 ? -8.154  -1.424  -5.077  1.00 34.44  ?  125 PHE A CD1 1 
ATOM   868  C CD2 . PHE A 1 111 ? -7.914  -2.948  -6.889  1.00 31.58  ?  125 PHE A CD2 1 
ATOM   869  C CE1 . PHE A 1 111 ? -9.536  -1.526  -5.157  1.00 32.46  ?  125 PHE A CE1 1 
ATOM   870  C CE2 . PHE A 1 111 ? -9.299  -3.067  -6.975  1.00 31.86  ?  125 PHE A CE2 1 
ATOM   871  C CZ  . PHE A 1 111 ? -10.104 -2.375  -6.094  1.00 32.22  ?  125 PHE A CZ  1 
ATOM   872  N N   . VAL A 1 112 ? -3.112  -3.773  -5.598  1.00 32.98  ?  126 VAL A N   1 
ATOM   873  C CA  . VAL A 1 112 ? -1.681  -3.724  -5.870  1.00 32.12  ?  126 VAL A CA  1 
ATOM   874  C C   . VAL A 1 112 ? -1.449  -3.142  -7.254  1.00 34.05  ?  126 VAL A C   1 
ATOM   875  O O   . VAL A 1 112 ? -2.096  -3.553  -8.233  1.00 33.09  ?  126 VAL A O   1 
ATOM   876  C CB  . VAL A 1 112 ? -1.007  -5.101  -5.799  1.00 33.86  ?  126 VAL A CB  1 
ATOM   877  C CG1 . VAL A 1 112 ? 0.523   -4.954  -5.996  1.00 33.02  ?  126 VAL A CG1 1 
ATOM   878  C CG2 . VAL A 1 112 ? -1.323  -5.754  -4.455  1.00 33.06  ?  126 VAL A CG2 1 
ATOM   879  N N   . GLY A 1 113 ? -0.540  -2.164  -7.326  1.00 33.71  ?  127 GLY A N   1 
ATOM   880  C CA  . GLY A 1 113 ? -0.251  -1.483  -8.586  1.00 33.78  ?  127 GLY A CA  1 
ATOM   881  C C   . GLY A 1 113 ? 1.241   -1.364  -8.828  1.00 33.82  ?  127 GLY A C   1 
ATOM   882  O O   . GLY A 1 113 ? 1.969   -1.056  -7.890  1.00 33.99  ?  127 GLY A O   1 
ATOM   883  N N   . LEU A 1 114 ? 1.679   -1.624  -10.070 1.00 34.82  ?  128 LEU A N   1 
ATOM   884  C CA  . LEU A 1 114 ? 3.061   -1.405  -10.499 1.00 37.19  ?  128 LEU A CA  1 
ATOM   885  C C   . LEU A 1 114 ? 3.252   0.024   -10.949 1.00 36.09  ?  128 LEU A C   1 
ATOM   886  O O   . LEU A 1 114 ? 2.495   0.518   -11.809 1.00 36.93  ?  128 LEU A O   1 
ATOM   887  C CB  . LEU A 1 114 ? 3.430   -2.277  -11.681 1.00 41.78  ?  128 LEU A CB  1 
ATOM   888  C CG  . LEU A 1 114 ? 3.323   -3.790  -11.598 1.00 47.84  ?  128 LEU A CG  1 
ATOM   889  C CD1 . LEU A 1 114 ? 4.319   -4.350  -12.606 1.00 55.25  ?  128 LEU A CD1 1 
ATOM   890  C CD2 . LEU A 1 114 ? 3.624   -4.366  -10.230 1.00 50.91  ?  128 LEU A CD2 1 
ATOM   891  N N   . ILE A 1 115 ? 4.277   0.655   -10.386 1.00 35.66  ?  129 ILE A N   1 
ATOM   892  C CA  . ILE A 1 115 ? 4.562   2.085   -10.570 1.00 39.02  ?  129 ILE A CA  1 
ATOM   893  C C   . ILE A 1 115 ? 5.689   2.281   -11.578 1.00 39.22  ?  129 ILE A C   1 
ATOM   894  O O   . ILE A 1 115 ? 6.710   1.621   -11.472 1.00 35.62  ?  129 ILE A O   1 
ATOM   895  C CB  . ILE A 1 115 ? 4.980   2.710   -9.220  1.00 38.39  ?  129 ILE A CB  1 
ATOM   896  C CG1 . ILE A 1 115 ? 3.864   2.501   -8.172  1.00 41.77  ?  129 ILE A CG1 1 
ATOM   897  C CG2 . ILE A 1 115 ? 5.300   4.199   -9.362  1.00 35.95  ?  129 ILE A CG2 1 
ATOM   898  C CD1 . ILE A 1 115 ? 2.510   3.129   -8.518  1.00 39.56  ?  129 ILE A CD1 1 
ATOM   899  N N   . ASP A 1 116 ? 5.468   3.172   -12.551 1.00 44.59  ?  130 ASP A N   1 
ATOM   900  C CA  . ASP A 1 116 ? 6.464   3.597   -13.550 1.00 45.98  ?  130 ASP A CA  1 
ATOM   901  C C   . ASP A 1 116 ? 7.781   4.060   -12.909 1.00 44.96  ?  130 ASP A C   1 
ATOM   902  O O   . ASP A 1 116 ? 7.763   4.863   -11.970 1.00 40.76  ?  130 ASP A O   1 
ATOM   903  C CB  . ASP A 1 116 ? 5.885   4.743   -14.391 1.00 51.93  ?  130 ASP A CB  1 
ATOM   904  C CG  . ASP A 1 116 ? 6.859   5.253   -15.467 1.00 58.69  ?  130 ASP A CG  1 
ATOM   905  O OD1 . ASP A 1 116 ? 7.002   4.596   -16.530 1.00 60.25  ?  130 ASP A OD1 1 
ATOM   906  O OD2 . ASP A 1 116 ? 7.477   6.323   -15.246 1.00 59.73  ?  130 ASP A OD2 1 
ATOM   907  N N   . HIS A 1 117 ? 8.910   3.568   -13.430 1.00 42.61  ?  131 HIS A N   1 
ATOM   908  C CA  . HIS A 1 117 ? 10.263  3.966   -12.930 1.00 45.85  ?  131 HIS A CA  1 
ATOM   909  C C   . HIS A 1 117 ? 10.599  5.467   -12.937 1.00 43.01  ?  131 HIS A C   1 
ATOM   910  O O   . HIS A 1 117 ? 11.421  5.869   -12.162 1.00 47.22  ?  131 HIS A O   1 
ATOM   911  C CB  . HIS A 1 117 ? 11.386  3.183   -13.637 1.00 47.40  ?  131 HIS A CB  1 
ATOM   912  C CG  . HIS A 1 117 ? 11.692  3.665   -15.024 1.00 54.06  ?  131 HIS A CG  1 
ATOM   913  N ND1 . HIS A 1 117 ? 10.894  3.373   -16.112 1.00 55.10  ?  131 HIS A ND1 1 
ATOM   914  C CD2 . HIS A 1 117 ? 12.711  4.422   -15.499 1.00 61.32  ?  131 HIS A CD2 1 
ATOM   915  C CE1 . HIS A 1 117 ? 11.405  3.934   -17.192 1.00 58.07  ?  131 HIS A CE1 1 
ATOM   916  N NE2 . HIS A 1 117 ? 12.509  4.575   -16.849 1.00 62.22  ?  131 HIS A NE2 1 
ATOM   917  N N   . ASN A 1 118 ? 9.962   6.292   -13.777 1.00 47.12  ?  132 ASN A N   1 
ATOM   918  C CA  . ASN A 1 118 ? 10.174  7.768   -13.748 1.00 48.43  ?  132 ASN A CA  1 
ATOM   919  C C   . ASN A 1 118 ? 9.311   8.583   -12.775 1.00 51.92  ?  132 ASN A C   1 
ATOM   920  O O   . ASN A 1 118 ? 9.391   9.816   -12.806 1.00 46.13  ?  132 ASN A O   1 
ATOM   921  C CB  . ASN A 1 118 ? 10.008  8.366   -15.170 1.00 47.86  ?  132 ASN A CB  1 
ATOM   922  C CG  . ASN A 1 118 ? 11.057  7.854   -16.133 1.00 50.75  ?  132 ASN A CG  1 
ATOM   923  O OD1 . ASN A 1 118 ? 10.759  7.539   -17.290 1.00 50.39  ?  132 ASN A OD1 1 
ATOM   924  N ND2 . ASN A 1 118 ? 12.288  7.708   -15.640 1.00 46.35  ?  132 ASN A ND2 1 
ATOM   925  N N   . PHE A 1 119 ? 8.490   7.928   -11.943 1.00 51.31  ?  133 PHE A N   1 
ATOM   926  C CA  . PHE A 1 119 ? 7.586   8.646   -11.027 1.00 49.22  ?  133 PHE A CA  1 
ATOM   927  C C   . PHE A 1 119 ? 8.373   9.209   -9.855  1.00 47.06  ?  133 PHE A C   1 
ATOM   928  O O   . PHE A 1 119 ? 9.214   8.520   -9.280  1.00 45.32  ?  133 PHE A O   1 
ATOM   929  C CB  . PHE A 1 119 ? 6.418   7.739   -10.510 1.00 48.02  ?  133 PHE A CB  1 
ATOM   930  C CG  . PHE A 1 119 ? 5.745   8.260   -9.253  1.00 43.84  ?  133 PHE A CG  1 
ATOM   931  C CD1 . PHE A 1 119 ? 4.781   9.263   -9.318  1.00 43.98  ?  133 PHE A CD1 1 
ATOM   932  C CD2 . PHE A 1 119 ? 6.107   7.773   -8.006  1.00 42.49  ?  133 PHE A CD2 1 
ATOM   933  C CE1 . PHE A 1 119 ? 4.181   9.740   -8.164  1.00 44.93  ?  133 PHE A CE1 1 
ATOM   934  C CE2 . PHE A 1 119 ? 5.501   8.244   -6.849  1.00 45.13  ?  133 PHE A CE2 1 
ATOM   935  C CZ  . PHE A 1 119 ? 4.537   9.230   -6.926  1.00 44.46  ?  133 PHE A CZ  1 
ATOM   936  N N   . GLN A 1 120 ? 8.068   10.454  -9.485  1.00 52.15  ?  134 GLN A N   1 
ATOM   937  C CA  . GLN A 1 120 ? 8.617   11.076  -8.262  1.00 55.22  ?  134 GLN A CA  1 
ATOM   938  C C   . GLN A 1 120 ? 7.515   11.718  -7.423  1.00 49.74  ?  134 GLN A C   1 
ATOM   939  O O   . GLN A 1 120 ? 6.755   12.539  -7.919  1.00 45.73  ?  134 GLN A O   1 
ATOM   940  C CB  . GLN A 1 120 ? 9.644   12.134  -8.628  1.00 62.42  ?  134 GLN A CB  1 
ATOM   941  C CG  . GLN A 1 120 ? 10.564  11.678  -9.749  1.00 74.75  ?  134 GLN A CG  1 
ATOM   942  C CD  . GLN A 1 120 ? 11.968  12.175  -9.581  1.00 86.82  ?  134 GLN A CD  1 
ATOM   943  O OE1 . GLN A 1 120 ? 12.656  11.797  -8.623  1.00 92.06  ?  134 GLN A OE1 1 
ATOM   944  N NE2 . GLN A 1 120 ? 12.411  13.029  -10.508 1.00 93.99  ?  134 GLN A NE2 1 
ATOM   945  N N   . ALA A 1 121 ? 7.457   11.357  -6.150  1.00 49.61  ?  135 ALA A N   1 
ATOM   946  C CA  . ALA A 1 121 ? 6.361   11.780  -5.288  1.00 51.84  ?  135 ALA A CA  1 
ATOM   947  C C   . ALA A 1 121 ? 6.390   13.281  -5.039  1.00 53.06  ?  135 ALA A C   1 
ATOM   948  O O   . ALA A 1 121 ? 7.419   13.822  -4.628  1.00 54.66  ?  135 ALA A O   1 
ATOM   949  C CB  . ALA A 1 121 ? 6.431   11.039  -3.963  1.00 51.65  ?  135 ALA A CB  1 
ATOM   950  N N   . GLN A 1 122 ? 5.253   13.926  -5.298  1.00 51.64  ?  136 GLN A N   1 
ATOM   951  C CA  . GLN A 1 122 ? 4.966   15.305  -4.897  1.00 51.67  ?  136 GLN A CA  1 
ATOM   952  C C   . GLN A 1 122 ? 3.950   15.285  -3.713  1.00 52.13  ?  136 GLN A C   1 
ATOM   953  O O   . GLN A 1 122 ? 2.732   15.401  -3.922  1.00 42.60  ?  136 GLN A O   1 
ATOM   954  C CB  . GLN A 1 122 ? 4.360   16.067  -6.088  1.00 54.83  ?  136 GLN A CB  1 
ATOM   955  C CG  . GLN A 1 122 ? 5.169   15.993  -7.372  1.00 61.55  ?  136 GLN A CG  1 
ATOM   956  C CD  . GLN A 1 122 ? 4.535   16.774  -8.511  1.00 68.94  ?  136 GLN A CD  1 
ATOM   957  O OE1 . GLN A 1 122 ? 3.920   16.201  -9.419  1.00 73.96  ?  136 GLN A OE1 1 
ATOM   958  N NE2 . GLN A 1 122 ? 4.666   18.099  -8.461  1.00 74.33  ?  136 GLN A NE2 1 
ATOM   959  N N   . PRO A 1 123 ? 4.435   15.116  -2.465  1.00 49.53  ?  137 PRO A N   1 
ATOM   960  C CA  . PRO A 1 123 ? 3.467   15.034  -1.361  1.00 49.58  ?  137 PRO A CA  1 
ATOM   961  C C   . PRO A 1 123 ? 2.600   16.292  -1.172  1.00 51.42  ?  137 PRO A C   1 
ATOM   962  O O   . PRO A 1 123 ? 3.127   17.412  -1.217  1.00 56.11  ?  137 PRO A O   1 
ATOM   963  C CB  . PRO A 1 123 ? 4.344   14.780  -0.123  1.00 50.29  ?  137 PRO A CB  1 
ATOM   964  C CG  . PRO A 1 123 ? 5.754   14.913  -0.560  1.00 53.14  ?  137 PRO A CG  1 
ATOM   965  C CD  . PRO A 1 123 ? 5.786   14.718  -2.045  1.00 50.15  ?  137 PRO A CD  1 
ATOM   966  N N   . ASN A 1 124 ? 1.290   16.093  -1.001  1.00 47.21  ?  138 ASN A N   1 
ATOM   967  C CA  . ASN A 1 124 ? 0.363   17.160  -0.623  1.00 48.24  ?  138 ASN A CA  1 
ATOM   968  C C   . ASN A 1 124 ? 0.489   17.394  0.900   1.00 46.78  ?  138 ASN A C   1 
ATOM   969  O O   . ASN A 1 124 ? 0.020   16.571  1.672   1.00 47.60  ?  138 ASN A O   1 
ATOM   970  C CB  . ASN A 1 124 ? -1.074  16.777  -1.021  1.00 47.83  ?  138 ASN A CB  1 
ATOM   971  C CG  . ASN A 1 124 ? -2.125  17.799  -0.598  1.00 50.09  ?  138 ASN A CG  1 
ATOM   972  O OD1 . ASN A 1 124 ? -1.867  18.753  0.155   1.00 53.26  ?  138 ASN A OD1 1 
ATOM   973  N ND2 . ASN A 1 124 ? -3.342  17.587  -1.079  1.00 49.49  ?  138 ASN A ND2 1 
ATOM   974  N N   . PRO A 1 125 ? 1.096   18.529  1.326   1.00 47.83  ?  139 PRO A N   1 
ATOM   975  C CA  . PRO A 1 125 ? 1.338   18.764  2.767   1.00 49.49  ?  139 PRO A CA  1 
ATOM   976  C C   . PRO A 1 125 ? 0.084   18.892  3.647   1.00 49.03  ?  139 PRO A C   1 
ATOM   977  O O   . PRO A 1 125 ? 0.191   18.739  4.871   1.00 52.47  ?  139 PRO A O   1 
ATOM   978  C CB  . PRO A 1 125 ? 2.162   20.064  2.798   1.00 47.28  ?  139 PRO A CB  1 
ATOM   979  C CG  . PRO A 1 125 ? 1.843   20.752  1.518   1.00 46.28  ?  139 PRO A CG  1 
ATOM   980  C CD  . PRO A 1 125 ? 1.499   19.695  0.507   1.00 46.35  ?  139 PRO A CD  1 
ATOM   981  N N   . ALA A 1 126 ? -1.079  19.156  3.055   1.00 45.66  ?  140 ALA A N   1 
ATOM   982  C CA  . ALA A 1 126 ? -2.339  19.128  3.826   1.00 51.43  ?  140 ALA A CA  1 
ATOM   983  C C   . ALA A 1 126 ? -2.749  17.703  4.259   1.00 53.26  ?  140 ALA A C   1 
ATOM   984  O O   . ALA A 1 126 ? -3.549  17.550  5.185   1.00 57.09  ?  140 ALA A O   1 
ATOM   985  C CB  . ALA A 1 126 ? -3.478  19.782  3.040   1.00 49.45  ?  140 ALA A CB  1 
ATOM   986  N N   . GLU A 1 127 ? -2.221  16.675  3.590   1.00 52.63  ?  141 GLU A N   1 
ATOM   987  C CA  . GLU A 1 127 ? -2.536  15.267  3.931   1.00 51.57  ?  141 GLU A CA  1 
ATOM   988  C C   . GLU A 1 127 ? -1.380  14.362  4.250   1.00 46.43  ?  141 GLU A C   1 
ATOM   989  O O   . GLU A 1 127 ? -1.559  13.402  4.985   1.00 44.43  ?  141 GLU A O   1 
ATOM   990  C CB  . GLU A 1 127 ? -3.309  14.643  2.788   1.00 54.61  ?  141 GLU A CB  1 
ATOM   991  C CG  . GLU A 1 127 ? -4.758  15.081  2.793   1.00 57.82  ?  141 GLU A CG  1 
ATOM   992  C CD  . GLU A 1 127 ? -5.372  15.128  1.431   1.00 59.39  ?  141 GLU A CD  1 
ATOM   993  O OE1 . GLU A 1 127 ? -6.537  15.566  1.359   1.00 64.61  ?  141 GLU A OE1 1 
ATOM   994  O OE2 . GLU A 1 127 ? -4.714  14.726  0.449   1.00 60.81  ?  141 GLU A OE2 1 
ATOM   995  N N   . VAL A 1 128 ? -0.201  14.665  3.722   1.00 42.98  ?  142 VAL A N   1 
ATOM   996  C CA  . VAL A 1 128 ? 0.930   13.761  3.792   1.00 42.70  ?  142 VAL A CA  1 
ATOM   997  C C   . VAL A 1 128 ? 2.132   14.556  4.274   1.00 44.15  ?  142 VAL A C   1 
ATOM   998  O O   . VAL A 1 128 ? 2.539   15.523  3.628   1.00 42.33  ?  142 VAL A O   1 
ATOM   999  C CB  . VAL A 1 128 ? 1.153   13.117  2.399   1.00 43.19  ?  142 VAL A CB  1 
ATOM   1000 C CG1 . VAL A 1 128 ? 2.571   12.617  2.217   1.00 46.81  ?  142 VAL A CG1 1 
ATOM   1001 C CG2 . VAL A 1 128 ? 0.160   11.977  2.204   1.00 41.54  ?  142 VAL A CG2 1 
ATOM   1002 N N   . LYS A 1 129 ? 2.679   14.143  5.411   1.00 45.99  ?  143 LYS A N   1 
ATOM   1003 C CA  . LYS A 1 129 ? 3.907   14.727  5.947   1.00 51.90  ?  143 LYS A CA  1 
ATOM   1004 C C   . LYS A 1 129 ? 5.182   14.187  5.280   1.00 51.47  ?  143 LYS A C   1 
ATOM   1005 O O   . LYS A 1 129 ? 6.198   14.894  5.216   1.00 54.07  ?  143 LYS A O   1 
ATOM   1006 C CB  . LYS A 1 129 ? 3.975   14.506  7.463   1.00 53.61  ?  143 LYS A CB  1 
ATOM   1007 C CG  . LYS A 1 129 ? 5.271   14.963  8.096   1.00 61.92  ?  143 LYS A CG  1 
ATOM   1008 C CD  . LYS A 1 129 ? 5.128   15.255  9.580   1.00 68.58  ?  143 LYS A CD  1 
ATOM   1009 C CE  . LYS A 1 129 ? 4.466   14.115  10.320  1.00 69.78  ?  143 LYS A CE  1 
ATOM   1010 N NZ  . LYS A 1 129 ? 4.849   14.205  11.749  1.00 76.30  ?  143 LYS A NZ  1 
ATOM   1011 N N   . ASP A 1 130 ? 5.139   12.938  4.818   1.00 48.50  ?  144 ASP A N   1 
ATOM   1012 C CA  . ASP A 1 130 ? 6.328   12.242  4.311   1.00 46.41  ?  144 ASP A CA  1 
ATOM   1013 C C   . ASP A 1 130 ? 5.953   11.040  3.403   1.00 47.01  ?  144 ASP A C   1 
ATOM   1014 O O   . ASP A 1 130 ? 4.861   10.483  3.514   1.00 44.13  ?  144 ASP A O   1 
ATOM   1015 C CB  . ASP A 1 130 ? 7.154   11.777  5.514   1.00 46.15  ?  144 ASP A CB  1 
ATOM   1016 C CG  . ASP A 1 130 ? 8.602   11.443  5.174   1.00 46.31  ?  144 ASP A CG  1 
ATOM   1017 O OD1 . ASP A 1 130 ? 9.011   11.538  4.000   1.00 44.19  ?  144 ASP A OD1 1 
ATOM   1018 O OD2 . ASP A 1 130 ? 9.334   11.068  6.118   1.00 45.75  ?  144 ASP A OD2 1 
ATOM   1019 N N   . VAL A 1 131 ? 6.851   10.692  2.484   1.00 46.53  ?  145 VAL A N   1 
ATOM   1020 C CA  . VAL A 1 131 ? 6.728   9.498   1.611   1.00 46.51  ?  145 VAL A CA  1 
ATOM   1021 C C   . VAL A 1 131 ? 8.059   8.725   1.677   1.00 45.45  ?  145 VAL A C   1 
ATOM   1022 O O   . VAL A 1 131 ? 9.127   9.344   1.658   1.00 50.18  ?  145 VAL A O   1 
ATOM   1023 C CB  . VAL A 1 131 ? 6.377   9.903   0.170   1.00 48.11  ?  145 VAL A CB  1 
ATOM   1024 C CG1 . VAL A 1 131 ? 6.377   8.696   -0.751  1.00 53.78  ?  145 VAL A CG1 1 
ATOM   1025 C CG2 . VAL A 1 131 ? 5.014   10.588  0.117   1.00 45.90  ?  145 VAL A CG2 1 
ATOM   1026 N N   . PHE A 1 132 ? 8.007   7.397   1.816   1.00 41.63  ?  146 PHE A N   1 
ATOM   1027 C CA  . PHE A 1 132 ? 9.221   6.558   1.877   1.00 38.76  ?  146 PHE A CA  1 
ATOM   1028 C C   . PHE A 1 132 ? 9.012   5.158   1.268   1.00 39.59  ?  146 PHE A C   1 
ATOM   1029 O O   . PHE A 1 132 ? 7.884   4.660   1.184   1.00 34.52  ?  146 PHE A O   1 
ATOM   1030 C CB  . PHE A 1 132 ? 9.787   6.456   3.316   1.00 39.06  ?  146 PHE A CB  1 
ATOM   1031 C CG  . PHE A 1 132 ? 8.906   5.690   4.301   1.00 39.92  ?  146 PHE A CG  1 
ATOM   1032 C CD1 . PHE A 1 132 ? 7.759   6.267   4.837   1.00 41.36  ?  146 PHE A CD1 1 
ATOM   1033 C CD2 . PHE A 1 132 ? 9.246   4.404   4.717   1.00 39.12  ?  146 PHE A CD2 1 
ATOM   1034 C CE1 . PHE A 1 132 ? 6.969   5.566   5.749   1.00 41.10  ?  146 PHE A CE1 1 
ATOM   1035 C CE2 . PHE A 1 132 ? 8.462   3.703   5.619   1.00 39.03  ?  146 PHE A CE2 1 
ATOM   1036 C CZ  . PHE A 1 132 ? 7.321   4.277   6.134   1.00 38.35  ?  146 PHE A CZ  1 
ATOM   1037 N N   . LEU A 1 133 ? 10.126  4.545   0.870   1.00 37.83  ?  147 LEU A N   1 
ATOM   1038 C CA  . LEU A 1 133 ? 10.144  3.217   0.290   1.00 38.19  ?  147 LEU A CA  1 
ATOM   1039 C C   . LEU A 1 133 ? 10.687  2.241   1.310   1.00 38.04  ?  147 LEU A C   1 
ATOM   1040 O O   . LEU A 1 133 ? 11.497  2.623   2.121   1.00 39.17  ?  147 LEU A O   1 
ATOM   1041 C CB  . LEU A 1 133 ? 11.032  3.183   -0.947  1.00 37.81  ?  147 LEU A CB  1 
ATOM   1042 C CG  . LEU A 1 133 ? 10.578  4.062   -2.115  1.00 38.62  ?  147 LEU A CG  1 
ATOM   1043 C CD1 . LEU A 1 133 ? 11.543  3.891   -3.263  1.00 39.56  ?  147 LEU A CD1 1 
ATOM   1044 C CD2 . LEU A 1 133 ? 9.190   3.699   -2.586  1.00 39.77  ?  147 LEU A CD2 1 
ATOM   1045 N N   . VAL A 1 134 ? 10.214  0.989   1.281   1.00 35.22  ?  148 VAL A N   1 
ATOM   1046 C CA  . VAL A 1 134 ? 10.816  -0.084  2.075   1.00 34.01  ?  148 VAL A CA  1 
ATOM   1047 C C   . VAL A 1 134 ? 11.053  -1.254  1.121   1.00 34.48  ?  148 VAL A C   1 
ATOM   1048 O O   . VAL A 1 134 ? 10.161  -1.605  0.329   1.00 35.91  ?  148 VAL A O   1 
ATOM   1049 C CB  . VAL A 1 134 ? 9.915   -0.547  3.249   1.00 32.60  ?  148 VAL A CB  1 
ATOM   1050 C CG1 . VAL A 1 134 ? 10.628  -1.594  4.086   1.00 33.54  ?  148 VAL A CG1 1 
ATOM   1051 C CG2 . VAL A 1 134 ? 9.513   0.625   4.135   1.00 31.84  ?  148 VAL A CG2 1 
ATOM   1052 N N   . PRO A 1 135 ? 12.248  -1.864  1.174   1.00 34.20  ?  149 PRO A N   1 
ATOM   1053 C CA  . PRO A 1 135 ? 12.424  -3.066  0.372   1.00 34.57  ?  149 PRO A CA  1 
ATOM   1054 C C   . PRO A 1 135 ? 11.414  -4.147  0.745   1.00 35.23  ?  149 PRO A C   1 
ATOM   1055 O O   . PRO A 1 135 ? 11.195  -4.395  1.920   1.00 38.21  ?  149 PRO A O   1 
ATOM   1056 C CB  . PRO A 1 135 ? 13.858  -3.534  0.721   1.00 36.25  ?  149 PRO A CB  1 
ATOM   1057 C CG  . PRO A 1 135 ? 14.559  -2.311  1.232   1.00 37.14  ?  149 PRO A CG  1 
ATOM   1058 C CD  . PRO A 1 135 ? 13.479  -1.497  1.912   1.00 36.19  ?  149 PRO A CD  1 
ATOM   1059 N N   . LEU A 1 136 ? 10.811  -4.780  -0.255  1.00 35.03  ?  150 LEU A N   1 
ATOM   1060 C CA  . LEU A 1 136 ? 9.832   -5.828  -0.015  1.00 34.94  ?  150 LEU A CA  1 
ATOM   1061 C C   . LEU A 1 136 ? 10.383  -6.977  0.864   1.00 37.66  ?  150 LEU A C   1 
ATOM   1062 O O   . LEU A 1 136 ? 9.688   -7.478  1.752   1.00 37.89  ?  150 LEU A O   1 
ATOM   1063 C CB  . LEU A 1 136 ? 9.279   -6.330  -1.350  1.00 32.68  ?  150 LEU A CB  1 
ATOM   1064 C CG  . LEU A 1 136 ? 8.010   -7.185  -1.279  1.00 34.19  ?  150 LEU A CG  1 
ATOM   1065 C CD1 . LEU A 1 136 ? 6.839   -6.429  -0.675  1.00 34.04  ?  150 LEU A CD1 1 
ATOM   1066 C CD2 . LEU A 1 136 ? 7.641   -7.653  -2.673  1.00 34.01  ?  150 LEU A CD2 1 
ATOM   1067 N N   . ALA A 1 137 ? 11.641  -7.346  0.655   1.00 38.22  ?  151 ALA A N   1 
ATOM   1068 C CA  . ALA A 1 137 ? 12.311  -8.389  1.457   1.00 39.12  ?  151 ALA A CA  1 
ATOM   1069 C C   . ALA A 1 137 ? 12.381  -8.119  2.969   1.00 38.61  ?  151 ALA A C   1 
ATOM   1070 O O   . ALA A 1 137 ? 12.561  -9.043  3.757   1.00 42.89  ?  151 ALA A O   1 
ATOM   1071 C CB  . ALA A 1 137 ? 13.737  -8.624  0.921   1.00 40.26  ?  151 ALA A CB  1 
ATOM   1072 N N   . TYR A 1 138 ? 12.280  -6.864  3.388   1.00 37.50  ?  152 TYR A N   1 
ATOM   1073 C CA  . TYR A 1 138 ? 12.315  -6.547  4.815   1.00 37.28  ?  152 TYR A CA  1 
ATOM   1074 C C   . TYR A 1 138 ? 11.162  -7.259  5.600   1.00 40.03  ?  152 TYR A C   1 
ATOM   1075 O O   . TYR A 1 138 ? 11.301  -7.637  6.781   1.00 36.41  ?  152 TYR A O   1 
ATOM   1076 C CB  . TYR A 1 138 ? 12.264  -5.022  4.998   1.00 36.09  ?  152 TYR A CB  1 
ATOM   1077 C CG  . TYR A 1 138 ? 11.979  -4.617  6.409   1.00 36.94  ?  152 TYR A CG  1 
ATOM   1078 C CD1 . TYR A 1 138 ? 13.012  -4.428  7.329   1.00 36.99  ?  152 TYR A CD1 1 
ATOM   1079 C CD2 . TYR A 1 138 ? 10.667  -4.472  6.844   1.00 35.72  ?  152 TYR A CD2 1 
ATOM   1080 C CE1 . TYR A 1 138 ? 12.733  -4.078  8.651   1.00 37.29  ?  152 TYR A CE1 1 
ATOM   1081 C CE2 . TYR A 1 138 ? 10.377  -4.137  8.151   1.00 36.35  ?  152 TYR A CE2 1 
ATOM   1082 C CZ  . TYR A 1 138 ? 11.396  -3.950  9.059   1.00 37.86  ?  152 TYR A CZ  1 
ATOM   1083 O OH  . TYR A 1 138 ? 11.063  -3.609  10.369  1.00 40.45  ?  152 TYR A OH  1 
ATOM   1084 N N   . PHE A 1 139 ? 10.031  -7.438  4.930   1.00 36.45  ?  153 PHE A N   1 
ATOM   1085 C CA  . PHE A 1 139 ? 8.847   -7.958  5.590   1.00 38.17  ?  153 PHE A CA  1 
ATOM   1086 C C   . PHE A 1 139 ? 8.918   -9.456  5.881   1.00 39.73  ?  153 PHE A C   1 
ATOM   1087 O O   . PHE A 1 139 ? 8.082   -9.961  6.641   1.00 43.18  ?  153 PHE A O   1 
ATOM   1088 C CB  . PHE A 1 139 ? 7.585   -7.517  4.838   1.00 33.46  ?  153 PHE A CB  1 
ATOM   1089 C CG  . PHE A 1 139 ? 7.415   -6.037  4.865   1.00 32.29  ?  153 PHE A CG  1 
ATOM   1090 C CD1 . PHE A 1 139 ? 7.004   -5.405  6.035   1.00 32.88  ?  153 PHE A CD1 1 
ATOM   1091 C CD2 . PHE A 1 139 ? 7.764   -5.256  3.773   1.00 31.33  ?  153 PHE A CD2 1 
ATOM   1092 C CE1 . PHE A 1 139 ? 6.891   -4.023  6.094   1.00 31.76  ?  153 PHE A CE1 1 
ATOM   1093 C CE2 . PHE A 1 139 ? 7.656   -3.878  3.825   1.00 30.13  ?  153 PHE A CE2 1 
ATOM   1094 C CZ  . PHE A 1 139 ? 7.225   -3.262  4.988   1.00 32.29  ?  153 PHE A CZ  1 
ATOM   1095 N N   . LEU A 1 140 ? 9.939   -10.124 5.340   1.00 36.48  ?  154 LEU A N   1 
ATOM   1096 C CA  . LEU A 1 140 ? 10.244  -11.500 5.695   1.00 38.63  ?  154 LEU A CA  1 
ATOM   1097 C C   . LEU A 1 140 ? 11.116  -11.630 6.938   1.00 39.84  ?  154 LEU A C   1 
ATOM   1098 O O   . LEU A 1 140 ? 11.151  -12.698 7.522   1.00 41.61  ?  154 LEU A O   1 
ATOM   1099 C CB  . LEU A 1 140 ? 10.943  -12.234 4.549   1.00 38.24  ?  154 LEU A CB  1 
ATOM   1100 C CG  . LEU A 1 140 ? 10.271  -12.191 3.175   1.00 45.46  ?  154 LEU A CG  1 
ATOM   1101 C CD1 . LEU A 1 140 ? 11.162  -12.855 2.145   1.00 49.20  ?  154 LEU A CD1 1 
ATOM   1102 C CD2 . LEU A 1 140 ? 8.914   -12.870 3.167   1.00 45.29  ?  154 LEU A CD2 1 
ATOM   1103 N N   . HIS A 1 141 ? 11.873  -10.593 7.300   1.00 44.02  ?  155 HIS A N   1 
ATOM   1104 C CA  . HIS A 1 141 ? 12.720  -10.608 8.522   1.00 44.06  ?  155 HIS A CA  1 
ATOM   1105 C C   . HIS A 1 141 ? 12.702  -9.214  9.120   1.00 43.60  ?  155 HIS A C   1 
ATOM   1106 O O   . HIS A 1 141 ? 13.714  -8.504  9.107   1.00 41.54  ?  155 HIS A O   1 
ATOM   1107 C CB  . HIS A 1 141 ? 14.169  -11.018 8.213   1.00 44.07  ?  155 HIS A CB  1 
ATOM   1108 C CG  . HIS A 1 141 ? 14.312  -12.407 7.684   1.00 46.20  ?  155 HIS A CG  1 
ATOM   1109 N ND1 . HIS A 1 141 ? 14.118  -13.527 8.466   1.00 48.21  ?  155 HIS A ND1 1 
ATOM   1110 C CD2 . HIS A 1 141 ? 14.625  -12.861 6.448   1.00 49.75  ?  155 HIS A CD2 1 
ATOM   1111 C CE1 . HIS A 1 141 ? 14.315  -14.611 7.736   1.00 51.12  ?  155 HIS A CE1 1 
ATOM   1112 N NE2 . HIS A 1 141 ? 14.621  -14.236 6.505   1.00 51.00  ?  155 HIS A NE2 1 
ATOM   1113 N N   . PRO A 1 142 ? 11.540  -8.807  9.632   1.00 42.30  ?  156 PRO A N   1 
ATOM   1114 C CA  . PRO A 1 142 ? 11.421  -7.464  10.166  1.00 46.58  ?  156 PRO A CA  1 
ATOM   1115 C C   . PRO A 1 142 ? 12.072  -7.323  11.553  1.00 47.78  ?  156 PRO A C   1 
ATOM   1116 O O   . PRO A 1 142 ? 12.315  -8.326  12.212  1.00 49.29  ?  156 PRO A O   1 
ATOM   1117 C CB  . PRO A 1 142 ? 9.896   -7.272  10.238  1.00 46.08  ?  156 PRO A CB  1 
ATOM   1118 C CG  . PRO A 1 142 ? 9.364   -8.645  10.460  1.00 43.63  ?  156 PRO A CG  1 
ATOM   1119 C CD  . PRO A 1 142 ? 10.272  -9.558  9.712   1.00 43.11  ?  156 PRO A CD  1 
ATOM   1120 N N   . GLN A 1 143 ? 12.350  -6.092  11.967  1.00 50.15  ?  157 GLN A N   1 
ATOM   1121 C CA  . GLN A 1 143 ? 12.726  -5.783  13.350  1.00 55.90  ?  157 GLN A CA  1 
ATOM   1122 C C   . GLN A 1 143 ? 11.442  -5.472  14.159  1.00 56.31  ?  157 GLN A C   1 
ATOM   1123 O O   . GLN A 1 143 ? 10.834  -4.399  14.003  1.00 56.39  ?  157 GLN A O   1 
ATOM   1124 C CB  . GLN A 1 143 ? 13.717  -4.604  13.394  1.00 62.93  ?  157 GLN A CB  1 
ATOM   1125 C CG  . GLN A 1 143 ? 14.121  -4.154  14.807  1.00 74.01  ?  157 GLN A CG  1 
ATOM   1126 C CD  . GLN A 1 143 ? 15.160  -3.032  14.816  1.00 82.01  ?  157 GLN A CD  1 
ATOM   1127 O OE1 . GLN A 1 143 ? 16.085  -3.023  14.000  1.00 88.61  ?  157 GLN A OE1 1 
ATOM   1128 N NE2 . GLN A 1 143 ? 15.013  -2.080  15.748  1.00 82.07  ?  157 GLN A NE2 1 
ATOM   1129 N N   . VAL A 1 144 ? 11.062  -6.406  15.033  1.00 56.98  ?  158 VAL A N   1 
ATOM   1130 C CA  . VAL A 1 144 ? 9.766   -6.393  15.731  1.00 62.28  ?  158 VAL A CA  1 
ATOM   1131 C C   . VAL A 1 144 ? 9.897   -5.858  17.158  1.00 60.98  ?  158 VAL A C   1 
ATOM   1132 O O   . VAL A 1 144 ? 10.798  -6.262  17.873  1.00 65.46  ?  158 VAL A O   1 
ATOM   1133 C CB  . VAL A 1 144 ? 9.181   -7.831  15.803  1.00 63.17  ?  158 VAL A CB  1 
ATOM   1134 C CG1 . VAL A 1 144 ? 7.771   -7.824  16.372  1.00 61.37  ?  158 VAL A CG1 1 
ATOM   1135 C CG2 . VAL A 1 144 ? 9.202   -8.485  14.432  1.00 62.71  ?  158 VAL A CG2 1 
ATOM   1136 N N   . HIS A 1 145 ? 8.989   -4.966  17.554  1.00 68.29  ?  159 HIS A N   1 
ATOM   1137 C CA  . HIS A 1 145 ? 8.894   -4.432  18.924  1.00 74.45  ?  159 HIS A CA  1 
ATOM   1138 C C   . HIS A 1 145 ? 7.483   -4.673  19.448  1.00 73.75  ?  159 HIS A C   1 
ATOM   1139 O O   . HIS A 1 145 ? 6.520   -4.325  18.774  1.00 72.93  ?  159 HIS A O   1 
ATOM   1140 C CB  . HIS A 1 145 ? 9.204   -2.928  18.934  1.00 79.89  ?  159 HIS A CB  1 
ATOM   1141 C CG  . HIS A 1 145 ? 10.664  -2.628  19.027  1.00 97.46  ?  159 HIS A CG  1 
ATOM   1142 N ND1 . HIS A 1 145 ? 11.551  -2.933  18.016  1.00 106.81 ?  159 HIS A ND1 1 
ATOM   1143 C CD2 . HIS A 1 145 ? 11.400  -2.075  20.021  1.00 108.69 ?  159 HIS A CD2 1 
ATOM   1144 C CE1 . HIS A 1 145 ? 12.771  -2.572  18.380  1.00 109.79 ?  159 HIS A CE1 1 
ATOM   1145 N NE2 . HIS A 1 145 ? 12.706  -2.049  19.592  1.00 114.06 ?  159 HIS A NE2 1 
ATOM   1146 N N   . ASP A 1 146 ? 7.360   -5.262  20.635  1.00 76.27  ?  160 ASP A N   1 
ATOM   1147 C CA  . ASP A 1 146 ? 6.047   -5.538  21.257  1.00 82.53  ?  160 ASP A CA  1 
ATOM   1148 C C   . ASP A 1 146 ? 5.538   -4.334  22.086  1.00 82.44  ?  160 ASP A C   1 
ATOM   1149 O O   . ASP A 1 146 ? 6.225   -3.904  23.007  1.00 84.23  ?  160 ASP A O   1 
ATOM   1150 C CB  . ASP A 1 146 ? 6.154   -6.788  22.128  1.00 86.15  ?  160 ASP A CB  1 
ATOM   1151 C CG  . ASP A 1 146 ? 6.548   -8.025  21.327  1.00 90.60  ?  160 ASP A CG  1 
ATOM   1152 O OD1 . ASP A 1 146 ? 7.540   -7.964  20.571  1.00 92.57  ?  160 ASP A OD1 1 
ATOM   1153 O OD2 . ASP A 1 146 ? 5.864   -9.062  21.456  1.00 92.06  ?  160 ASP A OD2 1 
ATOM   1154 N N   . GLN A 1 147 ? 4.353   -3.797  21.770  1.00 81.05  ?  161 GLN A N   1 
ATOM   1155 C CA  . GLN A 1 147 ? 3.900   -2.511  22.362  1.00 82.47  ?  161 GLN A CA  1 
ATOM   1156 C C   . GLN A 1 147 ? 3.348   -2.680  23.777  1.00 85.43  ?  161 GLN A C   1 
ATOM   1157 O O   . GLN A 1 147 ? 2.272   -3.244  23.970  1.00 87.78  ?  161 GLN A O   1 
ATOM   1158 C CB  . GLN A 1 147 ? 2.851   -1.820  21.482  1.00 82.87  ?  161 GLN A CB  1 
ATOM   1159 N N   . ILE A 1 158 ? -0.564  -6.980  24.608  1.00 109.68 ?  172 ILE A N   1 
ATOM   1160 C CA  . ILE A 1 158 ? 0.731   -6.648  24.001  1.00 113.30 ?  172 ILE A CA  1 
ATOM   1161 C C   . ILE A 1 158 ? 0.760   -7.158  22.530  1.00 100.54 ?  172 ILE A C   1 
ATOM   1162 O O   . ILE A 1 158 ? 0.492   -8.331  22.283  1.00 94.25  ?  172 ILE A O   1 
ATOM   1163 C CB  . ILE A 1 158 ? 1.898   -7.184  24.899  1.00 117.74 ?  172 ILE A CB  1 
ATOM   1164 C CG1 . ILE A 1 158 ? 2.158   -6.234  26.116  1.00 115.56 ?  172 ILE A CG1 1 
ATOM   1165 C CG2 . ILE A 1 158 ? 3.151   -7.495  24.081  1.00 119.71 ?  172 ILE A CG2 1 
ATOM   1166 C CD1 . ILE A 1 158 ? 3.407   -5.354  26.100  1.00 108.16 ?  172 ILE A CD1 1 
ATOM   1167 N N   . ASN A 1 159 ? 1.102   -6.266  21.585  1.00 93.31  ?  173 ASN A N   1 
ATOM   1168 C CA  . ASN A 1 159 ? 0.982   -6.497  20.118  1.00 88.27  ?  173 ASN A CA  1 
ATOM   1169 C C   . ASN A 1 159 ? 2.240   -6.075  19.286  1.00 84.36  ?  173 ASN A C   1 
ATOM   1170 O O   . ASN A 1 159 ? 3.060   -5.257  19.730  1.00 72.72  ?  173 ASN A O   1 
ATOM   1171 C CB  . ASN A 1 159 ? -0.296  -5.806  19.578  1.00 87.59  ?  173 ASN A CB  1 
ATOM   1172 C CG  . ASN A 1 159 ? -0.094  -4.326  19.239  1.00 92.45  ?  173 ASN A CG  1 
ATOM   1173 O OD1 . ASN A 1 159 ? -0.552  -3.858  18.190  1.00 91.15  ?  173 ASN A OD1 1 
ATOM   1174 N ND2 . ASN A 1 159 ? 0.585   -3.583  20.118  1.00 91.29  ?  173 ASN A ND2 1 
ATOM   1175 N N   . HIS A 1 160 ? 2.349   -6.618  18.069  1.00 80.90  ?  174 HIS A N   1 
ATOM   1176 C CA  . HIS A 1 160 ? 3.570   -6.519  17.230  1.00 75.52  ?  174 HIS A CA  1 
ATOM   1177 C C   . HIS A 1 160 ? 3.697   -5.260  16.310  1.00 67.31  ?  174 HIS A C   1 
ATOM   1178 O O   . HIS A 1 160 ? 2.848   -5.011  15.457  1.00 65.61  ?  174 HIS A O   1 
ATOM   1179 C CB  . HIS A 1 160 ? 3.697   -7.786  16.370  1.00 76.54  ?  174 HIS A CB  1 
ATOM   1180 C CG  . HIS A 1 160 ? 3.805   -9.060  17.155  1.00 82.38  ?  174 HIS A CG  1 
ATOM   1181 N ND1 . HIS A 1 160 ? 4.311   -9.113  18.438  1.00 82.92  ?  174 HIS A ND1 1 
ATOM   1182 C CD2 . HIS A 1 160 ? 3.509   -10.341 16.815  1.00 87.94  ?  174 HIS A CD2 1 
ATOM   1183 C CE1 . HIS A 1 160 ? 4.302   -10.366 18.860  1.00 87.36  ?  174 HIS A CE1 1 
ATOM   1184 N NE2 . HIS A 1 160 ? 3.824   -11.132 17.894  1.00 88.03  ?  174 HIS A NE2 1 
ATOM   1185 N N   . ILE A 1 161 ? 4.783   -4.502  16.483  1.00 63.69  ?  175 ILE A N   1 
ATOM   1186 C CA  . ILE A 1 161 ? 5.088   -3.280  15.721  1.00 60.05  ?  175 ILE A CA  1 
ATOM   1187 C C   . ILE A 1 161 ? 6.408   -3.492  14.960  1.00 56.95  ?  175 ILE A C   1 
ATOM   1188 O O   . ILE A 1 161 ? 7.367   -4.010  15.527  1.00 52.91  ?  175 ILE A O   1 
ATOM   1189 C CB  . ILE A 1 161 ? 5.233   -2.065  16.680  1.00 62.72  ?  175 ILE A CB  1 
ATOM   1190 C CG1 . ILE A 1 161 ? 3.864   -1.669  17.241  1.00 71.10  ?  175 ILE A CG1 1 
ATOM   1191 C CG2 . ILE A 1 161 ? 5.879   -0.856  16.001  1.00 63.91  ?  175 ILE A CG2 1 
ATOM   1192 C CD1 . ILE A 1 161 ? 3.916   -0.728  18.439  1.00 73.52  ?  175 ILE A CD1 1 
ATOM   1193 N N   . PHE A 1 162 ? 6.464   -3.073  13.692  1.00 51.98  ?  176 PHE A N   1 
ATOM   1194 C CA  . PHE A 1 162 ? 7.712   -3.096  12.915  1.00 46.47  ?  176 PHE A CA  1 
ATOM   1195 C C   . PHE A 1 162 ? 8.454   -1.755  13.002  1.00 44.95  ?  176 PHE A C   1 
ATOM   1196 O O   . PHE A 1 162 ? 7.836   -0.712  12.913  1.00 44.96  ?  176 PHE A O   1 
ATOM   1197 C CB  . PHE A 1 162 ? 7.437   -3.373  11.441  1.00 42.99  ?  176 PHE A CB  1 
ATOM   1198 C CG  . PHE A 1 162 ? 6.827   -4.713  11.136  1.00 42.60  ?  176 PHE A CG  1 
ATOM   1199 C CD1 . PHE A 1 162 ? 6.889   -5.803  12.029  1.00 43.94  ?  176 PHE A CD1 1 
ATOM   1200 C CD2 . PHE A 1 162 ? 6.206   -4.904  9.894   1.00 40.36  ?  176 PHE A CD2 1 
ATOM   1201 C CE1 . PHE A 1 162 ? 6.324   -7.049  11.676  1.00 42.99  ?  176 PHE A CE1 1 
ATOM   1202 C CE2 . PHE A 1 162 ? 5.651   -6.135  9.549   1.00 41.55  ?  176 PHE A CE2 1 
ATOM   1203 C CZ  . PHE A 1 162 ? 5.721   -7.217  10.436  1.00 40.74  ?  176 PHE A CZ  1 
ATOM   1204 N N   . GLU A 1 163 ? 9.780   -1.800  13.145  1.00 46.60  ?  177 GLU A N   1 
ATOM   1205 C CA  . GLU A 1 163 ? 10.637  -0.602  13.038  1.00 50.61  ?  177 GLU A CA  1 
ATOM   1206 C C   . GLU A 1 163 ? 11.579  -0.719  11.832  1.00 45.49  ?  177 GLU A C   1 
ATOM   1207 O O   . GLU A 1 163 ? 12.327  -1.702  11.707  1.00 41.63  ?  177 GLU A O   1 
ATOM   1208 C CB  . GLU A 1 163 ? 11.438  -0.388  14.323  1.00 57.12  ?  177 GLU A CB  1 
ATOM   1209 C CG  . GLU A 1 163 ? 10.571  0.061   15.501  1.00 69.54  ?  177 GLU A CG  1 
ATOM   1210 C CD  . GLU A 1 163 ? 11.365  0.480   16.732  1.00 85.25  ?  177 GLU A CD  1 
ATOM   1211 O OE1 . GLU A 1 163 ? 12.606  0.666   16.626  1.00 93.95  ?  177 GLU A OE1 1 
ATOM   1212 O OE2 . GLU A 1 163 ? 10.736  0.635   17.815  1.00 96.87  ?  177 GLU A OE2 1 
ATOM   1213 N N   . TYR A 1 164 ? 11.515  0.259   10.935  1.00 40.18  ?  178 TYR A N   1 
ATOM   1214 C CA  . TYR A 1 164 ? 12.363  0.262   9.740   1.00 41.36  ?  178 TYR A CA  1 
ATOM   1215 C C   . TYR A 1 164 ? 13.218  1.501   9.744   1.00 40.19  ?  178 TYR A C   1 
ATOM   1216 O O   . TYR A 1 164 ? 12.691  2.612   9.856   1.00 40.11  ?  178 TYR A O   1 
ATOM   1217 C CB  . TYR A 1 164 ? 11.545  0.218   8.429   1.00 38.82  ?  178 TYR A CB  1 
ATOM   1218 C CG  . TYR A 1 164 ? 12.432  0.399   7.206   1.00 37.79  ?  178 TYR A CG  1 
ATOM   1219 C CD1 . TYR A 1 164 ? 13.253  -0.627  6.780   1.00 40.48  ?  178 TYR A CD1 1 
ATOM   1220 C CD2 . TYR A 1 164 ? 12.491  1.616   6.505   1.00 38.06  ?  178 TYR A CD2 1 
ATOM   1221 C CE1 . TYR A 1 164 ? 14.085  -0.482  5.682   1.00 39.63  ?  178 TYR A CE1 1 
ATOM   1222 C CE2 . TYR A 1 164 ? 13.323  1.770   5.399   1.00 35.77  ?  178 TYR A CE2 1 
ATOM   1223 C CZ  . TYR A 1 164 ? 14.119  0.712   4.999   1.00 38.18  ?  178 TYR A CZ  1 
ATOM   1224 O OH  . TYR A 1 164 ? 14.994  0.806   3.936   1.00 42.04  ?  178 TYR A OH  1 
ATOM   1225 N N   . THR A 1 165 ? 14.523  1.308   9.565   1.00 42.21  ?  179 THR A N   1 
ATOM   1226 C CA  . THR A 1 165 ? 15.482  2.408   9.466   1.00 41.79  ?  179 THR A CA  1 
ATOM   1227 C C   . THR A 1 165 ? 16.011  2.554   8.040   1.00 40.73  ?  179 THR A C   1 
ATOM   1228 O O   . THR A 1 165 ? 16.685  1.677   7.541   1.00 44.24  ?  179 THR A O   1 
ATOM   1229 C CB  . THR A 1 165 ? 16.651  2.179   10.434  1.00 45.98  ?  179 THR A CB  1 
ATOM   1230 O OG1 . THR A 1 165 ? 16.133  1.986   11.766  1.00 47.68  ?  179 THR A OG1 1 
ATOM   1231 C CG2 . THR A 1 165 ? 17.613  3.382   10.409  1.00 43.91  ?  179 THR A CG2 1 
ATOM   1232 N N   . ASN A 1 166 ? 15.691  3.666   7.390   1.00 40.99  ?  180 ASN A N   1 
ATOM   1233 C CA  . ASN A 1 166 ? 16.166  3.952   6.041   1.00 40.63  ?  180 ASN A CA  1 
ATOM   1234 C C   . ASN A 1 166 ? 17.691  4.207   6.098   1.00 45.95  ?  180 ASN A C   1 
ATOM   1235 O O   . ASN A 1 166 ? 18.126  5.134   6.785   1.00 40.95  ?  180 ASN A O   1 
ATOM   1236 C CB  . ASN A 1 166 ? 15.409  5.174   5.559   1.00 40.51  ?  180 ASN A CB  1 
ATOM   1237 C CG  . ASN A 1 166 ? 15.781  5.619   4.175   1.00 41.42  ?  180 ASN A CG  1 
ATOM   1238 O OD1 . ASN A 1 166 ? 16.688  5.103   3.547   1.00 41.36  ?  180 ASN A OD1 1 
ATOM   1239 N ND2 . ASN A 1 166 ? 15.053  6.613   3.687   1.00 48.11  ?  180 ASN A ND2 1 
ATOM   1240 N N   . PRO A 1 167 ? 18.507  3.364   5.421   1.00 46.07  ?  181 PRO A N   1 
ATOM   1241 C CA  . PRO A 1 167 ? 19.975  3.604   5.473   1.00 46.49  ?  181 PRO A CA  1 
ATOM   1242 C C   . PRO A 1 167 ? 20.460  4.856   4.711   1.00 45.91  ?  181 PRO A C   1 
ATOM   1243 O O   . PRO A 1 167 ? 21.587  5.260   4.907   1.00 42.03  ?  181 PRO A O   1 
ATOM   1244 C CB  . PRO A 1 167 ? 20.601  2.326   4.867   1.00 42.37  ?  181 PRO A CB  1 
ATOM   1245 C CG  . PRO A 1 167 ? 19.471  1.496   4.348   1.00 43.44  ?  181 PRO A CG  1 
ATOM   1246 C CD  . PRO A 1 167 ? 18.151  2.159   4.644   1.00 42.74  ?  181 PRO A CD  1 
ATOM   1247 N N   . GLU A 1 168 ? 19.624  5.445   3.860   1.00 50.26  ?  182 GLU A N   1 
ATOM   1248 C CA  . GLU A 1 168 ? 19.928  6.736   3.216   1.00 55.02  ?  182 GLU A CA  1 
ATOM   1249 C C   . GLU A 1 168 ? 20.118  7.911   4.193   1.00 52.83  ?  182 GLU A C   1 
ATOM   1250 O O   . GLU A 1 168 ? 21.037  8.713   4.003   1.00 53.59  ?  182 GLU A O   1 
ATOM   1251 C CB  . GLU A 1 168 ? 18.814  7.133   2.242   1.00 62.97  ?  182 GLU A CB  1 
ATOM   1252 C CG  . GLU A 1 168 ? 18.718  6.293   0.979   1.00 69.65  ?  182 GLU A CG  1 
ATOM   1253 C CD  . GLU A 1 168 ? 19.870  6.526   0.026   1.00 76.00  ?  182 GLU A CD  1 
ATOM   1254 O OE1 . GLU A 1 168 ? 20.057  7.688   -0.455  1.00 78.65  ?  182 GLU A OE1 1 
ATOM   1255 O OE2 . GLU A 1 168 ? 20.581  5.531   -0.241  1.00 83.41  ?  182 GLU A OE2 1 
ATOM   1256 N N   . ASP A 1 169 ? 19.262  7.996   5.223   1.00 50.28  ?  183 ASP A N   1 
ATOM   1257 C CA  . ASP A 1 169 ? 19.247  9.112   6.194   1.00 45.88  ?  183 ASP A CA  1 
ATOM   1258 C C   . ASP A 1 169 ? 19.190  8.743   7.698   1.00 45.16  ?  183 ASP A C   1 
ATOM   1259 O O   . ASP A 1 169 ? 19.131  9.632   8.566   1.00 46.92  ?  183 ASP A O   1 
ATOM   1260 C CB  . ASP A 1 169 ? 18.091  10.069  5.849   1.00 47.86  ?  183 ASP A CB  1 
ATOM   1261 C CG  . ASP A 1 169 ? 16.700  9.379   5.850   1.00 59.51  ?  183 ASP A CG  1 
ATOM   1262 O OD1 . ASP A 1 169 ? 16.541  8.296   6.471   1.00 57.97  ?  183 ASP A OD1 1 
ATOM   1263 O OD2 . ASP A 1 169 ? 15.756  9.938   5.236   1.00 63.60  ?  183 ASP A OD2 1 
ATOM   1264 N N   . GLY A 1 170 ? 19.192  7.454   8.027   1.00 50.13  ?  184 GLY A N   1 
ATOM   1265 C CA  . GLY A 1 170 ? 19.010  6.987   9.436   1.00 49.24  ?  184 GLY A CA  1 
ATOM   1266 C C   . GLY A 1 170 ? 17.664  7.264   10.125  1.00 48.08  ?  184 GLY A C   1 
ATOM   1267 O O   . GLY A 1 170 ? 17.514  7.035   11.348  1.00 45.50  ?  184 GLY A O   1 
ATOM   1268 N N   . VAL A 1 171 ? 16.676  7.740   9.365   1.00 48.63  ?  185 VAL A N   1 
ATOM   1269 C CA  . VAL A 1 171 ? 15.334  7.962   9.929   1.00 51.47  ?  185 VAL A CA  1 
ATOM   1270 C C   . VAL A 1 171 ? 14.620  6.624   10.150  1.00 48.33  ?  185 VAL A C   1 
ATOM   1271 O O   . VAL A 1 171 ? 14.564  5.797   9.220   1.00 44.96  ?  185 VAL A O   1 
ATOM   1272 C CB  . VAL A 1 171 ? 14.447  8.847   9.023   1.00 52.61  ?  185 VAL A CB  1 
ATOM   1273 C CG1 . VAL A 1 171 ? 13.080  9.058   9.672   1.00 52.52  ?  185 VAL A CG1 1 
ATOM   1274 C CG2 . VAL A 1 171 ? 15.113  10.199  8.759   1.00 56.72  ?  185 VAL A CG2 1 
ATOM   1275 N N   . THR A 1 172 ? 14.088  6.439   11.367  1.00 47.28  ?  186 THR A N   1 
ATOM   1276 C CA  . THR A 1 172 ? 13.299  5.265   11.747  1.00 49.79  ?  186 THR A CA  1 
ATOM   1277 C C   . THR A 1 172 ? 11.757  5.508   11.657  1.00 50.75  ?  186 THR A C   1 
ATOM   1278 O O   . THR A 1 172 ? 11.247  6.527   12.120  1.00 50.77  ?  186 THR A O   1 
ATOM   1279 C CB  . THR A 1 172 ? 13.721  4.760   13.148  1.00 50.66  ?  186 THR A CB  1 
ATOM   1280 O OG1 . THR A 1 172 ? 15.132  4.507   13.146  1.00 52.35  ?  186 THR A OG1 1 
ATOM   1281 C CG2 . THR A 1 172 ? 13.003  3.448   13.524  1.00 51.25  ?  186 THR A CG2 1 
ATOM   1282 N N   . TYR A 1 173 ? 11.041  4.565   11.037  1.00 45.18  ?  187 TYR A N   1 
ATOM   1283 C CA  . TYR A 1 173 ? 9.578   4.586   10.964  1.00 42.81  ?  187 TYR A CA  1 
ATOM   1284 C C   . TYR A 1 173 ? 8.972   3.367   11.665  1.00 42.58  ?  187 TYR A C   1 
ATOM   1285 O O   . TYR A 1 173 ? 9.546   2.255   11.648  1.00 40.84  ?  187 TYR A O   1 
ATOM   1286 C CB  . TYR A 1 173 ? 9.113   4.549   9.508   1.00 43.19  ?  187 TYR A CB  1 
ATOM   1287 C CG  . TYR A 1 173 ? 9.636   5.655   8.654   1.00 45.08  ?  187 TYR A CG  1 
ATOM   1288 C CD1 . TYR A 1 173 ? 10.906  5.559   8.051   1.00 45.93  ?  187 TYR A CD1 1 
ATOM   1289 C CD2 . TYR A 1 173 ? 8.886   6.817   8.447   1.00 42.64  ?  187 TYR A CD2 1 
ATOM   1290 C CE1 . TYR A 1 173 ? 11.403  6.578   7.254   1.00 43.09  ?  187 TYR A CE1 1 
ATOM   1291 C CE2 . TYR A 1 173 ? 9.374   7.847   7.660   1.00 43.68  ?  187 TYR A CE2 1 
ATOM   1292 C CZ  . TYR A 1 173 ? 10.634  7.737   7.061   1.00 48.11  ?  187 TYR A CZ  1 
ATOM   1293 O OH  . TYR A 1 173 ? 11.123  8.776   6.257   1.00 46.94  ?  187 TYR A OH  1 
ATOM   1294 N N   . GLN A 1 174 ? 7.797   3.581   12.250  1.00 43.35  ?  188 GLN A N   1 
ATOM   1295 C CA  . GLN A 1 174 ? 6.990   2.509   12.864  1.00 47.70  ?  188 GLN A CA  1 
ATOM   1296 C C   . GLN A 1 174 ? 5.871   2.152   11.893  1.00 43.93  ?  188 GLN A C   1 
ATOM   1297 O O   . GLN A 1 174 ? 5.171   3.047   11.392  1.00 40.55  ?  188 GLN A O   1 
ATOM   1298 C CB  . GLN A 1 174 ? 6.378   2.948   14.216  1.00 53.61  ?  188 GLN A CB  1 
ATOM   1299 C CG  . GLN A 1 174 ? 7.305   2.770   15.422  1.00 59.57  ?  188 GLN A CG  1 
ATOM   1300 C CD  . GLN A 1 174 ? 6.676   3.198   16.749  1.00 65.64  ?  188 GLN A CD  1 
ATOM   1301 O OE1 . GLN A 1 174 ? 5.471   3.493   16.848  1.00 68.32  ?  188 GLN A OE1 1 
ATOM   1302 N NE2 . GLN A 1 174 ? 7.499   3.225   17.786  1.00 72.23  ?  188 GLN A NE2 1 
ATOM   1303 N N   . ILE A 1 175 ? 5.713   0.862   11.624  1.00 39.03  ?  189 ILE A N   1 
ATOM   1304 C CA  . ILE A 1 175 ? 4.658   0.375   10.723  1.00 40.27  ?  189 ILE A CA  1 
ATOM   1305 C C   . ILE A 1 175 ? 3.852   -0.658  11.512  1.00 39.42  ?  189 ILE A C   1 
ATOM   1306 O O   . ILE A 1 175 ? 4.433   -1.586  12.082  1.00 38.66  ?  189 ILE A O   1 
ATOM   1307 C CB  . ILE A 1 175 ? 5.242   -0.309  9.454   1.00 40.42  ?  189 ILE A CB  1 
ATOM   1308 C CG1 . ILE A 1 175 ? 6.316   0.567   8.795   1.00 43.57  ?  189 ILE A CG1 1 
ATOM   1309 C CG2 . ILE A 1 175 ? 4.130   -0.628  8.460   1.00 39.97  ?  189 ILE A CG2 1 
ATOM   1310 C CD1 . ILE A 1 175 ? 7.012   -0.037  7.581   1.00 41.59  ?  189 ILE A CD1 1 
ATOM   1311 N N   . LYS A 1 176 ? 2.535   -0.518  11.549  1.00 38.10  ?  190 LYS A N   1 
ATOM   1312 C CA  . LYS A 1 176 ? 1.720   -1.462  12.325  1.00 41.48  ?  190 LYS A CA  1 
ATOM   1313 C C   . LYS A 1 176 ? 0.295   -1.636  11.786  1.00 38.68  ?  190 LYS A C   1 
ATOM   1314 O O   . LYS A 1 176 ? -0.077  -1.022  10.789  1.00 38.78  ?  190 LYS A O   1 
ATOM   1315 C CB  . LYS A 1 176 ? 1.684   -0.998  13.781  1.00 44.11  ?  190 LYS A CB  1 
ATOM   1316 C CG  . LYS A 1 176 ? 0.759   0.163   14.015  1.00 45.50  ?  190 LYS A CG  1 
ATOM   1317 C CD  . LYS A 1 176 ? 1.109   0.971   15.260  1.00 50.43  ?  190 LYS A CD  1 
ATOM   1318 C CE  . LYS A 1 176 ? -0.009  1.992   15.496  1.00 52.43  ?  190 LYS A CE  1 
ATOM   1319 N NZ  . LYS A 1 176 ? 0.365   3.098   16.417  1.00 59.38  ?  190 LYS A NZ  1 
ATOM   1320 N N   . GLY A 1 177 ? -0.488  -2.486  12.450  1.00 38.12  ?  191 GLY A N   1 
ATOM   1321 C CA  . GLY A 1 177 ? -1.909  -2.684  12.112  1.00 36.44  ?  191 GLY A CA  1 
ATOM   1322 C C   . GLY A 1 177 ? -2.145  -3.312  10.735  1.00 35.12  ?  191 GLY A C   1 
ATOM   1323 O O   . GLY A 1 177 ? -1.352  -4.145  10.282  1.00 31.76  ?  191 GLY A O   1 
ATOM   1324 N N   . MET A 1 178 ? -3.237  -2.898  10.088  1.00 32.97  ?  192 MET A N   1 
ATOM   1325 C CA  . MET A 1 178 ? -3.616  -3.377  8.763   1.00 34.91  ?  192 MET A CA  1 
ATOM   1326 C C   . MET A 1 178 ? -2.485  -3.171  7.743   1.00 34.19  ?  192 MET A C   1 
ATOM   1327 O O   . MET A 1 178 ? -2.247  -4.030  6.899   1.00 32.77  ?  192 MET A O   1 
ATOM   1328 C CB  . MET A 1 178 ? -4.891  -2.636  8.293   1.00 34.58  ?  192 MET A CB  1 
ATOM   1329 C CG  . MET A 1 178 ? -5.510  -3.117  6.974   1.00 34.10  ?  192 MET A CG  1 
ATOM   1330 S SD  . MET A 1 178 ? -6.764  -1.992  6.307   1.00 40.73  ?  192 MET A SD  1 
ATOM   1331 C CE  . MET A 1 178 ? -5.798  -0.542  5.800   1.00 37.76  ?  192 MET A CE  1 
ATOM   1332 N N   . THR A 1 179 ? -1.817  -2.016  7.842   1.00 33.84  ?  193 THR A N   1 
ATOM   1333 C CA  . THR A 1 179 ? -0.715  -1.625  6.948   1.00 32.73  ?  193 THR A CA  1 
ATOM   1334 C C   . THR A 1 179 ? 0.431   -2.633  6.998   1.00 32.90  ?  193 THR A C   1 
ATOM   1335 O O   . THR A 1 179 ? 0.899   -3.095  5.960   1.00 35.62  ?  193 THR A O   1 
ATOM   1336 C CB  . THR A 1 179 ? -0.231  -0.190  7.291   1.00 31.83  ?  193 THR A CB  1 
ATOM   1337 O OG1 . THR A 1 179 ? -1.306  0.740   7.054   1.00 34.01  ?  193 THR A OG1 1 
ATOM   1338 C CG2 . THR A 1 179 ? 0.963   0.228   6.438   1.00 33.01  ?  193 THR A CG2 1 
ATOM   1339 N N   . ALA A 1 180 ? 0.883   -2.976  8.201   1.00 34.68  ?  194 ALA A N   1 
ATOM   1340 C CA  . ALA A 1 180 ? 1.898   -4.044  8.388   1.00 34.22  ?  194 ALA A CA  1 
ATOM   1341 C C   . ALA A 1 180 ? 1.441   -5.423  7.892   1.00 34.41  ?  194 ALA A C   1 
ATOM   1342 O O   . ALA A 1 180 ? 2.223   -6.153  7.273   1.00 33.98  ?  194 ALA A O   1 
ATOM   1343 C CB  . ALA A 1 180 ? 2.323   -4.124  9.846   1.00 33.69  ?  194 ALA A CB  1 
ATOM   1344 N N   . ASN A 1 181 ? 0.170   -5.757  8.128   1.00 35.80  ?  195 ASN A N   1 
ATOM   1345 C CA  . ASN A 1 181 ? -0.382  -7.054  7.705   1.00 34.81  ?  195 ASN A CA  1 
ATOM   1346 C C   . ASN A 1 181 ? -0.418  -7.200  6.196   1.00 31.32  ?  195 ASN A C   1 
ATOM   1347 O O   . ASN A 1 181 ? -0.039  -8.235  5.676   1.00 34.52  ?  195 ASN A O   1 
ATOM   1348 C CB  . ASN A 1 181 ? -1.761  -7.314  8.347   1.00 37.76  ?  195 ASN A CB  1 
ATOM   1349 C CG  . ASN A 1 181 ? -1.652  -7.683  9.829   1.00 43.08  ?  195 ASN A CG  1 
ATOM   1350 O OD1 . ASN A 1 181 ? -1.420  -8.839  10.169  1.00 54.95  ?  195 ASN A OD1 1 
ATOM   1351 N ND2 . ASN A 1 181 ? -1.817  -6.722  10.704  1.00 47.56  ?  195 ASN A ND2 1 
ATOM   1352 N N   . LEU A 1 182 ? -0.823  -6.154  5.491   1.00 31.62  ?  196 LEU A N   1 
ATOM   1353 C CA  . LEU A 1 182 ? -0.910  -6.180  4.016   1.00 30.54  ?  196 LEU A CA  1 
ATOM   1354 C C   . LEU A 1 182 ? 0.499   -6.235  3.357   1.00 31.23  ?  196 LEU A C   1 
ATOM   1355 O O   . LEU A 1 182 ? 0.706   -6.886  2.329   1.00 27.12  ?  196 LEU A O   1 
ATOM   1356 C CB  . LEU A 1 182 ? -1.732  -4.963  3.499   1.00 30.63  ?  196 LEU A CB  1 
ATOM   1357 C CG  . LEU A 1 182 ? -3.265  -4.984  3.738   1.00 33.31  ?  196 LEU A CG  1 
ATOM   1358 C CD1 . LEU A 1 182 ? -3.987  -3.693  3.340   1.00 33.24  ?  196 LEU A CD1 1 
ATOM   1359 C CD2 . LEU A 1 182 ? -3.933  -6.154  3.037   1.00 31.37  ?  196 LEU A CD2 1 
ATOM   1360 N N   . ALA A 1 183 ? 1.457   -5.543  3.970   1.00 31.62  ?  197 ALA A N   1 
ATOM   1361 C CA  . ALA A 1 183 ? 2.850   -5.576  3.505   1.00 33.50  ?  197 ALA A CA  1 
ATOM   1362 C C   . ALA A 1 183 ? 3.455   -6.975  3.574   1.00 31.58  ?  197 ALA A C   1 
ATOM   1363 O O   . ALA A 1 183 ? 4.092   -7.424  2.617   1.00 31.29  ?  197 ALA A O   1 
ATOM   1364 C CB  . ALA A 1 183 ? 3.706   -4.586  4.309   1.00 31.96  ?  197 ALA A CB  1 
ATOM   1365 N N   . VAL A 1 184 ? 3.277   -7.645  4.716   1.00 33.21  ?  198 VAL A N   1 
ATOM   1366 C CA  . VAL A 1 184 ? 3.725   -9.052  4.890   1.00 31.96  ?  198 VAL A CA  1 
ATOM   1367 C C   . VAL A 1 184 ? 3.042   -9.937  3.862   1.00 32.51  ?  198 VAL A C   1 
ATOM   1368 O O   . VAL A 1 184 ? 3.710   -10.695 3.190   1.00 33.59  ?  198 VAL A O   1 
ATOM   1369 C CB  . VAL A 1 184 ? 3.467   -9.571  6.319   1.00 32.79  ?  198 VAL A CB  1 
ATOM   1370 C CG1 . VAL A 1 184 ? 3.673   -11.068 6.435   1.00 32.37  ?  198 VAL A CG1 1 
ATOM   1371 C CG2 . VAL A 1 184 ? 4.403   -8.871  7.301   1.00 34.41  ?  198 VAL A CG2 1 
ATOM   1372 N N   . LEU A 1 185 ? 1.731   -9.781  3.675   1.00 31.34  ?  199 LEU A N   1 
ATOM   1373 C CA  . LEU A 1 185 ? 1.025   -10.585 2.675   1.00 31.56  ?  199 LEU A CA  1 
ATOM   1374 C C   . LEU A 1 185 ? 1.620   -10.501 1.242   1.00 31.72  ?  199 LEU A C   1 
ATOM   1375 O O   . LEU A 1 185 ? 1.874   -11.517 0.565   1.00 32.21  ?  199 LEU A O   1 
ATOM   1376 C CB  . LEU A 1 185 ? -0.458  -10.184 2.646   1.00 30.55  ?  199 LEU A CB  1 
ATOM   1377 C CG  . LEU A 1 185 ? -1.326  -10.824 1.560   1.00 31.02  ?  199 LEU A CG  1 
ATOM   1378 C CD1 . LEU A 1 185 ? -1.412  -12.345 1.681   1.00 32.31  ?  199 LEU A CD1 1 
ATOM   1379 C CD2 . LEU A 1 185 ? -2.704  -10.210 1.609   1.00 31.98  ?  199 LEU A CD2 1 
ATOM   1380 N N   . VAL A 1 186 ? 1.785   -9.277  0.782   1.00 32.15  ?  200 VAL A N   1 
ATOM   1381 C CA  . VAL A 1 186 ? 2.378   -8.978  -0.533  1.00 34.23  ?  200 VAL A CA  1 
ATOM   1382 C C   . VAL A 1 186 ? 3.804   -9.560  -0.646  1.00 32.14  ?  200 VAL A C   1 
ATOM   1383 O O   . VAL A 1 186 ? 4.143   -10.178 -1.643  1.00 30.17  ?  200 VAL A O   1 
ATOM   1384 C CB  . VAL A 1 186 ? 2.366   -7.456  -0.782  1.00 34.52  ?  200 VAL A CB  1 
ATOM   1385 C CG1 . VAL A 1 186 ? 3.205   -7.079  -1.996  1.00 37.48  ?  200 VAL A CG1 1 
ATOM   1386 C CG2 . VAL A 1 186 ? 0.937   -7.033  -1.022  1.00 37.87  ?  200 VAL A CG2 1 
ATOM   1387 N N   . ALA A 1 187 ? 4.610   -9.411  0.397   1.00 31.74  ?  201 ALA A N   1 
ATOM   1388 C CA  . ALA A 1 187 ? 5.934   -10.061 0.411   1.00 32.77  ?  201 ALA A CA  1 
ATOM   1389 C C   . ALA A 1 187 ? 5.880   -11.588 0.262   1.00 33.43  ?  201 ALA A C   1 
ATOM   1390 O O   . ALA A 1 187 ? 6.679   -12.176 -0.513  1.00 32.17  ?  201 ALA A O   1 
ATOM   1391 C CB  . ALA A 1 187 ? 6.702   -9.671  1.663   1.00 31.89  ?  201 ALA A CB  1 
ATOM   1392 N N   . PHE A 1 188 ? 4.967   -12.236 0.997   1.00 32.68  ?  202 PHE A N   1 
ATOM   1393 C CA  . PHE A 1 188 ? 4.817   -13.702 0.881   1.00 33.77  ?  202 PHE A CA  1 
ATOM   1394 C C   . PHE A 1 188 ? 4.422   -14.097 -0.536  1.00 31.82  ?  202 PHE A C   1 
ATOM   1395 O O   . PHE A 1 188 ? 4.995   -15.014 -1.126  1.00 32.26  ?  202 PHE A O   1 
ATOM   1396 C CB  . PHE A 1 188 ? 3.770   -14.280 1.858   1.00 34.44  ?  202 PHE A CB  1 
ATOM   1397 C CG  . PHE A 1 188 ? 4.198   -14.337 3.305   1.00 35.10  ?  202 PHE A CG  1 
ATOM   1398 C CD1 . PHE A 1 188 ? 5.520   -14.139 3.718   1.00 37.03  ?  202 PHE A CD1 1 
ATOM   1399 C CD2 . PHE A 1 188 ? 3.255   -14.656 4.274   1.00 36.87  ?  202 PHE A CD2 1 
ATOM   1400 C CE1 . PHE A 1 188 ? 5.873   -14.209 5.071   1.00 37.01  ?  202 PHE A CE1 1 
ATOM   1401 C CE2 . PHE A 1 188 ? 3.606   -14.731 5.622   1.00 38.93  ?  202 PHE A CE2 1 
ATOM   1402 C CZ  . PHE A 1 188 ? 4.923   -14.508 6.024   1.00 36.99  ?  202 PHE A CZ  1 
ATOM   1403 N N   . ILE A 1 189 ? 3.433   -13.408 -1.084  1.00 32.30  ?  203 ILE A N   1 
ATOM   1404 C CA  . ILE A 1 189 ? 2.933   -13.746 -2.420  1.00 30.47  ?  203 ILE A CA  1 
ATOM   1405 C C   . ILE A 1 189 ? 4.023   -13.721 -3.478  1.00 29.61  ?  203 ILE A C   1 
ATOM   1406 O O   . ILE A 1 189 ? 4.073   -14.612 -4.333  1.00 31.29  ?  203 ILE A O   1 
ATOM   1407 C CB  . ILE A 1 189 ? 1.781   -12.807 -2.853  1.00 30.98  ?  203 ILE A CB  1 
ATOM   1408 C CG1 . ILE A 1 189 ? 0.522   -13.117 -2.025  1.00 32.99  ?  203 ILE A CG1 1 
ATOM   1409 C CG2 . ILE A 1 189 ? 1.430   -12.994 -4.338  1.00 30.96  ?  203 ILE A CG2 1 
ATOM   1410 C CD1 . ILE A 1 189 ? -0.594  -12.085 -2.153  1.00 34.67  ?  203 ILE A CD1 1 
ATOM   1411 N N   . ILE A 1 190 ? 4.854   -12.680 -3.447  1.00 31.27  ?  204 ILE A N   1 
ATOM   1412 C CA  . ILE A 1 190 ? 5.812   -12.392 -4.528  1.00 32.24  ?  204 ILE A CA  1 
ATOM   1413 C C   . ILE A 1 190 ? 7.151   -13.099 -4.304  1.00 31.68  ?  204 ILE A C   1 
ATOM   1414 O O   . ILE A 1 190 ? 7.766   -13.534 -5.260  1.00 32.98  ?  204 ILE A O   1 
ATOM   1415 C CB  . ILE A 1 190 ? 6.029   -10.852 -4.690  1.00 33.20  ?  204 ILE A CB  1 
ATOM   1416 C CG1 . ILE A 1 190 ? 4.749   -10.178 -5.204  1.00 33.11  ?  204 ILE A CG1 1 
ATOM   1417 C CG2 . ILE A 1 190 ? 7.170   -10.524 -5.639  1.00 32.72  ?  204 ILE A CG2 1 
ATOM   1418 C CD1 . ILE A 1 190 ? 4.813   -8.675  -5.191  1.00 32.59  ?  204 ILE A CD1 1 
ATOM   1419 N N   . LEU A 1 191 ? 7.610   -13.179 -3.059  1.00 33.07  ?  205 LEU A N   1 
ATOM   1420 C CA  . LEU A 1 191 ? 8.958   -13.686 -2.755  1.00 34.42  ?  205 LEU A CA  1 
ATOM   1421 C C   . LEU A 1 191 ? 9.056   -15.150 -2.285  1.00 38.05  ?  205 LEU A C   1 
ATOM   1422 O O   . LEU A 1 191 ? 10.159  -15.687 -2.248  1.00 39.97  ?  205 LEU A O   1 
ATOM   1423 C CB  . LEU A 1 191 ? 9.624   -12.776 -1.721  1.00 32.60  ?  205 LEU A CB  1 
ATOM   1424 C CG  . LEU A 1 191 ? 9.812   -11.303 -2.155  1.00 34.55  ?  205 LEU A CG  1 
ATOM   1425 C CD1 . LEU A 1 191 ? 10.433  -10.486 -1.028  1.00 32.66  ?  205 LEU A CD1 1 
ATOM   1426 C CD2 . LEU A 1 191 ? 10.669  -11.164 -3.439  1.00 34.75  ?  205 LEU A CD2 1 
ATOM   1427 N N   . GLU A 1 192 ? 7.949   -15.799 -1.915  1.00 38.94  ?  206 GLU A N   1 
ATOM   1428 C CA  . GLU A 1 192 ? 8.050   -17.170 -1.404  1.00 43.54  ?  206 GLU A CA  1 
ATOM   1429 C C   . GLU A 1 192 ? 8.539   -18.097 -2.493  1.00 40.91  ?  206 GLU A C   1 
ATOM   1430 O O   . GLU A 1 192 ? 8.192   -17.925 -3.646  1.00 38.41  ?  206 GLU A O   1 
ATOM   1431 C CB  . GLU A 1 192 ? 6.724   -17.712 -0.866  1.00 43.51  ?  206 GLU A CB  1 
ATOM   1432 C CG  . GLU A 1 192 ? 5.696   -18.029 -1.935  1.00 44.84  ?  206 GLU A CG  1 
ATOM   1433 C CD  . GLU A 1 192 ? 4.416   -18.614 -1.382  1.00 50.69  ?  206 GLU A CD  1 
ATOM   1434 O OE1 . GLU A 1 192 ? 4.452   -19.188 -0.262  1.00 48.08  ?  206 GLU A OE1 1 
ATOM   1435 O OE2 . GLU A 1 192 ? 3.393   -18.517 -2.103  1.00 50.91  ?  206 GLU A OE2 1 
ATOM   1436 N N   . LYS A 1 193 ? 9.319   -19.092 -2.101  1.00 45.39  ?  207 LYS A N   1 
ATOM   1437 C CA  . LYS A 1 193 ? 9.792   -20.139 -3.009  1.00 51.61  ?  207 LYS A CA  1 
ATOM   1438 C C   . LYS A 1 193 ? 10.444  -19.633 -4.298  1.00 50.39  ?  207 LYS A C   1 
ATOM   1439 O O   . LYS A 1 193 ? 9.929   -19.885 -5.369  1.00 54.39  ?  207 LYS A O   1 
ATOM   1440 C CB  . LYS A 1 193 ? 8.651   -21.104 -3.345  1.00 54.53  ?  207 LYS A CB  1 
ATOM   1441 C CG  . LYS A 1 193 ? 8.096   -21.859 -2.151  1.00 63.57  ?  207 LYS A CG  1 
ATOM   1442 C CD  . LYS A 1 193 ? 6.919   -22.729 -2.598  1.00 72.22  ?  207 LYS A CD  1 
ATOM   1443 C CE  . LYS A 1 193 ? 5.907   -22.996 -1.485  1.00 75.30  ?  207 LYS A CE  1 
ATOM   1444 N NZ  . LYS A 1 193 ? 4.530   -23.171 -2.042  1.00 79.21  ?  207 LYS A NZ  1 
ATOM   1445 N N   . LYS A 1 194 ? 11.580  -18.948 -4.188  1.00 58.12  ?  208 LYS A N   1 
ATOM   1446 C CA  . LYS A 1 194 ? 12.333  -18.433 -5.356  1.00 65.22  ?  208 LYS A CA  1 
ATOM   1447 C C   . LYS A 1 194 ? 13.769  -19.002 -5.372  1.00 65.03  ?  208 LYS A C   1 
ATOM   1448 O O   . LYS A 1 194 ? 14.446  -18.985 -4.328  1.00 54.56  ?  208 LYS A O   1 
ATOM   1449 C CB  . LYS A 1 194 ? 12.422  -16.898 -5.313  1.00 71.20  ?  208 LYS A CB  1 
ATOM   1450 C CG  . LYS A 1 194 ? 11.092  -16.163 -5.427  1.00 83.84  ?  208 LYS A CG  1 
ATOM   1451 C CD  . LYS A 1 194 ? 10.622  -15.995 -6.869  1.00 86.88  ?  208 LYS A CD  1 
ATOM   1452 C CE  . LYS A 1 194 ? 11.129  -14.704 -7.488  1.00 87.82  ?  208 LYS A CE  1 
ATOM   1453 N NZ  . LYS A 1 194 ? 10.640  -14.529 -8.878  1.00 92.56  ?  208 LYS A NZ  1 
ATOM   1454 N N   . PRO A 1 195 ? 14.240  -19.495 -6.547  1.00 69.83  ?  209 PRO A N   1 
ATOM   1455 C CA  . PRO A 1 195 ? 15.691  -19.758 -6.744  1.00 72.43  ?  209 PRO A CA  1 
ATOM   1456 C C   . PRO A 1 195 ? 16.521  -18.461 -6.646  1.00 74.01  ?  209 PRO A C   1 
ATOM   1457 O O   . PRO A 1 195 ? 16.026  -17.416 -7.063  1.00 80.95  ?  209 PRO A O   1 
ATOM   1458 C CB  . PRO A 1 195 ? 15.765  -20.346 -8.167  1.00 74.15  ?  209 PRO A CB  1 
ATOM   1459 C CG  . PRO A 1 195 ? 14.366  -20.744 -8.541  1.00 74.60  ?  209 PRO A CG  1 
ATOM   1460 C CD  . PRO A 1 195 ? 13.421  -19.930 -7.704  1.00 72.85  ?  209 PRO A CD  1 
ATOM   1461 N N   . THR A 1 196 ? 17.748  -18.514 -6.110  1.00 76.37  ?  210 THR A N   1 
ATOM   1462 C CA  . THR A 1 196 ? 18.555  -17.285 -5.849  1.00 79.72  ?  210 THR A CA  1 
ATOM   1463 C C   . THR A 1 196 ? 19.453  -16.791 -7.017  1.00 77.81  ?  210 THR A C   1 
ATOM   1464 O O   . THR A 1 196 ? 19.558  -17.424 -8.070  1.00 71.48  ?  210 THR A O   1 
ATOM   1465 C CB  . THR A 1 196 ? 19.428  -17.443 -4.583  1.00 80.07  ?  210 THR A CB  1 
ATOM   1466 O OG1 . THR A 1 196 ? 20.072  -18.724 -4.594  1.00 79.83  ?  210 THR A OG1 1 
ATOM   1467 C CG2 . THR A 1 196 ? 18.581  -17.326 -3.329  1.00 80.22  ?  210 THR A CG2 1 
HETATM 1468 C C   . ACT B 2 .   ? 5.899   6.978   12.465  1.00 79.53  ?  301 ACT A C   1 
HETATM 1469 O O   . ACT B 2 .   ? 5.855   7.600   11.381  1.00 81.29  ?  301 ACT A O   1 
HETATM 1470 O OXT . ACT B 2 .   ? 6.961   6.421   12.831  1.00 65.41  ?  301 ACT A OXT 1 
HETATM 1471 C CH3 . ACT B 2 .   ? 4.659   6.900   13.328  1.00 76.43  ?  301 ACT A CH3 1 
HETATM 1472 C C   . ACT C 2 .   ? -0.686  1.292   -17.521 1.00 85.35  ?  302 ACT A C   1 
HETATM 1473 O O   . ACT C 2 .   ? -1.611  1.965   -17.018 1.00 84.10  ?  302 ACT A O   1 
HETATM 1474 O OXT . ACT C 2 .   ? 0.511   1.603   -17.304 1.00 89.81  ?  302 ACT A OXT 1 
HETATM 1475 C CH3 . ACT C 2 .   ? -1.023  0.106   -18.394 1.00 81.40  ?  302 ACT A CH3 1 
HETATM 1476 S S   . DMS D 3 .   ? 5.230   13.055  -11.193 1.00 90.37  ?  303 DMS A S   1 
HETATM 1477 O O   . DMS D 3 .   ? 6.157   11.881  -11.300 1.00 68.80  ?  303 DMS A O   1 
HETATM 1478 C C1  . DMS D 3 .   ? 3.960   12.979  -12.331 1.00 84.64  ?  303 DMS A C1  1 
HETATM 1479 C C2  . DMS D 3 .   ? 4.220   13.029  -9.805  1.00 84.54  ?  303 DMS A C2  1 
HETATM 1480 S S   . DMS E 3 .   ? 7.789   0.951   -16.800 1.00 98.66  ?  304 DMS A S   1 
HETATM 1481 O O   . DMS E 3 .   ? 8.460   1.305   -15.518 1.00 78.50  ?  304 DMS A O   1 
HETATM 1482 C C1  . DMS E 3 .   ? 8.861   1.109   -18.110 1.00 94.58  ?  304 DMS A C1  1 
HETATM 1483 C C2  . DMS E 3 .   ? 7.540   -0.739  -16.900 1.00 99.25  ?  304 DMS A C2  1 
HETATM 1484 C C4  . H5A F 4 .   ? -7.583  2.150   8.763   0.47 41.63  ?  305 H5A A C4  1 
HETATM 1485 C C5  . H5A F 4 .   ? -7.605  2.708   7.489   0.47 43.77  ?  305 H5A A C5  1 
HETATM 1486 C C6  . H5A F 4 .   ? -8.725  3.366   7.050   0.47 43.96  ?  305 H5A A C6  1 
HETATM 1487 C C7  . H5A F 4 .   ? -9.820  3.507   7.904   0.47 42.68  ?  305 H5A A C7  1 
HETATM 1488 C C8  . H5A F 4 .   ? -12.146 3.436   7.770   0.47 40.25  ?  305 H5A A C8  1 
HETATM 1489 C C10 . H5A F 4 .   ? -6.357  1.438   9.225   0.47 42.01  ?  305 H5A A C10 1 
HETATM 1490 C C1  . H5A F 4 .   ? -10.924 2.684   11.265  0.47 45.70  ?  305 H5A A C1  1 
HETATM 1491 O O1  . H5A F 4 .   ? -10.939 3.113   9.907   0.47 46.47  ?  305 H5A A O1  1 
HETATM 1492 C C2  . H5A F 4 .   ? -9.794  2.943   9.180   0.47 44.66  ?  305 H5A A C2  1 
HETATM 1493 C C3  . H5A F 4 .   ? -8.677  2.273   9.613   0.47 42.80  ?  305 H5A A C3  1 
HETATM 1494 O O2  . H5A F 4 .   ? -10.952 4.158   7.484   0.47 41.09  ?  305 H5A A O2  1 
HETATM 1495 O O3  . H5A F 4 .   ? -8.836  3.991   5.839   0.47 45.40  ?  305 H5A A O3  1 
HETATM 1496 C C9  . H5A F 4 .   ? -8.940  3.195   4.663   0.47 48.20  ?  305 H5A A C9  1 
HETATM 1497 O O4  . H5A F 4 .   ? -5.289  1.713   8.661   0.47 39.71  ?  305 H5A A O4  1 
HETATM 1498 O O5  . H5A F 4 .   ? -6.471  0.622   10.148  0.47 41.68  -1 305 H5A A O5  1 
HETATM 1499 O O   . HOH G 5 .   ? -20.028 -8.379  -3.925  1.00 42.92  ?  401 HOH A O   1 
HETATM 1500 O O   . HOH G 5 .   ? 0.922   16.553  -5.003  1.00 62.23  ?  402 HOH A O   1 
HETATM 1501 O O   . HOH G 5 .   ? 5.773   -20.503 1.271   1.00 53.51  ?  403 HOH A O   1 
HETATM 1502 O O   . HOH G 5 .   ? -16.183 -1.014  16.423  1.00 95.03  ?  404 HOH A O   1 
HETATM 1503 O O   . HOH G 5 .   ? -20.795 5.495   3.352   1.00 56.96  ?  405 HOH A O   1 
HETATM 1504 O O   . HOH G 5 .   ? 9.892   -6.914  -17.297 1.00 65.81  ?  406 HOH A O   1 
HETATM 1505 O O   . HOH G 5 .   ? 6.617   3.602   -18.827 1.00 67.24  ?  407 HOH A O   1 
HETATM 1506 O O   . HOH G 5 .   ? -0.758  -15.880 -12.974 1.00 49.85  ?  408 HOH A O   1 
HETATM 1507 O O   . HOH G 5 .   ? 2.024   17.923  6.449   1.00 62.42  ?  409 HOH A O   1 
HETATM 1508 O O   . HOH G 5 .   ? -11.123 -1.143  -12.870 1.00 80.25  ?  410 HOH A O   1 
HETATM 1509 O O   . HOH G 5 .   ? -18.780 6.350   -0.537  1.00 84.03  ?  411 HOH A O   1 
HETATM 1510 O O   . HOH G 5 .   ? 10.376  -15.085 6.985   1.00 70.44  ?  412 HOH A O   1 
HETATM 1511 O O   . HOH G 5 .   ? -25.532 -3.634  -2.147  1.00 62.31  ?  413 HOH A O   1 
HETATM 1512 O O   . HOH G 5 .   ? 15.230  -7.475  7.307   1.00 57.54  ?  414 HOH A O   1 
HETATM 1513 O O   . HOH G 5 .   ? -13.923 1.245   -1.884  1.00 42.26  ?  415 HOH A O   1 
HETATM 1514 O O   . HOH G 5 .   ? 13.788  -12.965 10.957  1.00 53.50  ?  416 HOH A O   1 
HETATM 1515 O O   . HOH G 5 .   ? 3.347   -11.725 -15.940 1.00 52.53  ?  417 HOH A O   1 
HETATM 1516 O O   . HOH G 5 .   ? 8.389   6.802   -18.010 1.00 50.68  ?  418 HOH A O   1 
HETATM 1517 O O   . HOH G 5 .   ? -19.204 -6.856  8.309   1.00 43.13  ?  419 HOH A O   1 
HETATM 1518 O O   . HOH G 5 .   ? 0.467   -4.248  14.784  1.00 52.91  ?  420 HOH A O   1 
HETATM 1519 O O   . HOH G 5 .   ? -3.939  3.904   8.339   1.00 58.81  ?  421 HOH A O   1 
HETATM 1520 O O   . HOH G 5 .   ? -5.028  -1.013  11.580  1.00 46.41  ?  422 HOH A O   1 
HETATM 1521 O O   . HOH G 5 .   ? 13.348  4.344   2.788   1.00 81.00  ?  423 HOH A O   1 
HETATM 1522 O O   . HOH G 5 .   ? 13.295  8.422   4.831   1.00 54.01  ?  424 HOH A O   1 
HETATM 1523 O O   . HOH G 5 .   ? 3.344   -1.515  -15.883 1.00 45.45  ?  425 HOH A O   1 
HETATM 1524 O O   . HOH G 5 .   ? 9.311   6.810   13.959  1.00 70.31  ?  426 HOH A O   1 
HETATM 1525 O O   . HOH G 5 .   ? -1.247  -11.347 9.362   1.00 46.95  ?  427 HOH A O   1 
HETATM 1526 O O   . HOH G 5 .   ? -22.258 0.665   -0.007  1.00 43.86  ?  428 HOH A O   1 
HETATM 1527 O O   . HOH G 5 .   ? 2.827   -17.045 -4.238  1.00 41.30  ?  429 HOH A O   1 
HETATM 1528 O O   . HOH G 5 .   ? -18.886 5.720   -6.941  1.00 35.11  ?  430 HOH A O   1 
HETATM 1529 O O   . HOH G 5 .   ? -3.725  -8.281  -13.974 1.00 58.04  ?  431 HOH A O   1 
HETATM 1530 O O   . HOH G 5 .   ? -7.766  18.103  9.298   1.00 80.53  ?  432 HOH A O   1 
HETATM 1531 O O   . HOH G 5 .   ? -16.993 10.258  -0.355  1.00 64.35  ?  433 HOH A O   1 
HETATM 1532 O O   . HOH G 5 .   ? 12.443  10.133  -14.489 1.00 69.74  ?  434 HOH A O   1 
HETATM 1533 O O   . HOH G 5 .   ? 1.150   1.987   10.670  1.00 33.19  ?  435 HOH A O   1 
HETATM 1534 O O   . HOH G 5 .   ? 11.978  -12.623 -10.251 1.00 67.77  ?  436 HOH A O   1 
HETATM 1535 O O   . HOH G 5 .   ? 8.269   -15.702 -9.478  1.00 62.63  ?  437 HOH A O   1 
HETATM 1536 O O   . HOH G 5 .   ? 8.221   -13.018 -7.887  1.00 46.00  ?  438 HOH A O   1 
HETATM 1537 O O   . HOH G 5 .   ? 15.734  -20.824 -2.783  1.00 40.29  ?  439 HOH A O   1 
HETATM 1538 O O   . HOH G 5 .   ? -6.744  11.866  -13.300 1.00 71.33  ?  440 HOH A O   1 
HETATM 1539 O O   . HOH G 5 .   ? 15.044  -9.719  4.673   1.00 64.41  ?  441 HOH A O   1 
HETATM 1540 O O   . HOH G 5 .   ? -1.408  19.591  7.382   1.00 71.03  ?  442 HOH A O   1 
HETATM 1541 O O   . HOH G 5 .   ? 9.459   5.855   -8.713  1.00 60.13  ?  443 HOH A O   1 
HETATM 1542 O O   . HOH G 5 .   ? -18.625 -3.817  -0.891  1.00 37.26  ?  444 HOH A O   1 
HETATM 1543 O O   . HOH G 5 .   ? -19.948 9.441   1.849   1.00 66.92  ?  445 HOH A O   1 
HETATM 1544 O O   . HOH G 5 .   ? -13.972 -7.528  -4.318  1.00 49.87  ?  446 HOH A O   1 
HETATM 1545 O O   . HOH G 5 .   ? 0.769   14.971  -10.497 1.00 58.40  ?  447 HOH A O   1 
HETATM 1546 O O   . HOH G 5 .   ? -18.452 -1.353  -6.721  1.00 63.92  ?  448 HOH A O   1 
HETATM 1547 O O   . HOH G 5 .   ? -13.991 13.816  -6.364  1.00 40.03  ?  449 HOH A O   1 
HETATM 1548 O O   . HOH G 5 .   ? -7.144  -15.261 -9.081  1.00 61.78  ?  450 HOH A O   1 
HETATM 1549 O O   . HOH G 5 .   ? 11.279  -7.136  -15.115 1.00 43.03  ?  451 HOH A O   1 
HETATM 1550 O O   . HOH G 5 .   ? -12.754 -15.369 -5.521  1.00 71.62  ?  452 HOH A O   1 
HETATM 1551 O O   . HOH G 5 .   ? 9.263   0.764   -10.806 1.00 47.82  ?  453 HOH A O   1 
HETATM 1552 O O   . HOH G 5 .   ? 7.439   -11.989 8.440   1.00 46.06  ?  454 HOH A O   1 
HETATM 1553 O O   . HOH G 5 .   ? -6.663  12.388  0.901   1.00 75.78  ?  455 HOH A O   1 
HETATM 1554 O O   . HOH G 5 .   ? 19.751  5.877   12.572  1.00 82.90  ?  456 HOH A O   1 
HETATM 1555 O O   . HOH G 5 .   ? 12.240  -11.116 11.967  1.00 51.74  ?  457 HOH A O   1 
HETATM 1556 O O   . HOH G 5 .   ? -1.140  -6.418  13.420  1.00 50.62  ?  458 HOH A O   1 
HETATM 1557 O O   . HOH G 5 .   ? 8.743   11.849  8.758   1.00 59.82  ?  459 HOH A O   1 
HETATM 1558 O O   . HOH G 5 .   ? 9.754   -10.700 -8.735  1.00 44.03  ?  460 HOH A O   1 
HETATM 1559 O O   . HOH G 5 .   ? 4.772   17.109  2.952   1.00 42.52  ?  461 HOH A O   1 
HETATM 1560 O O   . HOH G 5 .   ? -11.002 1.826   -12.654 1.00 55.01  ?  462 HOH A O   1 
HETATM 1561 O O   . HOH G 5 .   ? -10.302 6.818   6.789   1.00 71.20  ?  463 HOH A O   1 
HETATM 1562 O O   . HOH G 5 .   ? -2.758  1.387   4.718   1.00 33.14  ?  464 HOH A O   1 
HETATM 1563 O O   . HOH G 5 .   ? -13.936 -4.273  -4.868  1.00 67.50  ?  465 HOH A O   1 
HETATM 1564 O O   . HOH G 5 .   ? -4.190  3.231   -14.502 1.00 47.67  ?  466 HOH A O   1 
HETATM 1565 O O   . HOH G 5 .   ? 16.850  -1.350  3.817   1.00 50.84  ?  467 HOH A O   1 
HETATM 1566 O O   . HOH G 5 .   ? -13.859 -5.571  -2.548  1.00 48.83  ?  468 HOH A O   1 
HETATM 1567 O O   . HOH G 5 .   ? -3.312  7.420   -9.652  1.00 42.26  ?  469 HOH A O   1 
HETATM 1568 O O   . HOH G 5 .   ? -14.484 -1.186  -0.255  1.00 36.27  ?  470 HOH A O   1 
HETATM 1569 O O   . HOH G 5 .   ? -2.677  0.432   9.557   1.00 39.76  ?  471 HOH A O   1 
HETATM 1570 O O   . HOH G 5 .   ? 14.652  8.331   13.460  1.00 69.77  ?  472 HOH A O   1 
HETATM 1571 O O   . HOH G 5 .   ? 3.673   0.726   -14.436 1.00 44.25  ?  473 HOH A O   1 
HETATM 1572 O O   . HOH G 5 .   ? 15.646  -1.354  9.631   1.00 44.60  ?  474 HOH A O   1 
HETATM 1573 O O   . HOH G 5 .   ? -12.641 8.426   -10.097 1.00 39.03  ?  475 HOH A O   1 
HETATM 1574 O O   . HOH G 5 .   ? -13.110 -4.170  13.622  1.00 57.14  ?  476 HOH A O   1 
HETATM 1575 O O   . HOH G 5 .   ? 2.599   4.080   12.229  1.00 46.70  ?  477 HOH A O   1 
HETATM 1576 O O   . HOH G 5 .   ? 15.214  -0.662  12.503  1.00 53.51  ?  478 HOH A O   1 
HETATM 1577 O O   . HOH G 5 .   ? 6.104   8.836   -15.711 1.00 55.32  ?  479 HOH A O   1 
HETATM 1578 O O   . HOH G 5 .   ? -9.813  7.579   -10.440 1.00 45.56  ?  480 HOH A O   1 
HETATM 1579 O O   . HOH G 5 .   ? -4.398  0.154   -14.298 1.00 46.32  ?  481 HOH A O   1 
HETATM 1580 O O   . HOH G 5 .   ? 15.089  -16.391 -3.180  1.00 52.14  ?  482 HOH A O   1 
HETATM 1581 O O   . HOH G 5 .   ? -12.888 10.848  -0.964  1.00 45.59  ?  483 HOH A O   1 
HETATM 1582 O O   . HOH G 5 .   ? -5.903  -18.690 -8.441  1.00 69.49  ?  484 HOH A O   1 
HETATM 1583 O O   . HOH G 5 .   ? -23.076 -1.687  12.348  1.00 64.41  ?  485 HOH A O   1 
HETATM 1584 O O   . HOH G 5 .   ? 12.736  -8.748  15.630  1.00 54.61  ?  486 HOH A O   1 
HETATM 1585 O O   . HOH G 5 .   ? 6.158   -15.905 -11.207 1.00 60.86  ?  487 HOH A O   1 
HETATM 1586 O O   . HOH G 5 .   ? -2.033  8.998   2.855   1.00 48.37  ?  488 HOH A O   1 
HETATM 1587 O O   . HOH G 5 .   ? -19.398 4.186   0.996   1.00 40.15  ?  489 HOH A O   1 
HETATM 1588 O O   . HOH G 5 .   ? -15.126 -2.735  -12.030 1.00 63.26  ?  490 HOH A O   1 
HETATM 1589 O O   . HOH G 5 .   ? -9.401  -6.986  -9.537  1.00 61.55  ?  491 HOH A O   1 
HETATM 1590 O O   . HOH G 5 .   ? -20.161 -12.296 -5.661  1.00 46.46  ?  492 HOH A O   1 
HETATM 1591 O O   . HOH G 5 .   ? -3.144  10.990  4.285   1.00 42.66  ?  493 HOH A O   1 
HETATM 1592 O O   . HOH G 5 .   ? 13.020  -6.588  -1.999  1.00 44.04  ?  494 HOH A O   1 
HETATM 1593 O O   . HOH G 5 .   ? -13.096 -8.028  11.291  1.00 54.36  ?  495 HOH A O   1 
HETATM 1594 O O   . HOH G 5 .   ? -12.952 11.106  -10.286 1.00 48.91  ?  496 HOH A O   1 
HETATM 1595 O O   . HOH G 5 .   ? 2.279   17.342  9.508   1.00 65.12  ?  497 HOH A O   1 
HETATM 1596 O O   . HOH G 5 .   ? -11.252 -8.815  7.613   1.00 43.50  ?  498 HOH A O   1 
HETATM 1597 O O   . HOH G 5 .   ? -1.636  1.720   11.650  1.00 41.68  ?  499 HOH A O   1 
HETATM 1598 O O   . HOH G 5 .   ? -7.455  12.997  -8.036  1.00 48.35  ?  500 HOH A O   1 
HETATM 1599 O O   . HOH G 5 .   ? 12.773  -14.344 -2.979  1.00 45.89  ?  501 HOH A O   1 
HETATM 1600 O O   . HOH G 5 .   ? 16.816  -0.137  -0.849  1.00 61.18  ?  502 HOH A O   1 
HETATM 1601 O O   . HOH G 5 .   ? -15.812 -2.108  -7.489  1.00 48.32  ?  503 HOH A O   1 
HETATM 1602 O O   . HOH G 5 .   ? -26.058 -1.219  5.096   1.00 47.80  ?  504 HOH A O   1 
HETATM 1603 O O   . HOH G 5 .   ? -1.825  21.776  0.520   1.00 71.33  ?  505 HOH A O   1 
HETATM 1604 O O   . HOH G 5 .   ? 14.647  -9.228  -13.937 1.00 56.93  ?  506 HOH A O   1 
HETATM 1605 O O   . HOH G 5 .   ? 2.554   4.552   14.788  1.00 75.75  ?  507 HOH A O   1 
HETATM 1606 O O   . HOH G 5 .   ? -2.927  9.880   -16.573 1.00 72.04  ?  508 HOH A O   1 
HETATM 1607 O O   . HOH G 5 .   ? 3.292   2.967   -16.060 1.00 63.57  ?  509 HOH A O   1 
HETATM 1608 O O   . HOH G 5 .   ? -12.386 -2.069  -9.132  1.00 45.16  ?  510 HOH A O   1 
HETATM 1609 O O   . HOH G 5 .   ? -21.807 -0.811  -2.383  1.00 82.14  ?  511 HOH A O   1 
HETATM 1610 O O   . HOH G 5 .   ? -8.240  11.788  -10.576 1.00 56.66  ?  512 HOH A O   1 
HETATM 1611 O O   . HOH G 5 .   ? 12.640  -8.137  -4.735  1.00 38.16  ?  513 HOH A O   1 
HETATM 1612 O O   . HOH G 5 .   ? -1.285  16.266  -5.593  1.00 61.03  ?  514 HOH A O   1 
HETATM 1613 O O   . HOH G 5 .   ? -17.556 5.576   6.809   1.00 64.19  ?  515 HOH A O   1 
HETATM 1614 O O   . HOH G 5 .   ? -18.674 -0.444  -9.284  1.00 53.02  ?  516 HOH A O   1 
HETATM 1615 O O   . HOH G 5 .   ? 21.491  -18.323 -1.759  1.00 63.85  ?  517 HOH A O   1 
HETATM 1616 O O   . HOH G 5 .   ? 17.001  12.904  5.102   1.00 52.93  ?  518 HOH A O   1 
HETATM 1617 O O   . HOH G 5 .   ? -23.523 -2.722  10.074  1.00 49.80  ?  519 HOH A O   1 
HETATM 1618 O O   . HOH G 5 .   ? -20.631 -0.497  -4.713  1.00 68.02  ?  520 HOH A O   1 
HETATM 1619 O O   . HOH G 5 .   ? 12.747  6.536   0.677   1.00 26.22  ?  521 HOH A O   1 
HETATM 1620 O O   . HOH G 5 .   ? -20.317 7.479   -2.882  1.00 45.40  ?  522 HOH A O   1 
HETATM 1621 O O   . HOH G 5 .   ? -1.143  -19.659 -5.584  1.00 56.21  ?  523 HOH A O   1 
HETATM 1622 O O   . HOH G 5 .   ? 15.279  6.473   -16.814 1.00 57.86  ?  524 HOH A O   1 
HETATM 1623 O O   . HOH G 5 .   ? -9.633  -6.987  8.669   1.00 71.24  ?  525 HOH A O   1 
HETATM 1624 O O   . HOH G 5 .   ? 4.787   11.265  -16.701 1.00 72.96  ?  526 HOH A O   1 
HETATM 1625 O O   . HOH G 5 .   ? 10.128  14.905  -12.237 1.00 70.93  ?  527 HOH A O   1 
HETATM 1626 O O   . HOH G 5 .   ? -11.374 14.099  -4.937  1.00 58.00  ?  528 HOH A O   1 
HETATM 1627 O O   . HOH G 5 .   ? 15.749  -6.126  -0.813  1.00 56.46  ?  529 HOH A O   1 
HETATM 1628 O O   . HOH G 5 .   ? -20.537 2.459   -3.718  1.00 65.83  ?  530 HOH A O   1 
HETATM 1629 O O   . HOH G 5 .   ? 7.096   16.277  2.141   1.00 49.02  ?  531 HOH A O   1 
HETATM 1630 O O   . HOH G 5 .   ? 2.174   7.059   -20.998 1.00 63.44  ?  532 HOH A O   1 
HETATM 1631 O O   . HOH G 5 .   ? 15.696  8.574   0.850   1.00 71.36  ?  533 HOH A O   1 
HETATM 1632 O O   . HOH G 5 .   ? -5.617  11.670  3.574   1.00 54.46  ?  534 HOH A O   1 
HETATM 1633 O O   . HOH G 5 .   ? 9.279   8.842   -4.447  1.00 56.17  ?  535 HOH A O   1 
HETATM 1634 O O   . HOH G 5 .   ? 14.171  -16.335 10.644  1.00 70.56  ?  536 HOH A O   1 
HETATM 1635 O O   . HOH G 5 .   ? -5.604  15.241  -7.518  1.00 59.57  ?  537 HOH A O   1 
HETATM 1636 O O   . HOH G 5 .   ? -0.426  -14.425 -15.322 1.00 58.23  ?  538 HOH A O   1 
HETATM 1637 O O   . HOH G 5 .   ? -13.085 9.805   5.234   1.00 59.37  ?  539 HOH A O   1 
HETATM 1638 O O   . HOH G 5 .   ? 20.002  -22.232 -3.412  1.00 57.70  ?  540 HOH A O   1 
HETATM 1639 O O   . HOH G 5 .   ? 17.729  -21.867 -4.534  1.00 59.52  ?  541 HOH A O   1 
HETATM 1640 O O   . HOH G 5 .   ? 3.407   -17.532 -10.909 1.00 63.02  ?  542 HOH A O   1 
HETATM 1641 O O   . HOH G 5 .   ? -13.494 -4.336  -7.447  1.00 53.14  ?  543 HOH A O   1 
HETATM 1642 O O   . HOH G 5 .   ? -20.718 3.055   -0.817  1.00 70.84  ?  544 HOH A O   1 
HETATM 1643 O O   . HOH G 5 .   ? -15.464 -3.865  -9.255  1.00 71.49  ?  545 HOH A O   1 
HETATM 1644 O O   . HOH G 5 .   ? 22.823  6.910   9.199   1.00 66.83  ?  546 HOH A O   1 
HETATM 1645 O O   . HOH G 5 .   ? -3.385  -16.103 -12.880 1.00 70.17  ?  547 HOH A O   1 
HETATM 1646 O O   . HOH G 5 .   ? -10.724 -3.118  -10.923 1.00 60.30  ?  548 HOH A O   1 
HETATM 1647 O O   . HOH G 5 .   ? -7.788  -5.338  -10.751 1.00 62.15  ?  549 HOH A O   1 
HETATM 1648 O O   . HOH G 5 .   ? 12.696  -12.888 -5.811  1.00 74.26  ?  550 HOH A O   1 
HETATM 1649 O O   . HOH G 5 .   ? -2.118  12.256  -16.816 1.00 77.14  ?  551 HOH A O   1 
HETATM 1650 O O   . HOH G 5 .   ? 8.090   -15.395 7.546   1.00 65.50  ?  552 HOH A O   1 
HETATM 1651 O O   . HOH G 5 .   ? -0.824  19.330  -3.781  1.00 62.12  ?  553 HOH A O   1 
HETATM 1652 O O   . HOH G 5 .   ? -8.716  -4.504  8.138   1.00 58.29  ?  554 HOH A O   1 
HETATM 1653 O O   . HOH G 5 .   ? 16.172  -5.693  2.197   1.00 52.40  ?  555 HOH A O   1 
HETATM 1654 O O   . HOH G 5 .   ? -9.365  14.295  -6.568  1.00 62.15  ?  556 HOH A O   1 
HETATM 1655 O O   . HOH G 5 .   ? 18.191  -1.443  1.035   1.00 74.22  ?  557 HOH A O   1 
HETATM 1656 O O   . HOH G 5 .   ? -23.844 -1.090  8.034   1.00 70.09  ?  558 HOH A O   1 
HETATM 1657 O O   . HOH G 5 .   ? 15.763  -4.201  4.239   1.00 44.90  ?  559 HOH A O   1 
HETATM 1658 O O   . HOH G 5 .   ? -3.986  -3.313  15.327  1.00 64.76  ?  560 HOH A O   1 
HETATM 1659 O O   . HOH G 5 .   ? 16.400  -5.423  6.658   1.00 59.88  ?  561 HOH A O   1 
HETATM 1660 O O   . HOH G 5 .   ? -14.417 15.549  -8.343  1.00 55.41  ?  562 HOH A O   1 
HETATM 1661 O O   . HOH G 5 .   ? -8.317  0.771   -12.665 1.00 64.80  ?  563 HOH A O   1 
HETATM 1662 O O   . HOH G 5 .   ? 14.205  -9.690  -2.758  1.00 54.82  ?  564 HOH A O   1 
HETATM 1663 O O   . HOH G 5 .   ? 11.840  -9.892  -6.974  1.00 59.49  ?  565 HOH A O   1 
HETATM 1664 O O   . HOH G 5 .   ? 16.482  -8.609  -1.701  1.00 67.55  ?  566 HOH A O   1 
HETATM 1665 O O   . HOH G 5 .   ? 13.788  -12.167 -1.269  1.00 46.10  ?  567 HOH A O   1 
HETATM 1666 O O   . HOH G 5 .   ? 17.084  -10.286 0.654   1.00 46.91  ?  568 HOH A O   1 
# 
loop_
_pdbx_poly_seq_scheme.asym_id 
_pdbx_poly_seq_scheme.entity_id 
_pdbx_poly_seq_scheme.seq_id 
_pdbx_poly_seq_scheme.mon_id 
_pdbx_poly_seq_scheme.ndb_seq_num 
_pdbx_poly_seq_scheme.pdb_seq_num 
_pdbx_poly_seq_scheme.auth_seq_num 
_pdbx_poly_seq_scheme.pdb_mon_id 
_pdbx_poly_seq_scheme.auth_mon_id 
_pdbx_poly_seq_scheme.pdb_strand_id 
_pdbx_poly_seq_scheme.pdb_ins_code 
_pdbx_poly_seq_scheme.hetero 
A 1 1   SER 1   15  15  SER SER A . n 
A 1 2   MET 2   16  16  MET MET A . n 
A 1 3   LEU 3   17  17  LEU LEU A . n 
A 1 4   ASP 4   18  18  ASP ASP A . n 
A 1 5   ASP 5   19  19  ASP ASP A . n 
A 1 6   ALA 6   20  20  ALA ALA A . n 
A 1 7   LYS 7   21  21  LYS LYS A . n 
A 1 8   ALA 8   22  22  ALA ALA A . n 
A 1 9   ARG 9   23  23  ARG ARG A . n 
A 1 10  LEU 10  24  24  LEU LEU A . n 
A 1 11  ARG 11  25  25  ARG ARG A . n 
A 1 12  LYS 12  26  26  LYS LYS A . n 
A 1 13  TYR 13  27  27  TYR TYR A . n 
A 1 14  ASP 14  28  28  ASP ASP A . n 
A 1 15  ILE 15  29  29  ILE ILE A . n 
A 1 16  GLY 16  30  30  GLY GLY A . n 
A 1 17  GLY 17  31  31  GLY GLY A . n 
A 1 18  LYS 18  32  32  LYS LYS A . n 
A 1 19  TYR 19  33  33  TYR TYR A . n 
A 1 20  SER 20  34  34  SER SER A . n 
A 1 21  HIS 21  35  35  HIS HIS A . n 
A 1 22  LEU 22  36  36  LEU LEU A . n 
A 1 23  PRO 23  37  37  PRO PRO A . n 
A 1 24  TYR 24  38  38  TYR TYR A . n 
A 1 25  ASN 25  39  39  ASN ASN A . n 
A 1 26  LYS 26  40  40  LYS LYS A . n 
A 1 27  TYR 27  41  41  TYR TYR A . n 
A 1 28  SER 28  42  42  SER SER A . n 
A 1 29  VAL 29  43  43  VAL VAL A . n 
A 1 30  LEU 30  44  44  LEU LEU A . n 
A 1 31  LEU 31  45  45  LEU LEU A . n 
A 1 32  PRO 32  46  46  PRO PRO A . n 
A 1 33  LEU 33  47  47  LEU LEU A . n 
A 1 34  VAL 34  48  48  VAL VAL A . n 
A 1 35  ALA 35  49  49  ALA ALA A . n 
A 1 36  LYS 36  50  50  LYS LYS A . n 
A 1 37  GLU 37  51  51  GLU GLU A . n 
A 1 38  GLY 38  52  52  GLY GLY A . n 
A 1 39  LYS 39  53  53  LYS LYS A . n 
A 1 40  LEU 40  54  54  LEU LEU A . n 
A 1 41  HIS 41  55  55  HIS HIS A . n 
A 1 42  LEU 42  56  56  LEU LEU A . n 
A 1 43  LEU 43  57  57  LEU LEU A . n 
A 1 44  PHE 44  58  58  PHE PHE A . n 
A 1 45  THR 45  59  59  THR THR A . n 
A 1 46  VAL 46  60  60  VAL VAL A . n 
A 1 47  ARG 47  61  61  ARG ARG A . n 
A 1 48  SER 48  62  62  SER SER A . n 
A 1 49  GLU 49  63  63  GLU GLU A . n 
A 1 50  LYS 50  64  64  LYS LYS A . n 
A 1 51  LEU 51  65  65  LEU LEU A . n 
A 1 52  ARG 52  66  66  ARG ARG A . n 
A 1 53  ARG 53  67  67  ARG ARG A . n 
A 1 54  ALA 54  68  68  ALA ALA A . n 
A 1 55  PRO 55  69  69  PRO PRO A . n 
A 1 56  GLY 56  70  70  GLY GLY A . n 
A 1 57  GLU 57  71  71  GLU GLU A . n 
A 1 58  VAL 58  72  72  VAL VAL A . n 
A 1 59  CYS 59  73  73  CYS CYS A . n 
A 1 60  PHE 60  74  74  PHE PHE A . n 
A 1 61  PRO 61  75  75  PRO PRO A . n 
A 1 62  GLY 62  76  76  GLY GLY A . n 
A 1 63  GLY 63  77  77  GLY GLY A . n 
A 1 64  LYS 64  78  78  LYS LYS A . n 
A 1 65  ARG 65  79  79  ARG ARG A . n 
A 1 66  ASP 66  80  80  ASP ASP A . n 
A 1 67  PRO 67  81  81  PRO PRO A . n 
A 1 68  THR 68  82  82  THR THR A . n 
A 1 69  ASP 69  83  83  ASP ASP A . n 
A 1 70  MET 70  84  84  MET MET A . n 
A 1 71  ASP 71  85  85  ASP ASP A . n 
A 1 72  ASP 72  86  86  ASP ASP A . n 
A 1 73  ALA 73  87  87  ALA ALA A . n 
A 1 74  ALA 74  88  88  ALA ALA A . n 
A 1 75  THR 75  89  89  THR THR A . n 
A 1 76  ALA 76  90  90  ALA ALA A . n 
A 1 77  LEU 77  91  91  LEU LEU A . n 
A 1 78  ARG 78  92  92  ARG ARG A . n 
A 1 79  GLU 79  93  93  GLU GLU A . n 
A 1 80  ALA 80  94  94  ALA ALA A . n 
A 1 81  GLN 81  95  95  GLN GLN A . n 
A 1 82  GLU 82  96  96  GLU GLU A . n 
A 1 83  GLU 83  97  97  GLU GLU A . n 
A 1 84  VAL 84  98  98  VAL VAL A . n 
A 1 85  GLY 85  99  99  GLY GLY A . n 
A 1 86  LEU 86  100 100 LEU LEU A . n 
A 1 87  ARG 87  101 101 ARG ARG A . n 
A 1 88  HYP 88  102 102 HYP HYP A . n 
A 1 89  HIS 89  103 103 HIS HIS A . n 
A 1 90  GLN 90  104 104 GLN GLN A . n 
A 1 91  VAL 91  105 105 VAL VAL A . n 
A 1 92  GLU 92  106 106 GLU GLU A . n 
A 1 93  VAL 93  107 107 VAL VAL A . n 
A 1 94  VAL 94  108 108 VAL VAL A . n 
A 1 95  CSO 95  109 109 CSO CSO A . n 
A 1 96  CYS 96  110 110 CYS CYS A . n 
A 1 97  LEU 97  111 111 LEU LEU A . n 
A 1 98  VAL 98  112 112 VAL VAL A . n 
A 1 99  PRO 99  113 113 PRO PRO A . n 
A 1 100 CYS 100 114 114 CYS CYS A . n 
A 1 101 LEU 101 115 115 LEU LEU A . n 
A 1 102 ILE 102 116 116 ILE ILE A . n 
A 1 103 ASP 103 117 117 ASP ASP A . n 
A 1 104 THR 104 118 118 THR THR A . n 
A 1 105 ASP 105 119 119 ASP ASP A . n 
A 1 106 THR 106 120 120 THR THR A . n 
A 1 107 LEU 107 121 121 LEU LEU A . n 
A 1 108 ILE 108 122 122 ILE ILE A . n 
A 1 109 THR 109 123 123 THR THR A . n 
A 1 110 PRO 110 124 124 PRO PRO A . n 
A 1 111 PHE 111 125 125 PHE PHE A . n 
A 1 112 VAL 112 126 126 VAL VAL A . n 
A 1 113 GLY 113 127 127 GLY GLY A . n 
A 1 114 LEU 114 128 128 LEU LEU A . n 
A 1 115 ILE 115 129 129 ILE ILE A . n 
A 1 116 ASP 116 130 130 ASP ASP A . n 
A 1 117 HIS 117 131 131 HIS HIS A . n 
A 1 118 ASN 118 132 132 ASN ASN A . n 
A 1 119 PHE 119 133 133 PHE PHE A . n 
A 1 120 GLN 120 134 134 GLN GLN A . n 
A 1 121 ALA 121 135 135 ALA ALA A . n 
A 1 122 GLN 122 136 136 GLN GLN A . n 
A 1 123 PRO 123 137 137 PRO PRO A . n 
A 1 124 ASN 124 138 138 ASN ASN A . n 
A 1 125 PRO 125 139 139 PRO PRO A . n 
A 1 126 ALA 126 140 140 ALA ALA A . n 
A 1 127 GLU 127 141 141 GLU GLU A . n 
A 1 128 VAL 128 142 142 VAL VAL A . n 
A 1 129 LYS 129 143 143 LYS LYS A . n 
A 1 130 ASP 130 144 144 ASP ASP A . n 
A 1 131 VAL 131 145 145 VAL VAL A . n 
A 1 132 PHE 132 146 146 PHE PHE A . n 
A 1 133 LEU 133 147 147 LEU LEU A . n 
A 1 134 VAL 134 148 148 VAL VAL A . n 
A 1 135 PRO 135 149 149 PRO PRO A . n 
A 1 136 LEU 136 150 150 LEU LEU A . n 
A 1 137 ALA 137 151 151 ALA ALA A . n 
A 1 138 TYR 138 152 152 TYR TYR A . n 
A 1 139 PHE 139 153 153 PHE PHE A . n 
A 1 140 LEU 140 154 154 LEU LEU A . n 
A 1 141 HIS 141 155 155 HIS HIS A . n 
A 1 142 PRO 142 156 156 PRO PRO A . n 
A 1 143 GLN 143 157 157 GLN GLN A . n 
A 1 144 VAL 144 158 158 VAL VAL A . n 
A 1 145 HIS 145 159 159 HIS HIS A . n 
A 1 146 ASP 146 160 160 ASP ASP A . n 
A 1 147 GLN 147 161 161 GLN GLN A . n 
A 1 148 HIS 148 162 ?   ?   ?   A . n 
A 1 149 TYR 149 163 ?   ?   ?   A . n 
A 1 150 VAL 150 164 ?   ?   ?   A . n 
A 1 151 THR 151 165 ?   ?   ?   A . n 
A 1 152 ARG 152 166 ?   ?   ?   A . n 
A 1 153 LEU 153 167 ?   ?   ?   A . n 
A 1 154 GLY 154 168 ?   ?   ?   A . n 
A 1 155 HIS 155 169 ?   ?   ?   A . n 
A 1 156 ARG 156 170 ?   ?   ?   A . n 
A 1 157 PHE 157 171 ?   ?   ?   A . n 
A 1 158 ILE 158 172 172 ILE ILE A . n 
A 1 159 ASN 159 173 173 ASN ASN A . n 
A 1 160 HIS 160 174 174 HIS HIS A . n 
A 1 161 ILE 161 175 175 ILE ILE A . n 
A 1 162 PHE 162 176 176 PHE PHE A . n 
A 1 163 GLU 163 177 177 GLU GLU A . n 
A 1 164 TYR 164 178 178 TYR TYR A . n 
A 1 165 THR 165 179 179 THR THR A . n 
A 1 166 ASN 166 180 180 ASN ASN A . n 
A 1 167 PRO 167 181 181 PRO PRO A . n 
A 1 168 GLU 168 182 182 GLU GLU A . n 
A 1 169 ASP 169 183 183 ASP ASP A . n 
A 1 170 GLY 170 184 184 GLY GLY A . n 
A 1 171 VAL 171 185 185 VAL VAL A . n 
A 1 172 THR 172 186 186 THR THR A . n 
A 1 173 TYR 173 187 187 TYR TYR A . n 
A 1 174 GLN 174 188 188 GLN GLN A . n 
A 1 175 ILE 175 189 189 ILE ILE A . n 
A 1 176 LYS 176 190 190 LYS LYS A . n 
A 1 177 GLY 177 191 191 GLY GLY A . n 
A 1 178 MET 178 192 192 MET MET A . n 
A 1 179 THR 179 193 193 THR THR A . n 
A 1 180 ALA 180 194 194 ALA ALA A . n 
A 1 181 ASN 181 195 195 ASN ASN A . n 
A 1 182 LEU 182 196 196 LEU LEU A . n 
A 1 183 ALA 183 197 197 ALA ALA A . n 
A 1 184 VAL 184 198 198 VAL VAL A . n 
A 1 185 LEU 185 199 199 LEU LEU A . n 
A 1 186 VAL 186 200 200 VAL VAL A . n 
A 1 187 ALA 187 201 201 ALA ALA A . n 
A 1 188 PHE 188 202 202 PHE PHE A . n 
A 1 189 ILE 189 203 203 ILE ILE A . n 
A 1 190 ILE 190 204 204 ILE ILE A . n 
A 1 191 LEU 191 205 205 LEU LEU A . n 
A 1 192 GLU 192 206 206 GLU GLU A . n 
A 1 193 LYS 193 207 207 LYS LYS A . n 
A 1 194 LYS 194 208 208 LYS LYS A . n 
A 1 195 PRO 195 209 209 PRO PRO A . n 
A 1 196 THR 196 210 210 THR THR A . n 
# 
loop_
_pdbx_nonpoly_scheme.asym_id 
_pdbx_nonpoly_scheme.entity_id 
_pdbx_nonpoly_scheme.mon_id 
_pdbx_nonpoly_scheme.ndb_seq_num 
_pdbx_nonpoly_scheme.pdb_seq_num 
_pdbx_nonpoly_scheme.auth_seq_num 
_pdbx_nonpoly_scheme.pdb_mon_id 
_pdbx_nonpoly_scheme.auth_mon_id 
_pdbx_nonpoly_scheme.pdb_strand_id 
_pdbx_nonpoly_scheme.pdb_ins_code 
B 2 ACT 1   301 1   ACT ACT A . 
C 2 ACT 1   302 2   ACT ACT A . 
D 3 DMS 1   303 1   DMS DMS A . 
E 3 DMS 1   304 2   DMS DMS A . 
F 4 H5A 1   305 1   H5A LIG A . 
G 5 HOH 1   401 9   HOH HOH A . 
G 5 HOH 2   402 69  HOH HOH A . 
G 5 HOH 3   403 94  HOH HOH A . 
G 5 HOH 4   404 162 HOH HOH A . 
G 5 HOH 5   405 140 HOH HOH A . 
G 5 HOH 6   406 199 HOH HOH A . 
G 5 HOH 7   407 143 HOH HOH A . 
G 5 HOH 8   408 109 HOH HOH A . 
G 5 HOH 9   409 48  HOH HOH A . 
G 5 HOH 10  410 76  HOH HOH A . 
G 5 HOH 11  411 157 HOH HOH A . 
G 5 HOH 12  412 198 HOH HOH A . 
G 5 HOH 13  413 77  HOH HOH A . 
G 5 HOH 14  414 117 HOH HOH A . 
G 5 HOH 15  415 14  HOH HOH A . 
G 5 HOH 16  416 167 HOH HOH A . 
G 5 HOH 17  417 113 HOH HOH A . 
G 5 HOH 18  418 13  HOH HOH A . 
G 5 HOH 19  419 53  HOH HOH A . 
G 5 HOH 20  420 124 HOH HOH A . 
G 5 HOH 21  421 93  HOH HOH A . 
G 5 HOH 22  422 30  HOH HOH A . 
G 5 HOH 23  423 179 HOH HOH A . 
G 5 HOH 24  424 134 HOH HOH A . 
G 5 HOH 25  425 85  HOH HOH A . 
G 5 HOH 26  426 186 HOH HOH A . 
G 5 HOH 27  427 64  HOH HOH A . 
G 5 HOH 28  428 36  HOH HOH A . 
G 5 HOH 29  429 105 HOH HOH A . 
G 5 HOH 30  430 10  HOH HOH A . 
G 5 HOH 31  431 49  HOH HOH A . 
G 5 HOH 32  432 47  HOH HOH A . 
G 5 HOH 33  433 42  HOH HOH A . 
G 5 HOH 34  434 71  HOH HOH A . 
G 5 HOH 35  435 97  HOH HOH A . 
G 5 HOH 36  436 166 HOH HOH A . 
G 5 HOH 37  437 161 HOH HOH A . 
G 5 HOH 38  438 99  HOH HOH A . 
G 5 HOH 39  439 12  HOH HOH A . 
G 5 HOH 40  440 182 HOH HOH A . 
G 5 HOH 41  441 197 HOH HOH A . 
G 5 HOH 42  442 89  HOH HOH A . 
G 5 HOH 43  443 58  HOH HOH A . 
G 5 HOH 44  444 2   HOH HOH A . 
G 5 HOH 45  445 181 HOH HOH A . 
G 5 HOH 46  446 38  HOH HOH A . 
G 5 HOH 47  447 35  HOH HOH A . 
G 5 HOH 48  448 75  HOH HOH A . 
G 5 HOH 49  449 26  HOH HOH A . 
G 5 HOH 50  450 183 HOH HOH A . 
G 5 HOH 51  451 193 HOH HOH A . 
G 5 HOH 52  452 187 HOH HOH A . 
G 5 HOH 53  453 108 HOH HOH A . 
G 5 HOH 54  454 104 HOH HOH A . 
G 5 HOH 55  455 112 HOH HOH A . 
G 5 HOH 56  456 156 HOH HOH A . 
G 5 HOH 57  457 118 HOH HOH A . 
G 5 HOH 58  458 125 HOH HOH A . 
G 5 HOH 59  459 80  HOH HOH A . 
G 5 HOH 60  460 101 HOH HOH A . 
G 5 HOH 61  461 15  HOH HOH A . 
G 5 HOH 62  462 34  HOH HOH A . 
G 5 HOH 63  463 51  HOH HOH A . 
G 5 HOH 64  464 200 HOH HOH A . 
G 5 HOH 65  465 128 HOH HOH A . 
G 5 HOH 66  466 22  HOH HOH A . 
G 5 HOH 67  467 103 HOH HOH A . 
G 5 HOH 68  468 59  HOH HOH A . 
G 5 HOH 69  469 39  HOH HOH A . 
G 5 HOH 70  470 8   HOH HOH A . 
G 5 HOH 71  471 201 HOH HOH A . 
G 5 HOH 72  472 154 HOH HOH A . 
G 5 HOH 73  473 28  HOH HOH A . 
G 5 HOH 74  474 121 HOH HOH A . 
G 5 HOH 75  475 6   HOH HOH A . 
G 5 HOH 76  476 43  HOH HOH A . 
G 5 HOH 77  477 102 HOH HOH A . 
G 5 HOH 78  478 158 HOH HOH A . 
G 5 HOH 79  479 27  HOH HOH A . 
G 5 HOH 80  480 1   HOH HOH A . 
G 5 HOH 81  481 37  HOH HOH A . 
G 5 HOH 82  482 24  HOH HOH A . 
G 5 HOH 83  483 79  HOH HOH A . 
G 5 HOH 84  484 146 HOH HOH A . 
G 5 HOH 85  485 72  HOH HOH A . 
G 5 HOH 86  486 139 HOH HOH A . 
G 5 HOH 87  487 153 HOH HOH A . 
G 5 HOH 88  488 11  HOH HOH A . 
G 5 HOH 89  489 17  HOH HOH A . 
G 5 HOH 90  490 78  HOH HOH A . 
G 5 HOH 91  491 62  HOH HOH A . 
G 5 HOH 92  492 25  HOH HOH A . 
G 5 HOH 93  493 40  HOH HOH A . 
G 5 HOH 94  494 98  HOH HOH A . 
G 5 HOH 95  495 23  HOH HOH A . 
G 5 HOH 96  496 19  HOH HOH A . 
G 5 HOH 97  497 46  HOH HOH A . 
G 5 HOH 98  498 7   HOH HOH A . 
G 5 HOH 99  499 202 HOH HOH A . 
G 5 HOH 100 500 55  HOH HOH A . 
G 5 HOH 101 501 45  HOH HOH A . 
G 5 HOH 102 502 176 HOH HOH A . 
G 5 HOH 103 503 31  HOH HOH A . 
G 5 HOH 104 504 152 HOH HOH A . 
G 5 HOH 105 505 61  HOH HOH A . 
G 5 HOH 106 506 137 HOH HOH A . 
G 5 HOH 107 507 150 HOH HOH A . 
G 5 HOH 108 508 111 HOH HOH A . 
G 5 HOH 109 509 145 HOH HOH A . 
G 5 HOH 110 510 21  HOH HOH A . 
G 5 HOH 111 511 149 HOH HOH A . 
G 5 HOH 112 512 169 HOH HOH A . 
G 5 HOH 113 513 170 HOH HOH A . 
G 5 HOH 114 514 5   HOH HOH A . 
G 5 HOH 115 515 141 HOH HOH A . 
G 5 HOH 116 516 63  HOH HOH A . 
G 5 HOH 117 517 191 HOH HOH A . 
G 5 HOH 118 518 116 HOH HOH A . 
G 5 HOH 119 519 138 HOH HOH A . 
G 5 HOH 120 520 173 HOH HOH A . 
G 5 HOH 121 521 96  HOH HOH A . 
G 5 HOH 122 522 129 HOH HOH A . 
G 5 HOH 123 523 119 HOH HOH A . 
G 5 HOH 124 524 155 HOH HOH A . 
G 5 HOH 125 525 160 HOH HOH A . 
G 5 HOH 126 526 110 HOH HOH A . 
G 5 HOH 127 527 82  HOH HOH A . 
G 5 HOH 128 528 50  HOH HOH A . 
G 5 HOH 129 529 106 HOH HOH A . 
G 5 HOH 130 530 175 HOH HOH A . 
G 5 HOH 131 531 16  HOH HOH A . 
G 5 HOH 132 532 29  HOH HOH A . 
G 5 HOH 133 533 122 HOH HOH A . 
G 5 HOH 134 534 196 HOH HOH A . 
G 5 HOH 135 535 159 HOH HOH A . 
G 5 HOH 136 536 177 HOH HOH A . 
G 5 HOH 137 537 66  HOH HOH A . 
G 5 HOH 138 538 126 HOH HOH A . 
G 5 HOH 139 539 86  HOH HOH A . 
G 5 HOH 140 540 174 HOH HOH A . 
G 5 HOH 141 541 57  HOH HOH A . 
G 5 HOH 142 542 123 HOH HOH A . 
G 5 HOH 143 543 44  HOH HOH A . 
G 5 HOH 144 544 144 HOH HOH A . 
G 5 HOH 145 545 90  HOH HOH A . 
G 5 HOH 146 546 172 HOH HOH A . 
G 5 HOH 147 547 168 HOH HOH A . 
G 5 HOH 148 548 132 HOH HOH A . 
G 5 HOH 149 549 190 HOH HOH A . 
G 5 HOH 150 550 180 HOH HOH A . 
G 5 HOH 151 551 88  HOH HOH A . 
G 5 HOH 152 552 147 HOH HOH A . 
G 5 HOH 153 553 65  HOH HOH A . 
G 5 HOH 154 554 195 HOH HOH A . 
G 5 HOH 155 555 192 HOH HOH A . 
G 5 HOH 156 556 131 HOH HOH A . 
G 5 HOH 157 557 184 HOH HOH A . 
G 5 HOH 158 558 194 HOH HOH A . 
G 5 HOH 159 559 188 HOH HOH A . 
G 5 HOH 160 560 185 HOH HOH A . 
G 5 HOH 161 561 130 HOH HOH A . 
G 5 HOH 162 562 165 HOH HOH A . 
G 5 HOH 163 563 164 HOH HOH A . 
G 5 HOH 164 564 171 HOH HOH A . 
G 5 HOH 165 565 127 HOH HOH A . 
G 5 HOH 166 566 148 HOH HOH A . 
G 5 HOH 167 567 68  HOH HOH A . 
G 5 HOH 168 568 115 HOH HOH A . 
# 
loop_
_pdbx_struct_mod_residue.id 
_pdbx_struct_mod_residue.label_asym_id 
_pdbx_struct_mod_residue.label_comp_id 
_pdbx_struct_mod_residue.label_seq_id 
_pdbx_struct_mod_residue.auth_asym_id 
_pdbx_struct_mod_residue.auth_comp_id 
_pdbx_struct_mod_residue.auth_seq_id 
_pdbx_struct_mod_residue.PDB_ins_code 
_pdbx_struct_mod_residue.parent_comp_id 
_pdbx_struct_mod_residue.details 
1 A HYP 88 A HYP 102 ? PRO 'modified residue' 
2 A CSO 95 A CSO 109 ? CYS 'modified residue' 
# 
_pdbx_struct_assembly.id                   1 
_pdbx_struct_assembly.details              author_and_software_defined_assembly 
_pdbx_struct_assembly.method_details       PISA 
_pdbx_struct_assembly.oligomeric_details   monomeric 
_pdbx_struct_assembly.oligomeric_count     1 
# 
_pdbx_struct_assembly_gen.assembly_id       1 
_pdbx_struct_assembly_gen.oper_expression   1 
_pdbx_struct_assembly_gen.asym_id_list      A,B,C,D,E,F,G 
# 
loop_
_pdbx_struct_assembly_prop.biol_id 
_pdbx_struct_assembly_prop.type 
_pdbx_struct_assembly_prop.value 
_pdbx_struct_assembly_prop.details 
1 'ABSA (A^2)' 750   ? 
1 MORE         5     ? 
1 'SSA (A^2)'  10570 ? 
# 
_pdbx_struct_oper_list.id                   1 
_pdbx_struct_oper_list.type                 'identity operation' 
_pdbx_struct_oper_list.name                 1_555 
_pdbx_struct_oper_list.symmetry_operation   x,y,z 
_pdbx_struct_oper_list.matrix[1][1]         1.0000000000 
_pdbx_struct_oper_list.matrix[1][2]         0.0000000000 
_pdbx_struct_oper_list.matrix[1][3]         0.0000000000 
_pdbx_struct_oper_list.vector[1]            0.0000000000 
_pdbx_struct_oper_list.matrix[2][1]         0.0000000000 
_pdbx_struct_oper_list.matrix[2][2]         1.0000000000 
_pdbx_struct_oper_list.matrix[2][3]         0.0000000000 
_pdbx_struct_oper_list.vector[2]            0.0000000000 
_pdbx_struct_oper_list.matrix[3][1]         0.0000000000 
_pdbx_struct_oper_list.matrix[3][2]         0.0000000000 
_pdbx_struct_oper_list.matrix[3][3]         1.0000000000 
_pdbx_struct_oper_list.vector[3]            0.0000000000 
# 
loop_
_pdbx_audit_revision_history.ordinal 
_pdbx_audit_revision_history.data_content_type 
_pdbx_audit_revision_history.major_revision 
_pdbx_audit_revision_history.minor_revision 
_pdbx_audit_revision_history.revision_date 
1 'Structure model' 1 0 2019-03-27 
2 'Structure model' 1 1 2023-11-15 
# 
_pdbx_audit_revision_details.ordinal             1 
_pdbx_audit_revision_details.revision_ordinal    1 
_pdbx_audit_revision_details.data_content_type   'Structure model' 
_pdbx_audit_revision_details.provider            repository 
_pdbx_audit_revision_details.type                'Initial release' 
_pdbx_audit_revision_details.description         ? 
_pdbx_audit_revision_details.details             ? 
# 
loop_
_pdbx_audit_revision_group.ordinal 
_pdbx_audit_revision_group.revision_ordinal 
_pdbx_audit_revision_group.data_content_type 
_pdbx_audit_revision_group.group 
1 2 'Structure model' 'Data collection'     
2 2 'Structure model' 'Database references' 
# 
loop_
_pdbx_audit_revision_category.ordinal 
_pdbx_audit_revision_category.revision_ordinal 
_pdbx_audit_revision_category.data_content_type 
_pdbx_audit_revision_category.category 
1 2 'Structure model' chem_comp_atom 
2 2 'Structure model' chem_comp_bond 
3 2 'Structure model' database_2     
# 
loop_
_pdbx_audit_revision_item.ordinal 
_pdbx_audit_revision_item.revision_ordinal 
_pdbx_audit_revision_item.data_content_type 
_pdbx_audit_revision_item.item 
1 2 'Structure model' '_database_2.pdbx_DOI'                
2 2 'Structure model' '_database_2.pdbx_database_accession' 
# 
_phasing.method   MR 
# 
loop_
_software.pdbx_ordinal 
_software.name 
_software.version 
_software.date 
_software.type 
_software.contact_author 
_software.contact_author_email 
_software.classification 
_software.location 
_software.language 
_software.citation_id 
1 REFMAC      5.8.0189 ?               program 'Garib N. Murshudov' garib@ysbl.york.ac.uk    refinement        
http://www.ccp4.ac.uk/dist/html/refmac5.html        Fortran_77 ? 
2 Aimless     0.5.31   12/12/16        program 'Phil Evans'         ?                        'data scaling'    
http://www.mrc-lmb.cam.ac.uk/harry/pre/aimless.html ?          ? 
3 PDB_EXTRACT 3.23     'SEP. 23, 2016' package PDB                  deposit@deposit.rcsb.org 'data extraction' 
http://sw-tools.pdb.org/apps/PDB_EXTRACT/           C++        ? 
4 XDS         .        ?               program ?                    ?                        'data reduction'  ? ?          ? 
5 REFMAC      .        ?               program ?                    ?                        phasing           ? ?          ? 
# 
_pdbx_validate_symm_contact.id                1 
_pdbx_validate_symm_contact.PDB_model_num     1 
_pdbx_validate_symm_contact.auth_atom_id_1    O 
_pdbx_validate_symm_contact.auth_asym_id_1    A 
_pdbx_validate_symm_contact.auth_comp_id_1    HOH 
_pdbx_validate_symm_contact.auth_seq_id_1     452 
_pdbx_validate_symm_contact.PDB_ins_code_1    ? 
_pdbx_validate_symm_contact.label_alt_id_1    ? 
_pdbx_validate_symm_contact.site_symmetry_1   1_555 
_pdbx_validate_symm_contact.auth_atom_id_2    O 
_pdbx_validate_symm_contact.auth_asym_id_2    A 
_pdbx_validate_symm_contact.auth_comp_id_2    HOH 
_pdbx_validate_symm_contact.auth_seq_id_2     452 
_pdbx_validate_symm_contact.PDB_ins_code_2    ? 
_pdbx_validate_symm_contact.label_alt_id_2    ? 
_pdbx_validate_symm_contact.site_symmetry_2   6_559 
_pdbx_validate_symm_contact.dist              1.80 
# 
_pdbx_validate_rmsd_angle.id                         1 
_pdbx_validate_rmsd_angle.PDB_model_num              1 
_pdbx_validate_rmsd_angle.auth_atom_id_1             CB 
_pdbx_validate_rmsd_angle.auth_asym_id_1             A 
_pdbx_validate_rmsd_angle.auth_comp_id_1             ASP 
_pdbx_validate_rmsd_angle.auth_seq_id_1              80 
_pdbx_validate_rmsd_angle.PDB_ins_code_1             ? 
_pdbx_validate_rmsd_angle.label_alt_id_1             ? 
_pdbx_validate_rmsd_angle.auth_atom_id_2             CG 
_pdbx_validate_rmsd_angle.auth_asym_id_2             A 
_pdbx_validate_rmsd_angle.auth_comp_id_2             ASP 
_pdbx_validate_rmsd_angle.auth_seq_id_2              80 
_pdbx_validate_rmsd_angle.PDB_ins_code_2             ? 
_pdbx_validate_rmsd_angle.label_alt_id_2             ? 
_pdbx_validate_rmsd_angle.auth_atom_id_3             OD1 
_pdbx_validate_rmsd_angle.auth_asym_id_3             A 
_pdbx_validate_rmsd_angle.auth_comp_id_3             ASP 
_pdbx_validate_rmsd_angle.auth_seq_id_3              80 
_pdbx_validate_rmsd_angle.PDB_ins_code_3             ? 
_pdbx_validate_rmsd_angle.label_alt_id_3             ? 
_pdbx_validate_rmsd_angle.angle_value                124.29 
_pdbx_validate_rmsd_angle.angle_target_value         118.30 
_pdbx_validate_rmsd_angle.angle_deviation            5.99 
_pdbx_validate_rmsd_angle.angle_standard_deviation   0.90 
_pdbx_validate_rmsd_angle.linker_flag                N 
# 
_pdbx_validate_torsion.id              1 
_pdbx_validate_torsion.PDB_model_num   1 
_pdbx_validate_torsion.auth_comp_id    THR 
_pdbx_validate_torsion.auth_asym_id    A 
_pdbx_validate_torsion.auth_seq_id     118 
_pdbx_validate_torsion.PDB_ins_code    ? 
_pdbx_validate_torsion.label_alt_id    ? 
_pdbx_validate_torsion.phi             71.56 
_pdbx_validate_torsion.psi             -22.52 
# 
loop_
_pdbx_unobs_or_zero_occ_atoms.id 
_pdbx_unobs_or_zero_occ_atoms.PDB_model_num 
_pdbx_unobs_or_zero_occ_atoms.polymer_flag 
_pdbx_unobs_or_zero_occ_atoms.occupancy_flag 
_pdbx_unobs_or_zero_occ_atoms.auth_asym_id 
_pdbx_unobs_or_zero_occ_atoms.auth_comp_id 
_pdbx_unobs_or_zero_occ_atoms.auth_seq_id 
_pdbx_unobs_or_zero_occ_atoms.PDB_ins_code 
_pdbx_unobs_or_zero_occ_atoms.auth_atom_id 
_pdbx_unobs_or_zero_occ_atoms.label_alt_id 
_pdbx_unobs_or_zero_occ_atoms.label_asym_id 
_pdbx_unobs_or_zero_occ_atoms.label_comp_id 
_pdbx_unobs_or_zero_occ_atoms.label_seq_id 
_pdbx_unobs_or_zero_occ_atoms.label_atom_id 
1 1 Y 1 A GLN 161 ? CG  ? A GLN 147 CG  
2 1 Y 1 A GLN 161 ? CD  ? A GLN 147 CD  
3 1 Y 1 A GLN 161 ? OE1 ? A GLN 147 OE1 
4 1 Y 1 A GLN 161 ? NE2 ? A GLN 147 NE2 
# 
loop_
_pdbx_unobs_or_zero_occ_residues.id 
_pdbx_unobs_or_zero_occ_residues.PDB_model_num 
_pdbx_unobs_or_zero_occ_residues.polymer_flag 
_pdbx_unobs_or_zero_occ_residues.occupancy_flag 
_pdbx_unobs_or_zero_occ_residues.auth_asym_id 
_pdbx_unobs_or_zero_occ_residues.auth_comp_id 
_pdbx_unobs_or_zero_occ_residues.auth_seq_id 
_pdbx_unobs_or_zero_occ_residues.PDB_ins_code 
_pdbx_unobs_or_zero_occ_residues.label_asym_id 
_pdbx_unobs_or_zero_occ_residues.label_comp_id 
_pdbx_unobs_or_zero_occ_residues.label_seq_id 
1  1 Y 1 A HIS 162 ? A HIS 148 
2  1 Y 1 A TYR 163 ? A TYR 149 
3  1 Y 1 A VAL 164 ? A VAL 150 
4  1 Y 1 A THR 165 ? A THR 151 
5  1 Y 1 A ARG 166 ? A ARG 152 
6  1 Y 1 A LEU 167 ? A LEU 153 
7  1 Y 1 A GLY 168 ? A GLY 154 
8  1 Y 1 A HIS 169 ? A HIS 155 
9  1 Y 1 A ARG 170 ? A ARG 156 
10 1 Y 1 A PHE 171 ? A PHE 157 
# 
loop_
_chem_comp_atom.comp_id 
_chem_comp_atom.atom_id 
_chem_comp_atom.type_symbol 
_chem_comp_atom.pdbx_aromatic_flag 
_chem_comp_atom.pdbx_stereo_config 
_chem_comp_atom.pdbx_ordinal 
ACT C    C N N 1   
ACT O    O N N 2   
ACT OXT  O N N 3   
ACT CH3  C N N 4   
ACT H1   H N N 5   
ACT H2   H N N 6   
ACT H3   H N N 7   
ALA N    N N N 8   
ALA CA   C N S 9   
ALA C    C N N 10  
ALA O    O N N 11  
ALA CB   C N N 12  
ALA OXT  O N N 13  
ALA H    H N N 14  
ALA H2   H N N 15  
ALA HA   H N N 16  
ALA HB1  H N N 17  
ALA HB2  H N N 18  
ALA HB3  H N N 19  
ALA HXT  H N N 20  
ARG N    N N N 21  
ARG CA   C N S 22  
ARG C    C N N 23  
ARG O    O N N 24  
ARG CB   C N N 25  
ARG CG   C N N 26  
ARG CD   C N N 27  
ARG NE   N N N 28  
ARG CZ   C N N 29  
ARG NH1  N N N 30  
ARG NH2  N N N 31  
ARG OXT  O N N 32  
ARG H    H N N 33  
ARG H2   H N N 34  
ARG HA   H N N 35  
ARG HB2  H N N 36  
ARG HB3  H N N 37  
ARG HG2  H N N 38  
ARG HG3  H N N 39  
ARG HD2  H N N 40  
ARG HD3  H N N 41  
ARG HE   H N N 42  
ARG HH11 H N N 43  
ARG HH12 H N N 44  
ARG HH21 H N N 45  
ARG HH22 H N N 46  
ARG HXT  H N N 47  
ASN N    N N N 48  
ASN CA   C N S 49  
ASN C    C N N 50  
ASN O    O N N 51  
ASN CB   C N N 52  
ASN CG   C N N 53  
ASN OD1  O N N 54  
ASN ND2  N N N 55  
ASN OXT  O N N 56  
ASN H    H N N 57  
ASN H2   H N N 58  
ASN HA   H N N 59  
ASN HB2  H N N 60  
ASN HB3  H N N 61  
ASN HD21 H N N 62  
ASN HD22 H N N 63  
ASN HXT  H N N 64  
ASP N    N N N 65  
ASP CA   C N S 66  
ASP C    C N N 67  
ASP O    O N N 68  
ASP CB   C N N 69  
ASP CG   C N N 70  
ASP OD1  O N N 71  
ASP OD2  O N N 72  
ASP OXT  O N N 73  
ASP H    H N N 74  
ASP H2   H N N 75  
ASP HA   H N N 76  
ASP HB2  H N N 77  
ASP HB3  H N N 78  
ASP HD2  H N N 79  
ASP HXT  H N N 80  
CSO N    N N N 81  
CSO CA   C N R 82  
CSO CB   C N N 83  
CSO SG   S N N 84  
CSO C    C N N 85  
CSO O    O N N 86  
CSO OXT  O N N 87  
CSO OD   O N N 88  
CSO H    H N N 89  
CSO H2   H N N 90  
CSO HA   H N N 91  
CSO HB2  H N N 92  
CSO HB3  H N N 93  
CSO HXT  H N N 94  
CSO HD   H N N 95  
CYS N    N N N 96  
CYS CA   C N R 97  
CYS C    C N N 98  
CYS O    O N N 99  
CYS CB   C N N 100 
CYS SG   S N N 101 
CYS OXT  O N N 102 
CYS H    H N N 103 
CYS H2   H N N 104 
CYS HA   H N N 105 
CYS HB2  H N N 106 
CYS HB3  H N N 107 
CYS HG   H N N 108 
CYS HXT  H N N 109 
DMS S    S N N 110 
DMS O    O N N 111 
DMS C1   C N N 112 
DMS C2   C N N 113 
DMS H11  H N N 114 
DMS H12  H N N 115 
DMS H13  H N N 116 
DMS H21  H N N 117 
DMS H22  H N N 118 
DMS H23  H N N 119 
GLN N    N N N 120 
GLN CA   C N S 121 
GLN C    C N N 122 
GLN O    O N N 123 
GLN CB   C N N 124 
GLN CG   C N N 125 
GLN CD   C N N 126 
GLN OE1  O N N 127 
GLN NE2  N N N 128 
GLN OXT  O N N 129 
GLN H    H N N 130 
GLN H2   H N N 131 
GLN HA   H N N 132 
GLN HB2  H N N 133 
GLN HB3  H N N 134 
GLN HG2  H N N 135 
GLN HG3  H N N 136 
GLN HE21 H N N 137 
GLN HE22 H N N 138 
GLN HXT  H N N 139 
GLU N    N N N 140 
GLU CA   C N S 141 
GLU C    C N N 142 
GLU O    O N N 143 
GLU CB   C N N 144 
GLU CG   C N N 145 
GLU CD   C N N 146 
GLU OE1  O N N 147 
GLU OE2  O N N 148 
GLU OXT  O N N 149 
GLU H    H N N 150 
GLU H2   H N N 151 
GLU HA   H N N 152 
GLU HB2  H N N 153 
GLU HB3  H N N 154 
GLU HG2  H N N 155 
GLU HG3  H N N 156 
GLU HE2  H N N 157 
GLU HXT  H N N 158 
GLY N    N N N 159 
GLY CA   C N N 160 
GLY C    C N N 161 
GLY O    O N N 162 
GLY OXT  O N N 163 
GLY H    H N N 164 
GLY H2   H N N 165 
GLY HA2  H N N 166 
GLY HA3  H N N 167 
GLY HXT  H N N 168 
H5A C4   C Y N 169 
H5A C5   C Y N 170 
H5A C6   C Y N 171 
H5A C7   C Y N 172 
H5A C8   C N N 173 
H5A C10  C N N 174 
H5A C1   C N N 175 
H5A O1   O N N 176 
H5A C2   C Y N 177 
H5A C3   C Y N 178 
H5A O2   O N N 179 
H5A O3   O N N 180 
H5A C9   C N N 181 
H5A O4   O N N 182 
H5A O5   O N N 183 
H5A H1   H N N 184 
H5A H2   H N N 185 
H5A H3   H N N 186 
H5A H4   H N N 187 
H5A H5   H N N 188 
H5A H6   H N N 189 
H5A H7   H N N 190 
H5A H8   H N N 191 
H5A H9   H N N 192 
H5A H10  H N N 193 
H5A H11  H N N 194 
H5A H12  H N N 195 
HIS N    N N N 196 
HIS CA   C N S 197 
HIS C    C N N 198 
HIS O    O N N 199 
HIS CB   C N N 200 
HIS CG   C Y N 201 
HIS ND1  N Y N 202 
HIS CD2  C Y N 203 
HIS CE1  C Y N 204 
HIS NE2  N Y N 205 
HIS OXT  O N N 206 
HIS H    H N N 207 
HIS H2   H N N 208 
HIS HA   H N N 209 
HIS HB2  H N N 210 
HIS HB3  H N N 211 
HIS HD1  H N N 212 
HIS HD2  H N N 213 
HIS HE1  H N N 214 
HIS HE2  H N N 215 
HIS HXT  H N N 216 
HOH O    O N N 217 
HOH H1   H N N 218 
HOH H2   H N N 219 
HYP N    N N N 220 
HYP CA   C N S 221 
HYP C    C N N 222 
HYP O    O N N 223 
HYP CB   C N N 224 
HYP CG   C N R 225 
HYP CD   C N N 226 
HYP OD1  O N N 227 
HYP OXT  O N N 228 
HYP H    H N N 229 
HYP HA   H N N 230 
HYP HB2  H N N 231 
HYP HB3  H N N 232 
HYP HG   H N N 233 
HYP HD22 H N N 234 
HYP HD23 H N N 235 
HYP HD1  H N N 236 
HYP HXT  H N N 237 
ILE N    N N N 238 
ILE CA   C N S 239 
ILE C    C N N 240 
ILE O    O N N 241 
ILE CB   C N S 242 
ILE CG1  C N N 243 
ILE CG2  C N N 244 
ILE CD1  C N N 245 
ILE OXT  O N N 246 
ILE H    H N N 247 
ILE H2   H N N 248 
ILE HA   H N N 249 
ILE HB   H N N 250 
ILE HG12 H N N 251 
ILE HG13 H N N 252 
ILE HG21 H N N 253 
ILE HG22 H N N 254 
ILE HG23 H N N 255 
ILE HD11 H N N 256 
ILE HD12 H N N 257 
ILE HD13 H N N 258 
ILE HXT  H N N 259 
LEU N    N N N 260 
LEU CA   C N S 261 
LEU C    C N N 262 
LEU O    O N N 263 
LEU CB   C N N 264 
LEU CG   C N N 265 
LEU CD1  C N N 266 
LEU CD2  C N N 267 
LEU OXT  O N N 268 
LEU H    H N N 269 
LEU H2   H N N 270 
LEU HA   H N N 271 
LEU HB2  H N N 272 
LEU HB3  H N N 273 
LEU HG   H N N 274 
LEU HD11 H N N 275 
LEU HD12 H N N 276 
LEU HD13 H N N 277 
LEU HD21 H N N 278 
LEU HD22 H N N 279 
LEU HD23 H N N 280 
LEU HXT  H N N 281 
LYS N    N N N 282 
LYS CA   C N S 283 
LYS C    C N N 284 
LYS O    O N N 285 
LYS CB   C N N 286 
LYS CG   C N N 287 
LYS CD   C N N 288 
LYS CE   C N N 289 
LYS NZ   N N N 290 
LYS OXT  O N N 291 
LYS H    H N N 292 
LYS H2   H N N 293 
LYS HA   H N N 294 
LYS HB2  H N N 295 
LYS HB3  H N N 296 
LYS HG2  H N N 297 
LYS HG3  H N N 298 
LYS HD2  H N N 299 
LYS HD3  H N N 300 
LYS HE2  H N N 301 
LYS HE3  H N N 302 
LYS HZ1  H N N 303 
LYS HZ2  H N N 304 
LYS HZ3  H N N 305 
LYS HXT  H N N 306 
MET N    N N N 307 
MET CA   C N S 308 
MET C    C N N 309 
MET O    O N N 310 
MET CB   C N N 311 
MET CG   C N N 312 
MET SD   S N N 313 
MET CE   C N N 314 
MET OXT  O N N 315 
MET H    H N N 316 
MET H2   H N N 317 
MET HA   H N N 318 
MET HB2  H N N 319 
MET HB3  H N N 320 
MET HG2  H N N 321 
MET HG3  H N N 322 
MET HE1  H N N 323 
MET HE2  H N N 324 
MET HE3  H N N 325 
MET HXT  H N N 326 
PHE N    N N N 327 
PHE CA   C N S 328 
PHE C    C N N 329 
PHE O    O N N 330 
PHE CB   C N N 331 
PHE CG   C Y N 332 
PHE CD1  C Y N 333 
PHE CD2  C Y N 334 
PHE CE1  C Y N 335 
PHE CE2  C Y N 336 
PHE CZ   C Y N 337 
PHE OXT  O N N 338 
PHE H    H N N 339 
PHE H2   H N N 340 
PHE HA   H N N 341 
PHE HB2  H N N 342 
PHE HB3  H N N 343 
PHE HD1  H N N 344 
PHE HD2  H N N 345 
PHE HE1  H N N 346 
PHE HE2  H N N 347 
PHE HZ   H N N 348 
PHE HXT  H N N 349 
PRO N    N N N 350 
PRO CA   C N S 351 
PRO C    C N N 352 
PRO O    O N N 353 
PRO CB   C N N 354 
PRO CG   C N N 355 
PRO CD   C N N 356 
PRO OXT  O N N 357 
PRO H    H N N 358 
PRO HA   H N N 359 
PRO HB2  H N N 360 
PRO HB3  H N N 361 
PRO HG2  H N N 362 
PRO HG3  H N N 363 
PRO HD2  H N N 364 
PRO HD3  H N N 365 
PRO HXT  H N N 366 
SER N    N N N 367 
SER CA   C N S 368 
SER C    C N N 369 
SER O    O N N 370 
SER CB   C N N 371 
SER OG   O N N 372 
SER OXT  O N N 373 
SER H    H N N 374 
SER H2   H N N 375 
SER HA   H N N 376 
SER HB2  H N N 377 
SER HB3  H N N 378 
SER HG   H N N 379 
SER HXT  H N N 380 
THR N    N N N 381 
THR CA   C N S 382 
THR C    C N N 383 
THR O    O N N 384 
THR CB   C N R 385 
THR OG1  O N N 386 
THR CG2  C N N 387 
THR OXT  O N N 388 
THR H    H N N 389 
THR H2   H N N 390 
THR HA   H N N 391 
THR HB   H N N 392 
THR HG1  H N N 393 
THR HG21 H N N 394 
THR HG22 H N N 395 
THR HG23 H N N 396 
THR HXT  H N N 397 
TYR N    N N N 398 
TYR CA   C N S 399 
TYR C    C N N 400 
TYR O    O N N 401 
TYR CB   C N N 402 
TYR CG   C Y N 403 
TYR CD1  C Y N 404 
TYR CD2  C Y N 405 
TYR CE1  C Y N 406 
TYR CE2  C Y N 407 
TYR CZ   C Y N 408 
TYR OH   O N N 409 
TYR OXT  O N N 410 
TYR H    H N N 411 
TYR H2   H N N 412 
TYR HA   H N N 413 
TYR HB2  H N N 414 
TYR HB3  H N N 415 
TYR HD1  H N N 416 
TYR HD2  H N N 417 
TYR HE1  H N N 418 
TYR HE2  H N N 419 
TYR HH   H N N 420 
TYR HXT  H N N 421 
VAL N    N N N 422 
VAL CA   C N S 423 
VAL C    C N N 424 
VAL O    O N N 425 
VAL CB   C N N 426 
VAL CG1  C N N 427 
VAL CG2  C N N 428 
VAL OXT  O N N 429 
VAL H    H N N 430 
VAL H2   H N N 431 
VAL HA   H N N 432 
VAL HB   H N N 433 
VAL HG11 H N N 434 
VAL HG12 H N N 435 
VAL HG13 H N N 436 
VAL HG21 H N N 437 
VAL HG22 H N N 438 
VAL HG23 H N N 439 
VAL HXT  H N N 440 
# 
loop_
_chem_comp_bond.comp_id 
_chem_comp_bond.atom_id_1 
_chem_comp_bond.atom_id_2 
_chem_comp_bond.value_order 
_chem_comp_bond.pdbx_aromatic_flag 
_chem_comp_bond.pdbx_stereo_config 
_chem_comp_bond.pdbx_ordinal 
ACT C   O    doub N N 1   
ACT C   OXT  sing N N 2   
ACT C   CH3  sing N N 3   
ACT CH3 H1   sing N N 4   
ACT CH3 H2   sing N N 5   
ACT CH3 H3   sing N N 6   
ALA N   CA   sing N N 7   
ALA N   H    sing N N 8   
ALA N   H2   sing N N 9   
ALA CA  C    sing N N 10  
ALA CA  CB   sing N N 11  
ALA CA  HA   sing N N 12  
ALA C   O    doub N N 13  
ALA C   OXT  sing N N 14  
ALA CB  HB1  sing N N 15  
ALA CB  HB2  sing N N 16  
ALA CB  HB3  sing N N 17  
ALA OXT HXT  sing N N 18  
ARG N   CA   sing N N 19  
ARG N   H    sing N N 20  
ARG N   H2   sing N N 21  
ARG CA  C    sing N N 22  
ARG CA  CB   sing N N 23  
ARG CA  HA   sing N N 24  
ARG C   O    doub N N 25  
ARG C   OXT  sing N N 26  
ARG CB  CG   sing N N 27  
ARG CB  HB2  sing N N 28  
ARG CB  HB3  sing N N 29  
ARG CG  CD   sing N N 30  
ARG CG  HG2  sing N N 31  
ARG CG  HG3  sing N N 32  
ARG CD  NE   sing N N 33  
ARG CD  HD2  sing N N 34  
ARG CD  HD3  sing N N 35  
ARG NE  CZ   sing N N 36  
ARG NE  HE   sing N N 37  
ARG CZ  NH1  sing N N 38  
ARG CZ  NH2  doub N N 39  
ARG NH1 HH11 sing N N 40  
ARG NH1 HH12 sing N N 41  
ARG NH2 HH21 sing N N 42  
ARG NH2 HH22 sing N N 43  
ARG OXT HXT  sing N N 44  
ASN N   CA   sing N N 45  
ASN N   H    sing N N 46  
ASN N   H2   sing N N 47  
ASN CA  C    sing N N 48  
ASN CA  CB   sing N N 49  
ASN CA  HA   sing N N 50  
ASN C   O    doub N N 51  
ASN C   OXT  sing N N 52  
ASN CB  CG   sing N N 53  
ASN CB  HB2  sing N N 54  
ASN CB  HB3  sing N N 55  
ASN CG  OD1  doub N N 56  
ASN CG  ND2  sing N N 57  
ASN ND2 HD21 sing N N 58  
ASN ND2 HD22 sing N N 59  
ASN OXT HXT  sing N N 60  
ASP N   CA   sing N N 61  
ASP N   H    sing N N 62  
ASP N   H2   sing N N 63  
ASP CA  C    sing N N 64  
ASP CA  CB   sing N N 65  
ASP CA  HA   sing N N 66  
ASP C   O    doub N N 67  
ASP C   OXT  sing N N 68  
ASP CB  CG   sing N N 69  
ASP CB  HB2  sing N N 70  
ASP CB  HB3  sing N N 71  
ASP CG  OD1  doub N N 72  
ASP CG  OD2  sing N N 73  
ASP OD2 HD2  sing N N 74  
ASP OXT HXT  sing N N 75  
CSO N   CA   sing N N 76  
CSO N   H    sing N N 77  
CSO N   H2   sing N N 78  
CSO CA  CB   sing N N 79  
CSO CA  C    sing N N 80  
CSO CA  HA   sing N N 81  
CSO CB  SG   sing N N 82  
CSO CB  HB2  sing N N 83  
CSO CB  HB3  sing N N 84  
CSO SG  OD   sing N N 85  
CSO C   O    doub N N 86  
CSO C   OXT  sing N N 87  
CSO OXT HXT  sing N N 88  
CSO OD  HD   sing N N 89  
CYS N   CA   sing N N 90  
CYS N   H    sing N N 91  
CYS N   H2   sing N N 92  
CYS CA  C    sing N N 93  
CYS CA  CB   sing N N 94  
CYS CA  HA   sing N N 95  
CYS C   O    doub N N 96  
CYS C   OXT  sing N N 97  
CYS CB  SG   sing N N 98  
CYS CB  HB2  sing N N 99  
CYS CB  HB3  sing N N 100 
CYS SG  HG   sing N N 101 
CYS OXT HXT  sing N N 102 
DMS S   O    doub N N 103 
DMS S   C1   sing N N 104 
DMS S   C2   sing N N 105 
DMS C1  H11  sing N N 106 
DMS C1  H12  sing N N 107 
DMS C1  H13  sing N N 108 
DMS C2  H21  sing N N 109 
DMS C2  H22  sing N N 110 
DMS C2  H23  sing N N 111 
GLN N   CA   sing N N 112 
GLN N   H    sing N N 113 
GLN N   H2   sing N N 114 
GLN CA  C    sing N N 115 
GLN CA  CB   sing N N 116 
GLN CA  HA   sing N N 117 
GLN C   O    doub N N 118 
GLN C   OXT  sing N N 119 
GLN CB  CG   sing N N 120 
GLN CB  HB2  sing N N 121 
GLN CB  HB3  sing N N 122 
GLN CG  CD   sing N N 123 
GLN CG  HG2  sing N N 124 
GLN CG  HG3  sing N N 125 
GLN CD  OE1  doub N N 126 
GLN CD  NE2  sing N N 127 
GLN NE2 HE21 sing N N 128 
GLN NE2 HE22 sing N N 129 
GLN OXT HXT  sing N N 130 
GLU N   CA   sing N N 131 
GLU N   H    sing N N 132 
GLU N   H2   sing N N 133 
GLU CA  C    sing N N 134 
GLU CA  CB   sing N N 135 
GLU CA  HA   sing N N 136 
GLU C   O    doub N N 137 
GLU C   OXT  sing N N 138 
GLU CB  CG   sing N N 139 
GLU CB  HB2  sing N N 140 
GLU CB  HB3  sing N N 141 
GLU CG  CD   sing N N 142 
GLU CG  HG2  sing N N 143 
GLU CG  HG3  sing N N 144 
GLU CD  OE1  doub N N 145 
GLU CD  OE2  sing N N 146 
GLU OE2 HE2  sing N N 147 
GLU OXT HXT  sing N N 148 
GLY N   CA   sing N N 149 
GLY N   H    sing N N 150 
GLY N   H2   sing N N 151 
GLY CA  C    sing N N 152 
GLY CA  HA2  sing N N 153 
GLY CA  HA3  sing N N 154 
GLY C   O    doub N N 155 
GLY C   OXT  sing N N 156 
GLY OXT HXT  sing N N 157 
H5A C8  O2   sing N N 158 
H5A O2  C7   sing N N 159 
H5A O1  C1   sing N N 160 
H5A O1  C2   sing N N 161 
H5A O3  C9   sing N N 162 
H5A O3  C6   sing N N 163 
H5A C7  C2   doub Y N 164 
H5A C7  C6   sing Y N 165 
H5A C2  C3   sing Y N 166 
H5A C6  C5   doub Y N 167 
H5A C5  C4   sing Y N 168 
H5A C3  C4   doub Y N 169 
H5A C4  C10  sing N N 170 
H5A C10 O4   doub N N 171 
H5A C10 O5   sing N N 172 
H5A C5  H1   sing N N 173 
H5A C8  H2   sing N N 174 
H5A C8  H3   sing N N 175 
H5A C8  H4   sing N N 176 
H5A C1  H5   sing N N 177 
H5A C1  H6   sing N N 178 
H5A C1  H7   sing N N 179 
H5A C3  H8   sing N N 180 
H5A C9  H9   sing N N 181 
H5A C9  H10  sing N N 182 
H5A C9  H11  sing N N 183 
H5A O5  H12  sing N N 184 
HIS N   CA   sing N N 185 
HIS N   H    sing N N 186 
HIS N   H2   sing N N 187 
HIS CA  C    sing N N 188 
HIS CA  CB   sing N N 189 
HIS CA  HA   sing N N 190 
HIS C   O    doub N N 191 
HIS C   OXT  sing N N 192 
HIS CB  CG   sing N N 193 
HIS CB  HB2  sing N N 194 
HIS CB  HB3  sing N N 195 
HIS CG  ND1  sing Y N 196 
HIS CG  CD2  doub Y N 197 
HIS ND1 CE1  doub Y N 198 
HIS ND1 HD1  sing N N 199 
HIS CD2 NE2  sing Y N 200 
HIS CD2 HD2  sing N N 201 
HIS CE1 NE2  sing Y N 202 
HIS CE1 HE1  sing N N 203 
HIS NE2 HE2  sing N N 204 
HIS OXT HXT  sing N N 205 
HOH O   H1   sing N N 206 
HOH O   H2   sing N N 207 
HYP N   CA   sing N N 208 
HYP N   CD   sing N N 209 
HYP N   H    sing N N 210 
HYP CA  C    sing N N 211 
HYP CA  CB   sing N N 212 
HYP CA  HA   sing N N 213 
HYP C   O    doub N N 214 
HYP C   OXT  sing N N 215 
HYP CB  CG   sing N N 216 
HYP CB  HB2  sing N N 217 
HYP CB  HB3  sing N N 218 
HYP CG  CD   sing N N 219 
HYP CG  OD1  sing N N 220 
HYP CG  HG   sing N N 221 
HYP CD  HD22 sing N N 222 
HYP CD  HD23 sing N N 223 
HYP OD1 HD1  sing N N 224 
HYP OXT HXT  sing N N 225 
ILE N   CA   sing N N 226 
ILE N   H    sing N N 227 
ILE N   H2   sing N N 228 
ILE CA  C    sing N N 229 
ILE CA  CB   sing N N 230 
ILE CA  HA   sing N N 231 
ILE C   O    doub N N 232 
ILE C   OXT  sing N N 233 
ILE CB  CG1  sing N N 234 
ILE CB  CG2  sing N N 235 
ILE CB  HB   sing N N 236 
ILE CG1 CD1  sing N N 237 
ILE CG1 HG12 sing N N 238 
ILE CG1 HG13 sing N N 239 
ILE CG2 HG21 sing N N 240 
ILE CG2 HG22 sing N N 241 
ILE CG2 HG23 sing N N 242 
ILE CD1 HD11 sing N N 243 
ILE CD1 HD12 sing N N 244 
ILE CD1 HD13 sing N N 245 
ILE OXT HXT  sing N N 246 
LEU N   CA   sing N N 247 
LEU N   H    sing N N 248 
LEU N   H2   sing N N 249 
LEU CA  C    sing N N 250 
LEU CA  CB   sing N N 251 
LEU CA  HA   sing N N 252 
LEU C   O    doub N N 253 
LEU C   OXT  sing N N 254 
LEU CB  CG   sing N N 255 
LEU CB  HB2  sing N N 256 
LEU CB  HB3  sing N N 257 
LEU CG  CD1  sing N N 258 
LEU CG  CD2  sing N N 259 
LEU CG  HG   sing N N 260 
LEU CD1 HD11 sing N N 261 
LEU CD1 HD12 sing N N 262 
LEU CD1 HD13 sing N N 263 
LEU CD2 HD21 sing N N 264 
LEU CD2 HD22 sing N N 265 
LEU CD2 HD23 sing N N 266 
LEU OXT HXT  sing N N 267 
LYS N   CA   sing N N 268 
LYS N   H    sing N N 269 
LYS N   H2   sing N N 270 
LYS CA  C    sing N N 271 
LYS CA  CB   sing N N 272 
LYS CA  HA   sing N N 273 
LYS C   O    doub N N 274 
LYS C   OXT  sing N N 275 
LYS CB  CG   sing N N 276 
LYS CB  HB2  sing N N 277 
LYS CB  HB3  sing N N 278 
LYS CG  CD   sing N N 279 
LYS CG  HG2  sing N N 280 
LYS CG  HG3  sing N N 281 
LYS CD  CE   sing N N 282 
LYS CD  HD2  sing N N 283 
LYS CD  HD3  sing N N 284 
LYS CE  NZ   sing N N 285 
LYS CE  HE2  sing N N 286 
LYS CE  HE3  sing N N 287 
LYS NZ  HZ1  sing N N 288 
LYS NZ  HZ2  sing N N 289 
LYS NZ  HZ3  sing N N 290 
LYS OXT HXT  sing N N 291 
MET N   CA   sing N N 292 
MET N   H    sing N N 293 
MET N   H2   sing N N 294 
MET CA  C    sing N N 295 
MET CA  CB   sing N N 296 
MET CA  HA   sing N N 297 
MET C   O    doub N N 298 
MET C   OXT  sing N N 299 
MET CB  CG   sing N N 300 
MET CB  HB2  sing N N 301 
MET CB  HB3  sing N N 302 
MET CG  SD   sing N N 303 
MET CG  HG2  sing N N 304 
MET CG  HG3  sing N N 305 
MET SD  CE   sing N N 306 
MET CE  HE1  sing N N 307 
MET CE  HE2  sing N N 308 
MET CE  HE3  sing N N 309 
MET OXT HXT  sing N N 310 
PHE N   CA   sing N N 311 
PHE N   H    sing N N 312 
PHE N   H2   sing N N 313 
PHE CA  C    sing N N 314 
PHE CA  CB   sing N N 315 
PHE CA  HA   sing N N 316 
PHE C   O    doub N N 317 
PHE C   OXT  sing N N 318 
PHE CB  CG   sing N N 319 
PHE CB  HB2  sing N N 320 
PHE CB  HB3  sing N N 321 
PHE CG  CD1  doub Y N 322 
PHE CG  CD2  sing Y N 323 
PHE CD1 CE1  sing Y N 324 
PHE CD1 HD1  sing N N 325 
PHE CD2 CE2  doub Y N 326 
PHE CD2 HD2  sing N N 327 
PHE CE1 CZ   doub Y N 328 
PHE CE1 HE1  sing N N 329 
PHE CE2 CZ   sing Y N 330 
PHE CE2 HE2  sing N N 331 
PHE CZ  HZ   sing N N 332 
PHE OXT HXT  sing N N 333 
PRO N   CA   sing N N 334 
PRO N   CD   sing N N 335 
PRO N   H    sing N N 336 
PRO CA  C    sing N N 337 
PRO CA  CB   sing N N 338 
PRO CA  HA   sing N N 339 
PRO C   O    doub N N 340 
PRO C   OXT  sing N N 341 
PRO CB  CG   sing N N 342 
PRO CB  HB2  sing N N 343 
PRO CB  HB3  sing N N 344 
PRO CG  CD   sing N N 345 
PRO CG  HG2  sing N N 346 
PRO CG  HG3  sing N N 347 
PRO CD  HD2  sing N N 348 
PRO CD  HD3  sing N N 349 
PRO OXT HXT  sing N N 350 
SER N   CA   sing N N 351 
SER N   H    sing N N 352 
SER N   H2   sing N N 353 
SER CA  C    sing N N 354 
SER CA  CB   sing N N 355 
SER CA  HA   sing N N 356 
SER C   O    doub N N 357 
SER C   OXT  sing N N 358 
SER CB  OG   sing N N 359 
SER CB  HB2  sing N N 360 
SER CB  HB3  sing N N 361 
SER OG  HG   sing N N 362 
SER OXT HXT  sing N N 363 
THR N   CA   sing N N 364 
THR N   H    sing N N 365 
THR N   H2   sing N N 366 
THR CA  C    sing N N 367 
THR CA  CB   sing N N 368 
THR CA  HA   sing N N 369 
THR C   O    doub N N 370 
THR C   OXT  sing N N 371 
THR CB  OG1  sing N N 372 
THR CB  CG2  sing N N 373 
THR CB  HB   sing N N 374 
THR OG1 HG1  sing N N 375 
THR CG2 HG21 sing N N 376 
THR CG2 HG22 sing N N 377 
THR CG2 HG23 sing N N 378 
THR OXT HXT  sing N N 379 
TYR N   CA   sing N N 380 
TYR N   H    sing N N 381 
TYR N   H2   sing N N 382 
TYR CA  C    sing N N 383 
TYR CA  CB   sing N N 384 
TYR CA  HA   sing N N 385 
TYR C   O    doub N N 386 
TYR C   OXT  sing N N 387 
TYR CB  CG   sing N N 388 
TYR CB  HB2  sing N N 389 
TYR CB  HB3  sing N N 390 
TYR CG  CD1  doub Y N 391 
TYR CG  CD2  sing Y N 392 
TYR CD1 CE1  sing Y N 393 
TYR CD1 HD1  sing N N 394 
TYR CD2 CE2  doub Y N 395 
TYR CD2 HD2  sing N N 396 
TYR CE1 CZ   doub Y N 397 
TYR CE1 HE1  sing N N 398 
TYR CE2 CZ   sing Y N 399 
TYR CE2 HE2  sing N N 400 
TYR CZ  OH   sing N N 401 
TYR OH  HH   sing N N 402 
TYR OXT HXT  sing N N 403 
VAL N   CA   sing N N 404 
VAL N   H    sing N N 405 
VAL N   H2   sing N N 406 
VAL CA  C    sing N N 407 
VAL CA  CB   sing N N 408 
VAL CA  HA   sing N N 409 
VAL C   O    doub N N 410 
VAL C   OXT  sing N N 411 
VAL CB  CG1  sing N N 412 
VAL CB  CG2  sing N N 413 
VAL CB  HB   sing N N 414 
VAL CG1 HG11 sing N N 415 
VAL CG1 HG12 sing N N 416 
VAL CG1 HG13 sing N N 417 
VAL CG2 HG21 sing N N 418 
VAL CG2 HG22 sing N N 419 
VAL CG2 HG23 sing N N 420 
VAL OXT HXT  sing N N 421 
# 
_pdbx_deposit_group.group_id            G_1002045 
_pdbx_deposit_group.group_description   
;human NUDT7 screened against the 3D-Fragment Consortium Library by X-ray Crystallography at the XChem facility of Diamond Light Source beamline I04-1
;
_pdbx_deposit_group.group_title         'PanDDA analysis group deposition of models with modelled events (e.g. bound ligands)' 
_pdbx_deposit_group.group_type          'changed state' 
# 
loop_
_pdbx_entity_nonpoly.entity_id 
_pdbx_entity_nonpoly.name 
_pdbx_entity_nonpoly.comp_id 
2 'ACETATE ION'                  ACT 
3 'DIMETHYL SULFOXIDE'           DMS 
4 '3,4,5-trimethoxybenzoic acid' H5A 
5 water                          HOH 
# 
_pdbx_related_exp_data_set.ordinal              1 
_pdbx_related_exp_data_set.data_reference       10.5281/zenodo.1244111 
_pdbx_related_exp_data_set.metadata_reference   10.5281/zenodo.1244111 
_pdbx_related_exp_data_set.data_set_type        'other data' 
_pdbx_related_exp_data_set.details              'Complete PanDDA analysis' 
# 
